data_6GIO
#
_entry.id   6GIO
#
_cell.length_a   64.600
_cell.length_b   134.980
_cell.length_c   88.770
_cell.angle_alpha   90.00
_cell.angle_beta   90.25
_cell.angle_gamma   90.00
#
_symmetry.space_group_name_H-M   'P 1 21 1'
#
loop_
_entity.id
_entity.type
_entity.pdbx_description
1 polymer 'Amino acid amide racemase'
2 non-polymer "PYRIDOXAL-5'-PHOSPHATE"
3 non-polymer 1,2-ETHANEDIOL
4 water water
#
_entity_poly.entity_id   1
_entity_poly.type   'polypeptide(L)'
_entity_poly.pdbx_seq_one_letter_code
;MQTPLSLRERDARVIAEIGRLRFSPLSLIGGKGNRLIEEGGRSILDLSGSAGPAALGYGHPAIVEAVEKSVRDMAGASLL
LYPNEAAVSLAEDLLRITPGNGERRVWFGHSGSDANDCAVRVLTAATKRSRIISFIGSYHGNLTGSMGISGHTAMTHTLP
RPGVLLLPYPDPFRPRFSAEAVLELLDYHFATSCPPEQVAAVFIEPILSDGGLVVPPPAFLEALQDRCRKHGILVVVDEV
KVGLGRTGLMHCFQHEGLEPDMVVFGKGLGGGLPLSAVVGPQWVMDHAPAFVLQTTAGNPVATAAGRAVLNTIERQGLAQ
RSERVGGIFADRLRRLSDKHSIIGDVRGRGLAIGVDLVSDRGSREPAPVTTTAKIIYRGYQLGAAFTYVGLNANVLEFMP
PLTLTEPEIDEAADIVDQAIGDVLDGKVADSDVAHFMMW
;
_entity_poly.pdbx_strand_id   D,A,B,C
#
loop_
_chem_comp.id
_chem_comp.type
_chem_comp.name
_chem_comp.formula
EDO non-polymer 1,2-ETHANEDIOL 'C2 H6 O2'
PLP non-polymer PYRIDOXAL-5'-PHOSPHATE 'C8 H10 N O6 P'
#
# COMPACT_ATOMS: atom_id res chain seq x y z
N LEU A 5 4.72 4.69 45.34
CA LEU A 5 4.62 5.94 46.20
C LEU A 5 5.23 7.20 45.53
N SER A 6 6.44 7.15 44.98
CA SER A 6 6.98 8.35 44.28
C SER A 6 6.23 8.57 42.97
N LEU A 7 6.09 9.81 42.49
CA LEU A 7 5.39 10.07 41.22
C LEU A 7 6.04 9.23 40.11
N ARG A 8 7.37 9.17 40.12
CA ARG A 8 8.09 8.47 39.10
C ARG A 8 7.76 6.97 39.16
N GLU A 9 7.68 6.42 40.37
CA GLU A 9 7.32 4.98 40.50
C GLU A 9 5.86 4.72 40.08
N ARG A 10 4.98 5.68 40.38
CA ARG A 10 3.54 5.55 40.00
C ARG A 10 3.46 5.52 38.47
N ASP A 11 4.19 6.45 37.82
CA ASP A 11 4.25 6.54 36.35
C ASP A 11 4.66 5.22 35.72
N ALA A 12 5.74 4.64 36.25
CA ALA A 12 6.21 3.32 35.85
C ALA A 12 5.13 2.25 35.88
N ARG A 13 4.18 2.38 36.78
CA ARG A 13 3.15 1.34 37.00
C ARG A 13 1.89 1.56 36.17
N VAL A 14 1.64 2.77 35.66
CA VAL A 14 0.40 2.99 34.92
C VAL A 14 0.55 3.60 33.53
N ILE A 15 1.66 4.27 33.27
CA ILE A 15 1.88 4.87 31.98
C ILE A 15 2.50 3.90 30.98
N ALA A 16 1.99 3.95 29.75
CA ALA A 16 2.46 3.03 28.70
C ALA A 16 3.81 3.45 28.19
N GLU A 17 4.70 2.48 28.00
CA GLU A 17 6.02 2.77 27.44
C GLU A 17 5.97 3.40 26.05
N ILE A 18 4.99 3.03 25.23
CA ILE A 18 4.87 3.57 23.88
C ILE A 18 4.77 5.11 23.87
N GLY A 19 4.33 5.72 24.96
CA GLY A 19 4.26 7.17 25.02
C GLY A 19 5.38 7.89 25.75
N ARG A 20 6.42 7.16 26.14
CA ARG A 20 7.60 7.72 26.82
C ARG A 20 8.79 8.08 25.92
N LEU A 21 9.38 9.25 26.20
CA LEU A 21 10.68 9.65 25.67
C LEU A 21 11.39 10.40 26.77
N ARG A 22 11.82 9.62 27.77
CA ARG A 22 12.22 10.20 29.04
C ARG A 22 13.74 10.31 29.07
N PHE A 23 14.26 11.49 29.36
CA PHE A 23 15.69 11.72 29.37
C PHE A 23 16.29 11.68 30.80
N SER A 24 15.45 11.87 31.81
CA SER A 24 15.91 11.92 33.19
C SER A 24 14.74 11.51 34.06
N PRO A 25 14.97 11.36 35.37
CA PRO A 25 13.93 11.00 36.35
C PRO A 25 12.96 12.11 36.69
N LEU A 26 13.18 13.29 36.17
CA LEU A 26 12.33 14.45 36.51
C LEU A 26 10.83 14.13 36.39
N SER A 27 10.12 14.28 37.50
CA SER A 27 8.69 14.02 37.64
C SER A 27 8.12 15.26 38.30
N LEU A 28 7.04 15.79 37.76
CA LEU A 28 6.63 17.19 37.99
C LEU A 28 5.29 17.32 38.76
N ILE A 29 5.23 18.31 39.65
CA ILE A 29 4.00 18.67 40.37
C ILE A 29 3.61 20.14 40.10
N GLY A 30 4.45 20.92 39.45
CA GLY A 30 4.03 22.32 39.13
C GLY A 30 5.03 23.03 38.29
N GLY A 31 4.79 24.32 38.08
CA GLY A 31 5.73 25.14 37.34
C GLY A 31 5.45 26.58 37.59
N LYS A 32 6.46 27.42 37.36
CA LYS A 32 6.33 28.86 37.50
C LYS A 32 7.41 29.56 36.69
N GLY A 33 6.99 30.43 35.77
CA GLY A 33 7.92 31.13 34.92
C GLY A 33 8.68 30.13 34.08
N ASN A 34 10.01 30.21 34.10
CA ASN A 34 10.85 29.33 33.32
C ASN A 34 11.35 28.17 34.18
N ARG A 35 10.70 27.91 35.31
CA ARG A 35 11.15 26.78 36.18
C ARG A 35 10.05 25.73 36.32
N LEU A 36 10.45 24.49 36.54
CA LEU A 36 9.53 23.42 36.75
C LEU A 36 9.78 22.85 38.15
N ILE A 37 8.70 22.45 38.84
CA ILE A 37 8.79 21.98 40.21
C ILE A 37 8.73 20.45 40.22
N GLU A 38 9.83 19.82 40.59
CA GLU A 38 9.89 18.39 40.77
C GLU A 38 9.06 17.99 42.02
N GLU A 39 8.52 16.78 42.05
CA GLU A 39 7.99 16.25 43.29
C GLU A 39 9.05 16.35 44.39
N GLY A 40 8.63 16.76 45.56
CA GLY A 40 9.57 17.08 46.63
C GLY A 40 9.84 18.56 46.76
N GLY A 41 9.53 19.36 45.71
CA GLY A 41 9.71 20.83 45.76
C GLY A 41 10.95 21.41 45.09
N ARG A 42 11.92 20.60 44.68
CA ARG A 42 13.09 21.16 43.96
C ARG A 42 12.72 21.93 42.63
N SER A 43 13.21 23.16 42.49
CA SER A 43 12.93 24.01 41.36
C SER A 43 13.99 23.86 40.24
N ILE A 44 13.61 23.33 39.10
CA ILE A 44 14.52 23.05 38.00
C ILE A 44 14.37 24.14 36.93
N LEU A 45 15.49 24.62 36.40
CA LEU A 45 15.45 25.56 35.30
C LEU A 45 15.12 24.82 34.00
N ASP A 46 14.09 25.27 33.30
CA ASP A 46 13.66 24.55 32.12
C ASP A 46 14.24 25.10 30.84
N LEU A 47 15.25 24.40 30.35
CA LEU A 47 15.84 24.72 29.08
C LEU A 47 15.17 23.91 27.94
N SER A 48 14.21 23.05 28.28
CA SER A 48 13.50 22.25 27.29
C SER A 48 12.24 22.88 26.68
N GLY A 49 11.62 23.83 27.38
CA GLY A 49 10.29 24.33 27.04
C GLY A 49 9.27 23.23 26.84
N SER A 50 9.51 22.09 27.49
CA SER A 50 8.72 20.84 27.30
C SER A 50 8.74 20.36 25.82
N ALA A 51 9.88 20.58 25.17
CA ALA A 51 10.11 20.43 23.69
C ALA A 51 9.55 21.48 22.77
N GLY A 52 9.08 22.62 23.29
CA GLY A 52 8.57 23.68 22.43
C GLY A 52 7.23 24.29 22.84
N PRO A 53 6.27 23.48 23.34
CA PRO A 53 4.97 23.98 23.79
C PRO A 53 5.04 25.19 24.72
N ALA A 54 5.90 25.13 25.74
CA ALA A 54 5.98 26.21 26.77
C ALA A 54 6.68 27.46 26.29
N ALA A 55 6.16 28.06 25.23
CA ALA A 55 6.72 29.28 24.67
C ALA A 55 6.88 30.42 25.67
N LEU A 56 5.89 30.59 26.54
CA LEU A 56 5.89 31.63 27.53
C LEU A 56 6.16 31.11 28.96
N GLY A 57 6.77 29.94 29.09
CA GLY A 57 6.98 29.40 30.42
C GLY A 57 5.67 28.87 30.99
N TYR A 58 5.61 28.78 32.31
CA TYR A 58 4.54 28.05 32.98
C TYR A 58 3.83 29.03 33.91
N GLY A 59 2.50 29.00 33.93
CA GLY A 59 1.76 29.94 34.74
C GLY A 59 1.86 31.38 34.19
N HIS A 60 2.08 31.52 32.90
CA HIS A 60 2.24 32.88 32.34
C HIS A 60 0.88 33.60 32.38
N PRO A 61 0.84 34.83 32.91
CA PRO A 61 -0.44 35.48 33.10
C PRO A 61 -1.35 35.61 31.88
N ALA A 62 -0.78 35.89 30.72
CA ALA A 62 -1.59 36.07 29.50
C ALA A 62 -2.30 34.77 29.09
N ILE A 63 -1.58 33.65 29.19
CA ILE A 63 -2.17 32.33 28.92
C ILE A 63 -3.17 31.97 30.02
N VAL A 64 -2.82 32.20 31.28
CA VAL A 64 -3.72 31.91 32.39
C VAL A 64 -5.04 32.69 32.24
N GLU A 65 -4.95 34.00 32.00
CA GLU A 65 -6.20 34.78 31.85
C GLU A 65 -7.07 34.26 30.71
N ALA A 66 -6.45 33.98 29.57
CA ALA A 66 -7.17 33.51 28.38
C ALA A 66 -7.85 32.20 28.64
N VAL A 67 -7.16 31.29 29.33
CA VAL A 67 -7.69 29.96 29.60
C VAL A 67 -8.80 30.01 30.68
N GLU A 68 -8.58 30.83 31.70
CA GLU A 68 -9.60 31.10 32.75
C GLU A 68 -10.91 31.62 32.15
N LYS A 69 -10.82 32.70 31.37
CA LYS A 69 -11.98 33.34 30.78
C LYS A 69 -12.74 32.34 29.93
N SER A 70 -12.03 31.55 29.11
CA SER A 70 -12.71 30.67 28.19
C SER A 70 -13.37 29.46 28.91
N VAL A 71 -12.68 28.78 29.82
CA VAL A 71 -13.26 27.59 30.44
C VAL A 71 -14.49 27.91 31.34
N ARG A 72 -14.58 29.14 31.84
CA ARG A 72 -15.68 29.58 32.67
C ARG A 72 -16.90 29.97 31.84
N ASP A 73 -16.66 30.48 30.65
CA ASP A 73 -17.72 30.87 29.68
C ASP A 73 -17.37 30.19 28.34
N MET A 74 -17.66 28.88 28.24
CA MET A 74 -17.10 28.04 27.17
C MET A 74 -18.01 28.08 25.95
N ALA A 75 -17.48 28.55 24.83
CA ALA A 75 -18.23 28.77 23.60
C ALA A 75 -18.27 27.45 22.81
N GLY A 76 -18.95 26.48 23.40
CA GLY A 76 -18.95 25.16 22.83
C GLY A 76 -17.59 24.49 22.96
N ALA A 77 -17.49 23.26 22.42
CA ALA A 77 -16.24 22.50 22.43
C ALA A 77 -15.89 21.79 21.09
N SER A 78 -16.40 22.35 19.97
CA SER A 78 -16.21 21.77 18.64
C SER A 78 -16.38 22.82 17.55
N LEU A 79 -15.25 23.25 16.96
CA LEU A 79 -15.27 24.10 15.78
C LEU A 79 -16.00 23.47 14.57
N LEU A 80 -15.88 22.15 14.43
CA LEU A 80 -16.59 21.48 13.35
C LEU A 80 -18.07 21.68 13.38
N LEU A 81 -18.65 21.66 14.59
CA LEU A 81 -20.08 21.92 14.79
C LEU A 81 -20.41 23.41 14.78
N TYR A 82 -19.60 24.21 15.49
CA TYR A 82 -19.95 25.59 15.82
C TYR A 82 -18.74 26.50 15.76
N PRO A 83 -18.78 27.51 14.87
CA PRO A 83 -17.87 28.64 15.01
C PRO A 83 -17.83 29.17 16.44
N ASN A 84 -16.64 29.48 16.96
CA ASN A 84 -16.54 30.21 18.22
C ASN A 84 -15.56 31.34 18.06
N GLU A 85 -15.75 32.39 18.87
CA GLU A 85 -15.06 33.68 18.74
C GLU A 85 -13.52 33.55 18.86
N ALA A 86 -13.06 32.69 19.77
CA ALA A 86 -11.65 32.50 19.98
C ALA A 86 -10.98 31.87 18.75
N ALA A 87 -11.49 30.73 18.29
CA ALA A 87 -10.92 30.05 17.12
C ALA A 87 -11.00 30.91 15.83
N VAL A 88 -12.13 31.58 15.59
CA VAL A 88 -12.19 32.46 14.42
C VAL A 88 -11.20 33.63 14.57
N SER A 89 -11.09 34.23 15.74
CA SER A 89 -10.14 35.34 15.90
C SER A 89 -8.69 34.87 15.80
N LEU A 90 -8.39 33.66 16.32
CA LEU A 90 -7.06 33.08 16.16
C LEU A 90 -6.71 32.86 14.71
N ALA A 91 -7.66 32.31 13.92
CA ALA A 91 -7.42 32.13 12.49
C ALA A 91 -7.13 33.48 11.79
N GLU A 92 -7.93 34.49 12.17
CA GLU A 92 -7.69 35.88 11.68
C GLU A 92 -6.28 36.33 12.04
N ASP A 93 -5.86 36.00 13.27
CA ASP A 93 -4.53 36.36 13.77
C ASP A 93 -3.44 35.71 12.93
N LEU A 94 -3.59 34.41 12.69
CA LEU A 94 -2.58 33.64 11.97
C LEU A 94 -2.44 34.11 10.50
N LEU A 95 -3.56 34.42 9.86
CA LEU A 95 -3.54 34.99 8.50
C LEU A 95 -2.87 36.34 8.49
N ARG A 96 -3.20 37.17 9.48
CA ARG A 96 -2.55 38.50 9.66
C ARG A 96 -1.03 38.41 9.86
N ILE A 97 -0.51 37.49 10.69
CA ILE A 97 0.95 37.46 10.94
C ILE A 97 1.74 36.59 9.97
N THR A 98 1.04 35.89 9.07
CA THR A 98 1.74 35.03 8.14
C THR A 98 1.59 35.64 6.74
N PRO A 99 2.71 36.04 6.13
CA PRO A 99 2.57 36.60 4.79
C PRO A 99 2.13 35.55 3.80
N GLY A 100 1.42 36.00 2.79
CA GLY A 100 0.92 35.11 1.74
C GLY A 100 -0.01 35.86 0.81
N ASN A 101 -0.29 35.30 -0.35
CA ASN A 101 -1.21 35.99 -1.30
C ASN A 101 -2.41 35.09 -1.62
N GLY A 102 -3.44 35.72 -2.16
CA GLY A 102 -4.70 35.05 -2.54
C GLY A 102 -5.57 34.72 -1.33
N GLU A 103 -6.60 33.95 -1.57
CA GLU A 103 -7.52 33.52 -0.51
C GLU A 103 -6.82 32.36 0.20
N ARG A 104 -6.79 32.42 1.51
CA ARG A 104 -6.19 31.33 2.32
C ARG A 104 -7.16 30.99 3.45
N ARG A 105 -7.05 29.78 3.99
CA ARG A 105 -7.86 29.41 5.12
C ARG A 105 -7.02 28.59 6.11
N VAL A 106 -7.63 28.40 7.28
CA VAL A 106 -6.98 27.83 8.43
C VAL A 106 -7.78 26.64 8.94
N TRP A 107 -7.06 25.57 9.19
CA TRP A 107 -7.61 24.39 9.83
C TRP A 107 -6.93 24.25 11.16
N PHE A 108 -7.68 23.84 12.21
CA PHE A 108 -7.08 23.64 13.51
C PHE A 108 -7.06 22.16 13.89
N GLY A 109 -6.05 21.79 14.67
CA GLY A 109 -5.92 20.44 15.22
C GLY A 109 -5.30 20.49 16.59
N HIS A 110 -4.88 19.33 17.09
CA HIS A 110 -4.31 19.18 18.42
C HIS A 110 -2.79 19.13 18.47
N SER A 111 -2.12 18.75 17.38
CA SER A 111 -0.71 18.43 17.48
C SER A 111 -0.02 18.64 16.15
N GLY A 112 1.32 18.68 16.17
CA GLY A 112 2.07 18.69 14.93
C GLY A 112 1.77 17.44 14.12
N SER A 113 1.66 16.29 14.79
CA SER A 113 1.37 15.06 14.09
C SER A 113 0.05 15.13 13.30
N ASP A 114 -1.02 15.57 13.94
CA ASP A 114 -2.30 15.56 13.23
C ASP A 114 -2.35 16.68 12.14
N ALA A 115 -1.59 17.75 12.34
CA ALA A 115 -1.62 18.85 11.36
C ALA A 115 -0.90 18.46 10.08
N ASN A 116 0.20 17.73 10.22
CA ASN A 116 0.90 17.18 9.06
C ASN A 116 0.13 16.05 8.41
N ASP A 117 -0.58 15.24 9.20
CA ASP A 117 -1.50 14.20 8.67
C ASP A 117 -2.56 14.91 7.80
N CYS A 118 -3.21 15.92 8.35
CA CYS A 118 -4.14 16.76 7.56
C CYS A 118 -3.48 17.25 6.28
N ALA A 119 -2.26 17.81 6.38
CA ALA A 119 -1.59 18.39 5.23
C ALA A 119 -1.42 17.37 4.11
N VAL A 120 -0.86 16.21 4.48
CA VAL A 120 -0.69 15.11 3.56
C VAL A 120 -2.02 14.65 2.91
N ARG A 121 -3.04 14.47 3.74
CA ARG A 121 -4.38 13.98 3.28
C ARG A 121 -5.01 14.98 2.31
N VAL A 122 -4.97 16.27 2.62
CA VAL A 122 -5.60 17.28 1.76
C VAL A 122 -4.75 17.62 0.54
N LEU A 123 -3.42 17.56 0.64
CA LEU A 123 -2.56 17.86 -0.52
C LEU A 123 -2.67 16.75 -1.55
N THR A 124 -2.56 15.51 -1.11
CA THR A 124 -2.69 14.43 -2.08
C THR A 124 -4.10 14.42 -2.72
N ALA A 125 -5.16 14.82 -2.00
CA ALA A 125 -6.52 14.82 -2.56
C ALA A 125 -6.77 16.02 -3.50
N ALA A 126 -6.24 17.18 -3.16
CA ALA A 126 -6.42 18.37 -4.00
C ALA A 126 -5.60 18.30 -5.30
N THR A 127 -4.56 17.49 -5.28
CA THR A 127 -3.68 17.37 -6.45
C THR A 127 -3.89 16.05 -7.16
N LYS A 128 -4.57 15.13 -6.49
CA LYS A 128 -4.60 13.74 -6.90
C LYS A 128 -3.22 13.20 -7.29
N ARG A 129 -2.16 13.81 -6.75
CA ARG A 129 -0.82 13.28 -6.98
C ARG A 129 -0.42 12.59 -5.66
N SER A 130 0.37 11.56 -5.78
CA SER A 130 0.61 10.73 -4.62
C SER A 130 2.05 10.82 -4.12
N ARG A 131 2.96 11.34 -4.93
CA ARG A 131 4.35 11.46 -4.50
C ARG A 131 4.61 12.71 -3.63
N ILE A 132 5.50 12.52 -2.65
CA ILE A 132 5.86 13.55 -1.68
C ILE A 132 7.38 13.59 -1.56
N ILE A 133 7.93 14.80 -1.55
CA ILE A 133 9.35 15.00 -1.34
C ILE A 133 9.55 15.42 0.13
N SER A 134 10.45 14.73 0.83
CA SER A 134 10.84 15.13 2.17
C SER A 134 12.32 14.78 2.45
N PHE A 135 12.79 15.01 3.69
CA PHE A 135 14.20 14.92 3.97
C PHE A 135 14.54 13.79 4.90
N ILE A 136 15.65 13.13 4.63
CA ILE A 136 16.23 12.16 5.59
C ILE A 136 16.45 12.94 6.89
N GLY A 137 15.91 12.38 7.96
CA GLY A 137 16.01 12.96 9.27
C GLY A 137 14.86 13.84 9.61
N SER A 138 13.97 14.12 8.66
CA SER A 138 12.84 15.00 8.93
C SER A 138 11.90 14.31 9.93
N TYR A 139 11.28 15.09 10.78
CA TYR A 139 10.33 14.55 11.76
C TYR A 139 9.07 15.37 11.60
N HIS A 140 8.05 14.80 10.96
CA HIS A 140 6.81 15.53 10.78
C HIS A 140 5.69 15.03 11.67
N GLY A 141 5.91 13.97 12.45
CA GLY A 141 4.92 13.45 13.35
C GLY A 141 5.03 11.95 13.60
N ASN A 142 4.21 11.47 14.54
CA ASN A 142 4.23 10.05 14.93
C ASN A 142 2.84 9.34 14.79
N LEU A 143 1.92 9.99 14.06
CA LEU A 143 0.67 9.38 13.64
C LEU A 143 0.90 8.81 12.26
N THR A 144 0.04 7.89 11.84
CA THR A 144 0.26 7.15 10.59
C THR A 144 0.54 8.04 9.36
N GLY A 145 -0.30 9.03 9.11
CA GLY A 145 -0.09 9.88 7.93
C GLY A 145 1.18 10.76 7.94
N SER A 146 1.44 11.43 9.06
CA SER A 146 2.63 12.27 9.22
C SER A 146 3.94 11.49 9.43
N MET A 147 3.89 10.35 10.11
CA MET A 147 5.06 9.49 10.21
C MET A 147 5.49 8.99 8.82
N GLY A 148 4.49 8.70 7.99
CA GLY A 148 4.70 8.08 6.68
C GLY A 148 5.54 8.89 5.73
N ILE A 149 5.51 10.23 5.89
CA ILE A 149 6.34 11.14 5.13
C ILE A 149 7.60 11.61 5.86
N SER A 150 7.89 11.03 7.02
CA SER A 150 9.03 11.49 7.84
C SER A 150 10.24 10.65 7.53
N GLY A 151 11.42 11.20 7.72
CA GLY A 151 12.64 10.49 7.37
C GLY A 151 13.53 10.16 8.54
N HIS A 152 13.01 10.26 9.76
CA HIS A 152 13.85 10.19 10.94
C HIS A 152 14.09 8.72 11.32
N THR A 153 15.28 8.44 11.81
CA THR A 153 15.70 7.07 12.17
C THR A 153 14.76 6.42 13.15
N ALA A 154 14.13 7.22 14.00
CA ALA A 154 13.25 6.71 15.05
C ALA A 154 11.96 6.02 14.55
N MET A 155 11.56 6.25 13.29
CA MET A 155 10.32 5.61 12.76
C MET A 155 10.60 4.54 11.70
N THR A 156 11.84 4.05 11.67
CA THR A 156 12.24 3.02 10.70
C THR A 156 11.75 1.61 11.06
N HIS A 157 10.93 1.49 12.11
CA HIS A 157 10.17 0.21 12.38
C HIS A 157 9.02 0.04 11.39
N THR A 158 8.69 1.12 10.68
CA THR A 158 7.54 1.16 9.77
C THR A 158 7.98 1.75 8.44
N LEU A 159 7.57 1.12 7.33
CA LEU A 159 7.95 1.57 6.00
C LEU A 159 7.37 2.95 5.71
N PRO A 160 8.09 3.76 4.92
CA PRO A 160 7.46 5.02 4.50
C PRO A 160 6.23 4.82 3.61
N ARG A 161 5.38 5.83 3.56
CA ARG A 161 4.34 5.90 2.57
C ARG A 161 4.97 5.65 1.21
N PRO A 162 4.33 4.85 0.35
CA PRO A 162 4.90 4.66 -0.98
C PRO A 162 4.89 5.98 -1.77
N GLY A 163 5.97 6.20 -2.50
CA GLY A 163 6.09 7.39 -3.33
C GLY A 163 6.68 8.57 -2.61
N VAL A 164 7.31 8.32 -1.46
CA VAL A 164 8.04 9.36 -0.76
C VAL A 164 9.47 9.35 -1.29
N LEU A 165 9.94 10.50 -1.71
CA LEU A 165 11.34 10.70 -2.10
C LEU A 165 12.08 11.30 -0.91
N LEU A 166 12.97 10.54 -0.27
CA LEU A 166 13.80 11.05 0.83
C LEU A 166 15.19 11.51 0.35
N LEU A 167 15.47 12.79 0.52
CA LEU A 167 16.75 13.46 0.17
C LEU A 167 17.58 13.75 1.44
N PRO A 168 18.91 13.80 1.30
CA PRO A 168 19.72 14.29 2.40
C PRO A 168 19.48 15.77 2.59
N TYR A 169 19.48 16.16 3.85
CA TYR A 169 19.33 17.56 4.22
C TYR A 169 20.77 18.09 4.29
N PRO A 170 21.09 19.05 3.45
CA PRO A 170 22.49 19.49 3.39
C PRO A 170 22.98 20.08 4.72
N ASP A 171 24.09 19.57 5.24
CA ASP A 171 24.56 19.86 6.60
C ASP A 171 25.90 20.64 6.60
N PRO A 172 25.88 21.95 6.92
CA PRO A 172 27.13 22.71 6.88
C PRO A 172 28.20 22.20 7.87
N PHE A 173 27.83 21.54 8.94
CA PHE A 173 28.79 21.01 9.91
C PHE A 173 29.40 19.69 9.47
N ARG A 174 28.61 18.82 8.83
CA ARG A 174 29.12 17.56 8.31
C ARG A 174 28.75 17.45 6.82
N PRO A 175 29.40 18.26 5.97
CA PRO A 175 28.98 18.49 4.60
C PRO A 175 29.26 17.32 3.64
N ARG A 176 28.73 16.14 3.94
CA ARG A 176 28.76 15.05 2.98
C ARG A 176 28.12 15.45 1.66
N PHE A 177 27.09 16.29 1.71
CA PHE A 177 26.29 16.57 0.54
C PHE A 177 26.08 18.06 0.44
N SER A 178 26.65 18.70 -0.57
CA SER A 178 26.52 20.14 -0.68
C SER A 178 25.10 20.49 -1.10
N ALA A 179 24.74 21.75 -0.98
CA ALA A 179 23.46 22.18 -1.42
C ALA A 179 23.30 21.79 -2.87
N GLU A 180 24.32 22.07 -3.66
CA GLU A 180 24.29 21.87 -5.10
C GLU A 180 24.11 20.40 -5.46
N ALA A 181 24.78 19.50 -4.75
CA ALA A 181 24.67 18.07 -4.96
C ALA A 181 23.26 17.56 -4.62
N VAL A 182 22.65 18.06 -3.53
CA VAL A 182 21.25 17.68 -3.23
C VAL A 182 20.26 18.19 -4.29
N LEU A 183 20.39 19.43 -4.75
CA LEU A 183 19.53 19.90 -5.82
C LEU A 183 19.73 19.09 -7.12
N GLU A 184 20.96 18.69 -7.39
CA GLU A 184 21.24 17.91 -8.60
C GLU A 184 20.56 16.53 -8.47
N LEU A 185 20.54 15.98 -7.26
CA LEU A 185 19.94 14.69 -7.00
C LEU A 185 18.43 14.80 -7.22
N LEU A 186 17.85 15.90 -6.75
CA LEU A 186 16.44 16.16 -6.99
C LEU A 186 16.15 16.28 -8.46
N ASP A 187 16.92 17.13 -9.14
CA ASP A 187 16.75 17.33 -10.58
C ASP A 187 16.81 15.99 -11.32
N TYR A 188 17.70 15.11 -10.90
CA TYR A 188 17.86 13.83 -11.58
C TYR A 188 16.66 12.94 -11.32
N HIS A 189 16.15 12.93 -10.08
CA HIS A 189 14.91 12.21 -9.78
C HIS A 189 13.72 12.77 -10.62
N PHE A 190 13.58 14.07 -10.70
CA PHE A 190 12.55 14.71 -11.55
C PHE A 190 12.61 14.24 -13.01
N ALA A 191 13.81 14.11 -13.56
CA ALA A 191 13.98 13.68 -14.95
C ALA A 191 13.87 12.15 -15.17
N THR A 192 13.73 11.38 -14.09
CA THR A 192 13.73 9.94 -14.17
C THR A 192 12.53 9.34 -13.42
N SER A 193 12.76 8.83 -12.21
CA SER A 193 11.81 7.99 -11.50
C SER A 193 10.79 8.75 -10.64
N CYS A 194 10.86 10.07 -10.58
CA CYS A 194 9.92 10.86 -9.80
C CYS A 194 9.51 12.10 -10.60
N PRO A 195 8.77 11.89 -11.69
CA PRO A 195 8.35 13.02 -12.54
C PRO A 195 7.67 14.09 -11.71
N PRO A 196 8.08 15.35 -11.87
CA PRO A 196 7.57 16.38 -10.96
C PRO A 196 6.06 16.60 -11.04
N GLU A 197 5.45 16.24 -12.17
CA GLU A 197 4.01 16.39 -12.35
C GLU A 197 3.16 15.39 -11.54
N GLN A 198 3.82 14.36 -10.99
CA GLN A 198 3.15 13.40 -10.11
C GLN A 198 3.43 13.65 -8.64
N VAL A 199 4.04 14.78 -8.34
CA VAL A 199 4.37 15.13 -6.96
C VAL A 199 3.37 16.13 -6.42
N ALA A 200 2.74 15.77 -5.30
CA ALA A 200 1.81 16.64 -4.59
C ALA A 200 2.49 17.82 -3.90
N ALA A 201 3.54 17.52 -3.13
CA ALA A 201 4.21 18.56 -2.35
C ALA A 201 5.65 18.22 -1.96
N VAL A 202 6.35 19.28 -1.56
CA VAL A 202 7.59 19.13 -0.82
C VAL A 202 7.36 19.63 0.60
N PHE A 203 7.79 18.83 1.56
CA PHE A 203 7.80 19.21 2.97
C PHE A 203 9.19 19.66 3.46
N ILE A 204 9.24 20.85 4.05
CA ILE A 204 10.46 21.51 4.49
C ILE A 204 10.45 21.90 5.96
N GLU A 205 11.33 21.32 6.77
CA GLU A 205 11.68 21.97 8.06
C GLU A 205 12.76 23.04 7.75
N PRO A 206 12.54 24.30 8.16
CA PRO A 206 13.49 25.40 7.91
C PRO A 206 14.72 25.33 8.76
N ILE A 207 14.64 24.60 9.88
CA ILE A 207 15.79 24.02 10.56
C ILE A 207 15.47 22.56 10.81
N LEU A 208 16.37 21.66 10.53
CA LEU A 208 16.08 20.25 10.70
C LEU A 208 16.19 19.96 12.19
N SER A 209 15.04 19.76 12.83
CA SER A 209 14.92 19.58 14.30
C SER A 209 15.54 18.31 14.86
N ASP A 210 14.75 17.24 14.96
CA ASP A 210 15.23 16.02 15.56
C ASP A 210 16.39 15.42 14.80
N GLY A 211 16.54 15.80 13.53
CA GLY A 211 17.73 15.43 12.75
C GLY A 211 19.03 16.04 13.28
N GLY A 212 18.95 17.02 14.20
CA GLY A 212 20.12 17.62 14.86
C GLY A 212 20.26 19.13 14.81
N LEU A 213 19.15 19.85 14.71
CA LEU A 213 19.13 21.32 14.68
C LEU A 213 20.12 21.82 13.65
N VAL A 214 19.93 21.35 12.42
CA VAL A 214 20.76 21.66 11.29
C VAL A 214 20.15 22.84 10.54
N VAL A 215 20.83 23.97 10.57
CA VAL A 215 20.49 25.12 9.74
C VAL A 215 21.09 24.84 8.40
N PRO A 216 20.25 24.79 7.35
CA PRO A 216 20.78 24.51 6.03
C PRO A 216 21.71 25.63 5.54
N PRO A 217 22.53 25.36 4.48
CA PRO A 217 23.44 26.33 3.87
C PRO A 217 22.62 27.45 3.25
N PRO A 218 23.15 28.66 3.23
CA PRO A 218 22.31 29.76 2.71
C PRO A 218 21.80 29.53 1.30
N ALA A 219 20.62 30.04 1.00
CA ALA A 219 20.05 29.99 -0.33
C ALA A 219 19.55 28.59 -0.81
N PHE A 220 19.94 27.47 -0.14
CA PHE A 220 19.48 26.13 -0.53
C PHE A 220 17.96 25.97 -0.51
N LEU A 221 17.29 26.36 0.56
CA LEU A 221 15.84 26.12 0.60
C LEU A 221 15.09 27.04 -0.35
N GLU A 222 15.55 28.28 -0.55
CA GLU A 222 14.94 29.11 -1.60
C GLU A 222 15.10 28.47 -3.01
N ALA A 223 16.25 27.82 -3.24
CA ALA A 223 16.51 27.17 -4.52
C ALA A 223 15.63 25.90 -4.70
N LEU A 224 15.47 25.13 -3.62
CA LEU A 224 14.55 24.02 -3.57
C LEU A 224 13.13 24.44 -3.91
N GLN A 225 12.68 25.47 -3.23
CA GLN A 225 11.34 25.95 -3.44
C GLN A 225 11.08 26.26 -4.90
N ASP A 226 11.96 27.07 -5.47
CA ASP A 226 11.87 27.50 -6.87
C ASP A 226 11.90 26.33 -7.88
N ARG A 227 12.66 25.27 -7.58
CA ARG A 227 12.72 24.10 -8.42
C ARG A 227 11.40 23.33 -8.42
N CYS A 228 10.79 23.23 -7.25
CA CYS A 228 9.51 22.55 -7.09
C CYS A 228 8.38 23.37 -7.69
N ARG A 229 8.37 24.64 -7.37
CA ARG A 229 7.33 25.56 -7.83
C ARG A 229 7.24 25.68 -9.36
N LYS A 230 8.36 25.71 -10.09
CA LYS A 230 8.33 25.62 -11.59
C LYS A 230 7.38 24.51 -12.08
N HIS A 231 7.34 23.36 -11.38
CA HIS A 231 6.44 22.28 -11.75
C HIS A 231 5.09 22.23 -11.05
N GLY A 232 4.66 23.36 -10.45
CA GLY A 232 3.44 23.40 -9.64
C GLY A 232 3.39 22.47 -8.45
N ILE A 233 4.55 22.04 -7.92
CA ILE A 233 4.59 21.31 -6.67
C ILE A 233 4.39 22.34 -5.54
N LEU A 234 3.42 22.07 -4.68
CA LEU A 234 3.15 22.92 -3.49
C LEU A 234 4.26 22.82 -2.42
N VAL A 235 4.57 23.98 -1.84
CA VAL A 235 5.68 24.07 -0.92
C VAL A 235 5.13 24.22 0.49
N VAL A 236 5.44 23.22 1.32
CA VAL A 236 4.93 23.13 2.67
C VAL A 236 6.10 23.33 3.62
N VAL A 237 5.96 24.30 4.53
CA VAL A 237 6.96 24.54 5.57
C VAL A 237 6.40 24.11 6.93
N ASP A 238 7.14 23.25 7.61
CA ASP A 238 6.77 22.81 8.93
C ASP A 238 7.43 23.74 9.95
N GLU A 239 6.64 24.59 10.61
CA GLU A 239 7.16 25.55 11.60
C GLU A 239 6.84 25.09 13.02
N VAL A 240 6.44 23.85 13.16
CA VAL A 240 5.96 23.33 14.45
C VAL A 240 7.01 23.53 15.53
N LYS A 241 8.27 23.26 15.21
CA LYS A 241 9.33 23.31 16.21
C LYS A 241 9.94 24.67 16.42
N VAL A 242 10.27 25.35 15.32
CA VAL A 242 11.09 26.55 15.42
C VAL A 242 10.28 27.81 15.07
N GLY A 243 8.96 27.66 15.09
CA GLY A 243 8.07 28.76 14.73
C GLY A 243 7.79 29.75 15.84
N LEU A 244 7.16 30.86 15.43
CA LEU A 244 6.52 31.80 16.32
C LEU A 244 7.50 32.55 17.23
N GLY A 245 8.41 33.27 16.59
CA GLY A 245 9.32 34.16 17.25
C GLY A 245 10.61 33.57 17.79
N ARG A 246 10.63 32.25 18.04
CA ARG A 246 11.81 31.64 18.62
C ARG A 246 13.17 31.93 17.90
N THR A 247 13.16 32.04 16.57
CA THR A 247 14.42 32.16 15.81
C THR A 247 14.88 33.58 15.52
N GLY A 248 14.19 34.58 16.06
CA GLY A 248 14.56 35.97 15.82
C GLY A 248 13.64 36.67 14.87
N LEU A 249 12.87 35.91 14.12
CA LEU A 249 11.81 36.46 13.26
C LEU A 249 10.54 35.68 13.60
N MET A 250 9.40 36.15 13.14
CA MET A 250 8.16 35.49 13.55
C MET A 250 8.13 34.06 13.03
N HIS A 251 8.57 33.86 11.80
CA HIS A 251 8.61 32.55 11.18
C HIS A 251 10.03 32.27 10.75
N CYS A 252 10.53 31.08 11.12
CA CYS A 252 11.85 30.67 10.71
C CYS A 252 12.04 30.73 9.19
N PHE A 253 11.00 30.42 8.42
CA PHE A 253 11.12 30.49 6.96
C PHE A 253 11.43 31.92 6.46
N GLN A 254 11.14 32.96 7.23
CA GLN A 254 11.53 34.33 6.80
C GLN A 254 13.05 34.57 6.79
N HIS A 255 13.85 33.72 7.47
CA HIS A 255 15.31 33.76 7.38
C HIS A 255 15.79 33.24 6.03
N GLU A 256 14.97 32.42 5.38
CA GLU A 256 15.43 31.61 4.27
C GLU A 256 14.90 32.08 2.89
N GLY A 257 14.19 33.19 2.87
CA GLY A 257 13.61 33.78 1.65
C GLY A 257 12.46 32.99 1.05
N LEU A 258 11.66 32.29 1.87
CA LEU A 258 10.68 31.34 1.31
C LEU A 258 9.33 31.99 1.23
N GLU A 259 8.51 31.57 0.30
CA GLU A 259 7.12 32.04 0.22
C GLU A 259 6.25 30.81 0.10
N PRO A 260 6.07 30.08 1.21
CA PRO A 260 5.45 28.75 1.08
C PRO A 260 4.00 28.80 0.68
N ASP A 261 3.49 27.71 0.12
CA ASP A 261 2.08 27.63 -0.17
C ASP A 261 1.29 27.27 1.10
N MET A 262 1.90 26.48 1.99
CA MET A 262 1.27 26.03 3.19
C MET A 262 2.22 26.09 4.39
N VAL A 263 1.72 26.51 5.54
CA VAL A 263 2.50 26.54 6.79
C VAL A 263 1.84 25.68 7.87
N VAL A 264 2.64 24.83 8.52
CA VAL A 264 2.13 23.97 9.60
C VAL A 264 2.70 24.46 10.91
N PHE A 265 1.80 24.75 11.86
CA PHE A 265 2.12 25.28 13.18
C PHE A 265 1.71 24.27 14.27
N GLY A 266 2.41 24.33 15.41
CA GLY A 266 2.14 23.43 16.53
C GLY A 266 2.93 23.80 17.76
N LYS A 267 3.13 22.79 18.63
CA LYS A 267 3.89 22.95 19.86
C LYS A 267 3.61 24.30 20.56
N GLY A 268 4.55 25.24 20.51
CA GLY A 268 4.41 26.52 21.17
C GLY A 268 3.22 27.41 20.82
N LEU A 269 2.59 27.17 19.66
CA LEU A 269 1.32 27.84 19.34
C LEU A 269 0.30 27.72 20.51
N GLY A 270 0.23 26.55 21.15
CA GLY A 270 -0.70 26.33 22.24
C GLY A 270 -0.31 26.91 23.59
N GLY A 271 0.95 27.31 23.72
CA GLY A 271 1.51 27.86 25.00
C GLY A 271 1.50 26.84 26.13
N GLY A 272 1.39 25.56 25.78
CA GLY A 272 1.37 24.46 26.73
C GLY A 272 0.05 23.72 26.67
N LEU A 273 -0.94 24.30 25.93
CA LEU A 273 -2.21 23.58 25.58
C LEU A 273 -2.09 22.92 24.19
N PRO A 274 -2.80 21.79 23.95
CA PRO A 274 -2.72 21.19 22.63
C PRO A 274 -3.33 22.10 21.56
N LEU A 275 -2.53 22.51 20.59
CA LEU A 275 -3.05 23.36 19.51
C LEU A 275 -2.12 23.26 18.33
N SER A 276 -2.68 22.92 17.18
CA SER A 276 -1.93 22.99 15.92
C SER A 276 -2.76 23.75 14.88
N ALA A 277 -2.10 24.15 13.80
CA ALA A 277 -2.82 24.76 12.68
C ALA A 277 -2.15 24.54 11.33
N VAL A 278 -2.96 24.52 10.29
CA VAL A 278 -2.52 24.50 8.91
C VAL A 278 -3.12 25.74 8.21
N VAL A 279 -2.25 26.53 7.61
CA VAL A 279 -2.65 27.70 6.80
C VAL A 279 -2.29 27.35 5.37
N GLY A 280 -3.26 27.41 4.47
CA GLY A 280 -2.98 27.15 3.05
C GLY A 280 -3.90 27.93 2.13
N PRO A 281 -3.70 27.78 0.82
CA PRO A 281 -4.60 28.42 -0.15
C PRO A 281 -6.03 27.85 -0.07
N GLN A 282 -7.02 28.70 -0.34
CA GLN A 282 -8.41 28.32 -0.20
C GLN A 282 -8.72 27.12 -1.11
N TRP A 283 -8.14 27.07 -2.32
CA TRP A 283 -8.43 25.98 -3.21
C TRP A 283 -8.05 24.59 -2.64
N VAL A 284 -6.96 24.52 -1.88
CA VAL A 284 -6.62 23.26 -1.16
C VAL A 284 -7.47 23.05 0.07
N MET A 285 -7.57 24.10 0.89
CA MET A 285 -8.15 24.01 2.23
C MET A 285 -9.69 23.87 2.22
N ASP A 286 -10.31 24.25 1.10
CA ASP A 286 -11.72 24.03 0.89
C ASP A 286 -11.99 22.82 -0.06
N HIS A 287 -11.08 21.84 -0.06
CA HIS A 287 -11.16 20.73 -1.00
C HIS A 287 -12.52 20.06 -0.95
N ALA A 288 -13.02 19.79 0.25
CA ALA A 288 -14.33 19.19 0.43
C ALA A 288 -14.79 19.41 1.85
N PRO A 289 -16.11 19.43 2.09
CA PRO A 289 -16.57 19.56 3.46
C PRO A 289 -16.30 18.29 4.25
N ALA A 290 -16.12 18.43 5.56
CA ALA A 290 -16.08 17.27 6.46
C ALA A 290 -15.01 16.27 6.04
N PHE A 291 -13.93 16.78 5.43
CA PHE A 291 -12.87 15.94 4.93
C PHE A 291 -11.85 15.59 6.02
N VAL A 292 -11.52 16.55 6.90
CA VAL A 292 -10.52 16.28 8.00
C VAL A 292 -11.08 16.81 9.33
N LEU A 293 -11.75 15.92 10.06
CA LEU A 293 -12.54 16.25 11.21
C LEU A 293 -11.93 15.67 12.49
N GLN A 294 -11.81 16.51 13.50
CA GLN A 294 -11.66 16.01 14.88
C GLN A 294 -12.52 16.85 15.80
N THR A 295 -13.27 16.16 16.66
CA THR A 295 -14.40 16.78 17.36
C THR A 295 -14.08 18.08 18.12
N THR A 296 -13.03 18.05 18.94
CA THR A 296 -12.67 19.19 19.82
C THR A 296 -11.60 20.10 19.24
N ALA A 297 -11.23 19.88 17.99
CA ALA A 297 -10.31 20.78 17.35
C ALA A 297 -10.96 22.16 17.23
N GLY A 298 -10.13 23.19 17.41
CA GLY A 298 -10.58 24.58 17.31
C GLY A 298 -11.48 24.92 18.48
N ASN A 299 -11.38 24.14 19.58
CA ASN A 299 -12.14 24.43 20.77
C ASN A 299 -11.71 25.79 21.35
N PRO A 300 -12.63 26.47 22.05
CA PRO A 300 -12.34 27.85 22.48
C PRO A 300 -11.28 28.00 23.61
N VAL A 301 -10.90 26.91 24.29
CA VAL A 301 -9.93 27.01 25.37
C VAL A 301 -8.50 27.03 24.79
N ALA A 302 -8.15 26.01 23.99
CA ALA A 302 -6.84 25.95 23.34
C ALA A 302 -6.63 27.12 22.40
N THR A 303 -7.65 27.53 21.66
CA THR A 303 -7.46 28.63 20.71
C THR A 303 -7.30 30.00 21.40
N ALA A 304 -7.99 30.18 22.51
CA ALA A 304 -7.83 31.36 23.32
C ALA A 304 -6.42 31.42 23.83
N ALA A 305 -5.87 30.25 24.23
CA ALA A 305 -4.48 30.20 24.69
C ALA A 305 -3.52 30.60 23.54
N GLY A 306 -3.84 30.17 22.34
CA GLY A 306 -3.02 30.48 21.20
C GLY A 306 -3.05 31.96 20.86
N ARG A 307 -4.21 32.58 21.03
CA ARG A 307 -4.32 34.03 20.80
C ARG A 307 -3.38 34.80 21.77
N ALA A 308 -3.31 34.35 23.01
CA ALA A 308 -2.49 35.00 24.03
C ALA A 308 -1.00 34.84 23.75
N VAL A 309 -0.64 33.66 23.24
CA VAL A 309 0.73 33.42 22.84
C VAL A 309 1.14 34.45 21.77
N LEU A 310 0.38 34.49 20.67
CA LEU A 310 0.66 35.42 19.56
C LEU A 310 0.64 36.85 19.99
N ASN A 311 -0.30 37.21 20.88
CA ASN A 311 -0.46 38.61 21.30
C ASN A 311 0.76 39.03 22.15
N THR A 312 1.24 38.14 23.00
CA THR A 312 2.39 38.39 23.85
C THR A 312 3.63 38.50 23.02
N ILE A 313 3.79 37.60 22.06
CA ILE A 313 4.97 37.64 21.20
C ILE A 313 5.03 38.97 20.45
N GLU A 314 3.89 39.46 19.97
CA GLU A 314 3.90 40.72 19.20
C GLU A 314 4.08 41.92 20.13
N ARG A 315 3.31 41.98 21.20
CA ARG A 315 3.30 43.16 22.09
C ARG A 315 4.60 43.32 22.87
N GLN A 316 5.19 42.21 23.32
CA GLN A 316 6.48 42.27 23.95
C GLN A 316 7.69 42.12 23.01
N GLY A 317 7.48 42.01 21.69
CA GLY A 317 8.60 41.92 20.75
C GLY A 317 9.51 40.72 21.01
N LEU A 318 8.91 39.56 21.23
CA LEU A 318 9.69 38.37 21.64
C LEU A 318 10.48 37.76 20.52
N ALA A 319 10.13 38.08 19.27
CA ALA A 319 11.04 37.72 18.16
C ALA A 319 12.42 38.47 18.30
N GLN A 320 12.40 39.79 18.34
CA GLN A 320 13.66 40.55 18.49
C GLN A 320 14.43 40.11 19.77
N ARG A 321 13.69 39.87 20.83
CA ARG A 321 14.28 39.49 22.07
C ARG A 321 14.90 38.11 21.96
N SER A 322 14.26 37.18 21.23
CA SER A 322 14.86 35.85 21.08
C SER A 322 16.18 35.92 20.32
N GLU A 323 16.27 36.85 19.38
CA GLU A 323 17.53 37.04 18.67
C GLU A 323 18.59 37.53 19.65
N ARG A 324 18.28 38.54 20.46
CA ARG A 324 19.28 39.14 21.34
C ARG A 324 19.68 38.16 22.46
N VAL A 325 18.70 37.70 23.20
CA VAL A 325 18.93 36.78 24.33
C VAL A 325 19.43 35.40 23.90
N GLY A 326 18.96 34.92 22.75
CA GLY A 326 19.52 33.70 22.18
C GLY A 326 20.98 33.83 21.73
N GLY A 327 21.31 35.00 21.17
CA GLY A 327 22.71 35.34 20.85
C GLY A 327 23.57 35.26 22.11
N ILE A 328 23.08 35.83 23.22
CA ILE A 328 23.82 35.75 24.47
C ILE A 328 24.03 34.31 24.94
N PHE A 329 22.95 33.54 24.97
CA PHE A 329 23.03 32.13 25.36
C PHE A 329 23.95 31.33 24.43
N ALA A 330 23.77 31.50 23.12
CA ALA A 330 24.64 30.87 22.14
C ALA A 330 26.12 31.20 22.37
N ASP A 331 26.44 32.49 22.51
CA ASP A 331 27.81 32.89 22.77
C ASP A 331 28.37 32.32 24.08
N ARG A 332 27.55 32.20 25.14
CA ARG A 332 28.03 31.56 26.38
C ARG A 332 28.41 30.12 26.15
N LEU A 333 27.62 29.41 25.34
CA LEU A 333 27.90 28.02 25.01
C LEU A 333 29.12 27.83 24.11
N ARG A 334 29.33 28.76 23.16
CA ARG A 334 30.56 28.80 22.35
C ARG A 334 31.80 28.95 23.21
N ARG A 335 31.75 29.83 24.20
CA ARG A 335 32.89 30.02 25.09
C ARG A 335 33.19 28.74 25.85
N LEU A 336 32.17 27.93 26.16
CA LEU A 336 32.44 26.65 26.87
C LEU A 336 33.31 25.78 26.03
N SER A 337 33.26 25.97 24.72
CA SER A 337 34.09 25.13 23.83
C SER A 337 35.62 25.34 23.97
N ASP A 338 36.07 26.47 24.53
CA ASP A 338 37.50 26.67 24.84
C ASP A 338 37.90 25.82 26.04
N LYS A 339 36.91 25.41 26.82
CA LYS A 339 37.09 24.60 28.04
C LYS A 339 36.88 23.13 27.72
N HIS A 340 35.90 22.82 26.87
CA HIS A 340 35.47 21.44 26.67
C HIS A 340 35.56 21.09 25.19
N SER A 341 36.55 20.29 24.84
CA SER A 341 36.81 20.01 23.44
C SER A 341 35.67 19.16 22.82
N ILE A 342 34.87 18.49 23.67
CA ILE A 342 33.70 17.74 23.19
C ILE A 342 32.66 18.66 22.49
N ILE A 343 32.62 19.93 22.84
CA ILE A 343 31.73 20.85 22.09
C ILE A 343 32.32 21.12 20.71
N GLY A 344 31.76 20.45 19.72
CA GLY A 344 32.19 20.63 18.33
C GLY A 344 31.48 21.77 17.60
N ASP A 345 30.22 22.05 17.95
CA ASP A 345 29.46 23.13 17.26
C ASP A 345 28.36 23.66 18.12
N VAL A 346 28.03 24.92 17.91
CA VAL A 346 26.89 25.54 18.54
C VAL A 346 26.14 26.18 17.38
N ARG A 347 24.91 25.75 17.14
CA ARG A 347 24.18 26.21 15.94
C ARG A 347 22.70 26.34 16.24
N GLY A 348 21.97 26.92 15.30
CA GLY A 348 20.58 27.16 15.45
C GLY A 348 20.29 28.59 15.08
N ARG A 349 19.15 29.10 15.51
CA ARG A 349 18.82 30.51 15.37
C ARG A 349 18.05 30.90 16.61
N GLY A 350 18.31 32.12 17.09
CA GLY A 350 17.61 32.64 18.29
C GLY A 350 17.66 31.64 19.47
N LEU A 351 16.48 31.33 20.02
CA LEU A 351 16.35 30.41 21.15
C LEU A 351 16.10 28.93 20.78
N ALA A 352 16.45 28.55 19.56
CA ALA A 352 16.55 27.18 19.11
C ALA A 352 18.02 26.89 18.93
N ILE A 353 18.61 26.15 19.87
CA ILE A 353 20.04 26.01 19.94
C ILE A 353 20.41 24.56 20.15
N GLY A 354 21.33 24.09 19.32
CA GLY A 354 21.85 22.78 19.40
C GLY A 354 23.34 22.87 19.62
N VAL A 355 23.84 21.93 20.40
CA VAL A 355 25.25 21.84 20.71
C VAL A 355 25.69 20.43 20.34
N ASP A 356 26.54 20.36 19.31
CA ASP A 356 26.99 19.10 18.73
C ASP A 356 28.22 18.56 19.49
N LEU A 357 28.06 17.41 20.13
CA LEU A 357 29.11 16.76 20.89
C LEU A 357 29.90 15.85 19.96
N VAL A 358 31.22 16.00 19.95
CA VAL A 358 32.09 15.15 19.14
C VAL A 358 33.14 14.41 19.98
N SER A 359 33.49 13.19 19.58
CA SER A 359 34.57 12.47 20.28
C SER A 359 35.91 12.90 19.69
N ASP A 360 35.90 13.55 18.53
CA ASP A 360 37.10 14.11 17.89
C ASP A 360 36.78 15.29 16.99
N ARG A 361 37.42 16.44 17.22
CA ARG A 361 37.16 17.63 16.42
C ARG A 361 37.61 17.48 14.95
N GLY A 362 38.68 16.73 14.73
CA GLY A 362 39.17 16.50 13.37
C GLY A 362 38.12 15.87 12.46
N SER A 363 37.75 14.63 12.81
CA SER A 363 36.78 13.83 12.06
C SER A 363 35.32 14.28 12.22
N ARG A 364 35.04 15.09 13.25
CA ARG A 364 33.68 15.39 13.70
C ARG A 364 32.85 14.13 14.02
N GLU A 365 33.54 13.06 14.42
CA GLU A 365 32.91 11.84 14.89
C GLU A 365 31.99 12.19 16.08
N PRO A 366 30.69 11.88 15.96
CA PRO A 366 29.78 12.17 17.08
C PRO A 366 30.20 11.45 18.37
N ALA A 367 30.04 12.12 19.51
CA ALA A 367 30.25 11.50 20.80
C ALA A 367 29.23 10.37 20.98
N PRO A 368 29.59 9.33 21.75
CA PRO A 368 28.62 8.23 21.98
C PRO A 368 27.36 8.68 22.72
N VAL A 369 26.24 8.04 22.40
CA VAL A 369 24.94 8.38 23.01
C VAL A 369 24.96 8.28 24.57
N THR A 370 25.75 7.34 25.13
CA THR A 370 25.87 7.20 26.59
C THR A 370 26.37 8.48 27.25
N THR A 371 27.40 9.07 26.65
CA THR A 371 27.94 10.31 27.15
C THR A 371 26.89 11.42 27.04
N THR A 372 26.16 11.44 25.92
CA THR A 372 25.21 12.50 25.70
C THR A 372 24.10 12.39 26.72
N ALA A 373 23.62 11.18 26.93
CA ALA A 373 22.54 10.94 27.92
C ALA A 373 22.96 11.24 29.38
N LYS A 374 24.22 10.94 29.70
CA LYS A 374 24.76 11.25 31.03
C LYS A 374 24.85 12.76 31.30
N ILE A 375 25.23 13.54 30.30
CA ILE A 375 25.25 15.02 30.45
C ILE A 375 23.86 15.54 30.82
N ILE A 376 22.83 15.03 30.11
CA ILE A 376 21.40 15.39 30.44
C ILE A 376 21.05 15.07 31.91
N TYR A 377 21.35 13.83 32.30
CA TYR A 377 21.06 13.30 33.63
C TYR A 377 21.80 14.12 34.65
N ARG A 378 23.09 14.36 34.41
CA ARG A 378 23.87 15.23 35.31
C ARG A 378 23.31 16.65 35.36
N GLY A 379 22.90 17.18 34.21
CA GLY A 379 22.25 18.51 34.18
C GLY A 379 21.00 18.50 35.04
N TYR A 380 20.24 17.42 34.99
CA TYR A 380 19.05 17.33 35.83
C TYR A 380 19.42 17.35 37.33
N GLN A 381 20.44 16.58 37.71
CA GLN A 381 20.92 16.59 39.11
C GLN A 381 21.35 17.98 39.50
N LEU A 382 22.00 18.70 38.59
CA LEU A 382 22.44 20.06 38.90
C LEU A 382 21.39 21.14 38.77
N GLY A 383 20.15 20.78 38.36
CA GLY A 383 19.05 21.74 38.34
C GLY A 383 18.61 22.33 36.99
N ALA A 384 18.95 21.68 35.88
CA ALA A 384 18.38 22.10 34.59
C ALA A 384 17.84 20.92 33.80
N ALA A 385 16.74 21.20 33.09
CA ALA A 385 16.06 20.22 32.23
C ALA A 385 16.35 20.49 30.78
N PHE A 386 16.94 19.50 30.14
CA PHE A 386 17.12 19.58 28.67
C PHE A 386 17.13 18.19 28.07
N THR A 387 17.43 18.10 26.78
CA THR A 387 17.29 16.88 26.02
C THR A 387 18.40 16.80 24.98
N TYR A 388 18.39 15.72 24.19
CA TYR A 388 19.22 15.64 23.00
C TYR A 388 18.47 15.08 21.81
N VAL A 389 19.03 15.31 20.65
CA VAL A 389 18.40 14.97 19.39
C VAL A 389 19.54 14.62 18.47
N GLY A 390 19.22 14.33 17.21
CA GLY A 390 20.22 14.26 16.17
C GLY A 390 20.25 12.86 15.62
N LEU A 391 20.66 12.72 14.36
CA LEU A 391 20.71 11.38 13.77
C LEU A 391 21.75 10.50 14.43
N ASN A 392 22.67 11.11 15.17
CA ASN A 392 23.66 10.33 15.90
C ASN A 392 23.51 10.50 17.42
N ALA A 393 22.38 11.08 17.86
CA ALA A 393 21.97 11.12 19.27
C ALA A 393 23.07 11.78 20.13
N ASN A 394 23.60 12.87 19.61
CA ASN A 394 24.76 13.54 20.15
C ASN A 394 24.61 15.06 20.17
N VAL A 395 23.45 15.59 19.85
CA VAL A 395 23.27 17.06 19.82
C VAL A 395 22.45 17.47 21.04
N LEU A 396 23.02 18.25 21.97
CA LEU A 396 22.22 18.75 23.09
C LEU A 396 21.24 19.80 22.55
N GLU A 397 19.99 19.74 22.97
CA GLU A 397 18.94 20.63 22.49
C GLU A 397 18.49 21.58 23.59
N PHE A 398 18.49 22.87 23.27
CA PHE A 398 17.98 23.88 24.15
C PHE A 398 16.84 24.62 23.44
N MET A 399 15.65 24.49 24.03
CA MET A 399 14.46 25.10 23.51
C MET A 399 13.74 25.78 24.64
N PRO A 400 14.42 26.70 25.33
CA PRO A 400 13.78 27.28 26.50
C PRO A 400 12.59 28.20 26.16
N PRO A 401 11.77 28.48 27.16
CA PRO A 401 10.76 29.47 27.00
C PRO A 401 11.37 30.77 26.50
N LEU A 402 10.64 31.46 25.65
CA LEU A 402 11.10 32.73 25.11
C LEU A 402 11.25 33.80 26.16
N THR A 403 10.61 33.59 27.32
CA THR A 403 10.74 34.41 28.48
C THR A 403 12.04 34.17 29.31
N LEU A 404 12.93 33.30 28.84
CA LEU A 404 14.20 33.07 29.55
C LEU A 404 14.93 34.41 29.84
N THR A 405 15.46 34.54 31.04
CA THR A 405 16.10 35.78 31.51
C THR A 405 17.60 35.66 31.40
N GLU A 406 18.29 36.82 31.42
CA GLU A 406 19.74 36.79 31.33
C GLU A 406 20.37 36.12 32.55
N PRO A 407 19.81 36.31 33.76
CA PRO A 407 20.43 35.54 34.88
C PRO A 407 20.27 34.03 34.73
N GLU A 408 19.17 33.58 34.16
CA GLU A 408 18.97 32.15 33.87
C GLU A 408 19.92 31.62 32.83
N ILE A 409 20.33 32.45 31.88
CA ILE A 409 21.34 32.01 30.90
C ILE A 409 22.68 31.72 31.58
N ASP A 410 23.09 32.63 32.49
CA ASP A 410 24.28 32.42 33.32
C ASP A 410 24.19 31.13 34.11
N GLU A 411 23.07 30.91 34.77
CA GLU A 411 22.82 29.66 35.50
C GLU A 411 22.85 28.46 34.57
N ALA A 412 22.26 28.61 33.38
CA ALA A 412 22.20 27.50 32.43
C ALA A 412 23.59 27.11 31.96
N ALA A 413 24.37 28.13 31.68
CA ALA A 413 25.68 27.90 31.12
C ALA A 413 26.58 27.23 32.17
N ASP A 414 26.44 27.62 33.43
CA ASP A 414 27.26 27.04 34.48
C ASP A 414 26.88 25.61 34.72
N ILE A 415 25.59 25.31 34.64
CA ILE A 415 25.14 23.93 34.81
C ILE A 415 25.66 23.06 33.69
N VAL A 416 25.55 23.55 32.44
CA VAL A 416 26.01 22.75 31.30
C VAL A 416 27.53 22.52 31.37
N ASP A 417 28.26 23.58 31.68
CA ASP A 417 29.70 23.53 31.92
C ASP A 417 30.04 22.43 32.92
N GLN A 418 29.38 22.47 34.07
CA GLN A 418 29.68 21.49 35.12
C GLN A 418 29.29 20.07 34.71
N ALA A 419 28.18 19.93 34.00
CA ALA A 419 27.67 18.61 33.68
C ALA A 419 28.57 17.93 32.65
N ILE A 420 29.04 18.72 31.69
CA ILE A 420 30.01 18.17 30.75
C ILE A 420 31.29 17.67 31.43
N GLY A 421 31.88 18.52 32.27
CA GLY A 421 33.15 18.24 32.98
C GLY A 421 32.99 17.03 33.88
N ASP A 422 31.95 17.04 34.71
CA ASP A 422 31.59 15.86 35.52
C ASP A 422 31.46 14.54 34.75
N VAL A 423 30.65 14.56 33.72
CA VAL A 423 30.44 13.35 32.96
C VAL A 423 31.76 12.88 32.32
N LEU A 424 32.58 13.83 31.86
CA LEU A 424 33.83 13.45 31.20
C LEU A 424 34.83 12.90 32.22
N ASP A 425 34.68 13.32 33.48
CA ASP A 425 35.49 12.76 34.58
C ASP A 425 34.88 11.50 35.23
N GLY A 426 33.94 10.88 34.51
CA GLY A 426 33.25 9.67 34.92
C GLY A 426 32.30 9.80 36.11
N LYS A 427 31.73 10.97 36.36
CA LYS A 427 30.86 11.12 37.55
C LYS A 427 29.62 10.16 37.51
N VAL A 428 28.92 10.09 36.39
CA VAL A 428 27.63 9.38 36.32
C VAL A 428 27.80 7.93 35.85
N ALA A 429 27.11 7.00 36.52
CA ALA A 429 27.26 5.55 36.20
C ALA A 429 26.36 5.10 35.03
N ASP A 430 26.83 4.08 34.30
CA ASP A 430 26.04 3.47 33.22
C ASP A 430 24.61 3.09 33.70
N SER A 431 24.49 2.50 34.89
CA SER A 431 23.17 2.07 35.35
C SER A 431 22.21 3.23 35.67
N ASP A 432 22.72 4.43 35.90
CA ASP A 432 21.86 5.60 36.12
C ASP A 432 21.12 6.02 34.83
N VAL A 433 21.81 5.93 33.69
CA VAL A 433 21.20 6.33 32.44
C VAL A 433 20.61 5.18 31.64
N ALA A 434 20.89 3.93 32.04
CA ALA A 434 20.31 2.74 31.37
C ALA A 434 18.78 2.85 31.29
N HIS A 435 18.18 3.34 32.37
CA HIS A 435 16.72 3.55 32.45
C HIS A 435 16.18 4.50 31.36
N PHE A 436 17.00 5.41 30.84
CA PHE A 436 16.55 6.46 29.90
C PHE A 436 17.14 6.32 28.49
N MET A 437 17.55 5.10 28.18
CA MET A 437 18.11 4.76 26.88
C MET A 437 17.32 3.55 26.34
N MET A 438 17.34 3.35 25.02
CA MET A 438 16.44 2.39 24.36
C MET A 438 17.23 1.31 23.63
N LEU B 5 20.32 -40.34 -9.53
CA LEU B 5 20.19 -41.18 -10.75
C LEU B 5 18.78 -41.06 -11.39
N SER B 6 17.68 -41.25 -10.64
CA SER B 6 16.32 -41.19 -11.24
C SER B 6 15.88 -39.73 -11.56
N LEU B 7 14.92 -39.55 -12.47
CA LEU B 7 14.47 -38.20 -12.86
C LEU B 7 13.90 -37.48 -11.65
N ARG B 8 13.14 -38.24 -10.84
CA ARG B 8 12.51 -37.67 -9.65
C ARG B 8 13.56 -37.21 -8.61
N GLU B 9 14.56 -38.04 -8.39
CA GLU B 9 15.68 -37.71 -7.49
C GLU B 9 16.51 -36.51 -8.04
N ARG B 10 16.69 -36.46 -9.35
CA ARG B 10 17.42 -35.35 -9.96
C ARG B 10 16.60 -34.06 -9.81
N ASP B 11 15.28 -34.15 -9.95
CA ASP B 11 14.35 -33.01 -9.73
C ASP B 11 14.49 -32.50 -8.31
N ALA B 12 14.59 -33.43 -7.37
CA ALA B 12 14.68 -33.06 -5.94
C ALA B 12 15.91 -32.24 -5.62
N ARG B 13 16.99 -32.46 -6.37
CA ARG B 13 18.26 -31.80 -6.07
C ARG B 13 18.41 -30.47 -6.76
N VAL B 14 17.59 -30.17 -7.77
CA VAL B 14 17.81 -28.92 -8.55
C VAL B 14 16.61 -28.00 -8.81
N ILE B 15 15.39 -28.52 -8.67
CA ILE B 15 14.21 -27.68 -8.79
C ILE B 15 13.76 -27.11 -7.45
N ALA B 16 13.38 -25.83 -7.48
CA ALA B 16 12.91 -25.10 -6.32
C ALA B 16 11.54 -25.53 -5.86
N GLU B 17 11.41 -25.74 -4.55
CA GLU B 17 10.13 -26.06 -3.91
C GLU B 17 9.07 -24.99 -4.13
N ILE B 18 9.46 -23.72 -4.26
CA ILE B 18 8.46 -22.68 -4.55
C ILE B 18 7.61 -22.96 -5.80
N GLY B 19 8.16 -23.68 -6.76
CA GLY B 19 7.45 -23.99 -8.01
C GLY B 19 6.79 -25.35 -8.06
N ARG B 20 6.76 -26.07 -6.93
CA ARG B 20 6.17 -27.40 -6.82
C ARG B 20 4.73 -27.40 -6.33
N LEU B 21 3.92 -28.24 -6.96
CA LEU B 21 2.56 -28.60 -6.52
C LEU B 21 2.35 -30.03 -7.01
N ARG B 22 3.18 -30.93 -6.47
CA ARG B 22 3.16 -32.36 -6.90
C ARG B 22 2.11 -33.16 -6.13
N PHE B 23 1.32 -33.96 -6.87
CA PHE B 23 0.30 -34.83 -6.28
C PHE B 23 0.77 -36.28 -6.26
N SER B 24 1.84 -36.62 -6.98
CA SER B 24 2.31 -38.00 -7.00
C SER B 24 3.76 -38.01 -7.44
N PRO B 25 4.43 -39.19 -7.41
CA PRO B 25 5.82 -39.30 -7.91
C PRO B 25 6.02 -39.27 -9.44
N LEU B 26 4.93 -39.24 -10.19
CA LEU B 26 4.99 -39.26 -11.66
C LEU B 26 6.03 -38.28 -12.23
N SER B 27 6.99 -38.82 -12.96
CA SER B 27 8.11 -38.05 -13.51
C SER B 27 8.25 -38.43 -14.98
N LEU B 28 8.22 -37.44 -15.88
CA LEU B 28 7.91 -37.66 -17.31
C LEU B 28 9.10 -37.59 -18.31
N ILE B 29 9.07 -38.49 -19.29
CA ILE B 29 10.01 -38.43 -20.44
C ILE B 29 9.35 -38.25 -21.77
N GLY B 30 8.04 -38.40 -21.85
CA GLY B 30 7.35 -38.22 -23.08
C GLY B 30 5.86 -38.15 -22.90
N GLY B 31 5.17 -38.20 -24.04
CA GLY B 31 3.72 -38.12 -24.12
C GLY B 31 3.24 -38.49 -25.53
N LYS B 32 2.06 -39.09 -25.60
CA LYS B 32 1.50 -39.54 -26.85
C LYS B 32 0.01 -39.68 -26.68
N GLY B 33 -0.73 -38.90 -27.46
CA GLY B 33 -2.16 -38.88 -27.38
C GLY B 33 -2.60 -38.35 -26.01
N ASN B 34 -3.44 -39.13 -25.35
CA ASN B 34 -3.93 -38.78 -24.04
C ASN B 34 -3.16 -39.50 -22.92
N ARG B 35 -2.01 -40.10 -23.24
CA ARG B 35 -1.19 -40.74 -22.23
C ARG B 35 0.16 -40.03 -22.07
N LEU B 36 0.72 -40.17 -20.88
CA LEU B 36 1.98 -39.58 -20.51
C LEU B 36 2.91 -40.73 -20.18
N ILE B 37 4.19 -40.61 -20.58
CA ILE B 37 5.17 -41.68 -20.41
C ILE B 37 6.09 -41.33 -19.21
N GLU B 38 6.02 -42.16 -18.16
CA GLU B 38 6.87 -42.00 -16.99
C GLU B 38 8.26 -42.45 -17.36
N GLU B 39 9.26 -41.96 -16.66
CA GLU B 39 10.62 -42.48 -16.79
C GLU B 39 10.57 -43.98 -16.56
N GLY B 40 11.23 -44.77 -17.39
CA GLY B 40 11.10 -46.26 -17.30
C GLY B 40 10.07 -46.79 -18.29
N GLY B 41 9.23 -45.91 -18.82
CA GLY B 41 8.41 -46.22 -19.96
C GLY B 41 6.96 -46.59 -19.72
N ARG B 42 6.53 -46.70 -18.46
CA ARG B 42 5.10 -46.98 -18.15
C ARG B 42 4.20 -45.86 -18.75
N SER B 43 3.07 -46.22 -19.37
CA SER B 43 2.19 -45.25 -20.04
C SER B 43 0.95 -44.96 -19.17
N ILE B 44 0.83 -43.72 -18.72
CA ILE B 44 -0.16 -43.33 -17.75
C ILE B 44 -1.26 -42.58 -18.46
N LEU B 45 -2.52 -42.91 -18.15
CA LEU B 45 -3.63 -42.21 -18.73
C LEU B 45 -3.71 -40.84 -18.09
N ASP B 46 -3.68 -39.76 -18.89
CA ASP B 46 -3.75 -38.42 -18.34
C ASP B 46 -5.18 -37.92 -18.20
N LEU B 47 -5.65 -37.88 -16.95
CA LEU B 47 -6.92 -37.27 -16.64
C LEU B 47 -6.76 -35.89 -16.08
N SER B 48 -5.51 -35.41 -16.02
CA SER B 48 -5.21 -34.06 -15.56
C SER B 48 -5.09 -33.03 -16.65
N GLY B 49 -4.68 -33.45 -17.84
CA GLY B 49 -4.41 -32.50 -18.91
C GLY B 49 -3.36 -31.48 -18.52
N SER B 50 -2.43 -31.89 -17.66
CA SER B 50 -1.41 -31.01 -17.08
C SER B 50 -2.05 -29.76 -16.46
N ALA B 51 -3.25 -29.95 -15.88
CA ALA B 51 -4.15 -28.94 -15.33
C ALA B 51 -5.03 -28.14 -16.33
N GLY B 52 -4.98 -28.48 -17.62
CA GLY B 52 -5.74 -27.66 -18.61
C GLY B 52 -4.99 -27.38 -19.93
N PRO B 53 -3.68 -27.10 -19.85
CA PRO B 53 -2.95 -26.77 -21.10
C PRO B 53 -3.08 -27.77 -22.23
N ALA B 54 -2.99 -29.06 -21.92
CA ALA B 54 -3.03 -30.13 -22.92
C ALA B 54 -4.47 -30.43 -23.41
N ALA B 55 -5.14 -29.42 -23.98
CA ALA B 55 -6.50 -29.57 -24.54
C ALA B 55 -6.61 -30.66 -25.57
N LEU B 56 -5.56 -30.79 -26.39
CA LEU B 56 -5.57 -31.76 -27.47
C LEU B 56 -4.62 -32.90 -27.19
N GLY B 57 -4.27 -33.10 -25.93
CA GLY B 57 -3.40 -34.24 -25.55
C GLY B 57 -1.98 -33.87 -25.93
N TYR B 58 -1.16 -34.89 -26.11
CA TYR B 58 0.29 -34.78 -26.33
C TYR B 58 0.70 -35.27 -27.72
N GLY B 59 1.45 -34.44 -28.44
CA GLY B 59 1.89 -34.77 -29.76
C GLY B 59 0.80 -34.69 -30.79
N HIS B 60 -0.21 -33.87 -30.54
CA HIS B 60 -1.31 -33.76 -31.49
C HIS B 60 -0.82 -33.15 -32.80
N PRO B 61 -1.17 -33.78 -33.94
CA PRO B 61 -0.60 -33.36 -35.21
C PRO B 61 -0.90 -31.92 -35.60
N ALA B 62 -2.03 -31.36 -35.21
CA ALA B 62 -2.31 -29.93 -35.59
C ALA B 62 -1.38 -28.94 -34.85
N ILE B 63 -1.14 -29.18 -33.55
CA ILE B 63 -0.19 -28.36 -32.77
C ILE B 63 1.26 -28.60 -33.23
N VAL B 64 1.65 -29.86 -33.38
CA VAL B 64 2.97 -30.20 -33.89
C VAL B 64 3.24 -29.48 -35.25
N GLU B 65 2.26 -29.51 -36.16
CA GLU B 65 2.45 -28.89 -37.48
C GLU B 65 2.65 -27.39 -37.30
N ALA B 66 1.74 -26.75 -36.56
CA ALA B 66 1.83 -25.28 -36.34
C ALA B 66 3.17 -24.88 -35.76
N VAL B 67 3.64 -25.61 -34.75
CA VAL B 67 4.91 -25.37 -34.09
C VAL B 67 6.10 -25.60 -35.00
N GLU B 68 6.08 -26.70 -35.74
CA GLU B 68 7.12 -26.99 -36.75
C GLU B 68 7.30 -25.86 -37.74
N LYS B 69 6.21 -25.48 -38.41
CA LYS B 69 6.26 -24.40 -39.40
C LYS B 69 6.84 -23.15 -38.77
N SER B 70 6.23 -22.73 -37.67
CA SER B 70 6.61 -21.49 -37.01
C SER B 70 8.06 -21.46 -36.50
N VAL B 71 8.56 -22.55 -35.91
CA VAL B 71 9.92 -22.55 -35.43
C VAL B 71 10.95 -22.63 -36.53
N ARG B 72 10.63 -23.30 -37.63
CA ARG B 72 11.56 -23.37 -38.75
C ARG B 72 11.70 -22.08 -39.49
N ASP B 73 10.63 -21.31 -39.54
CA ASP B 73 10.60 -20.03 -40.25
C ASP B 73 9.96 -19.06 -39.24
N MET B 74 10.77 -18.45 -38.38
CA MET B 74 10.22 -17.75 -37.19
C MET B 74 10.08 -16.27 -37.46
N ALA B 75 8.88 -15.76 -37.45
CA ALA B 75 8.58 -14.38 -37.81
C ALA B 75 8.82 -13.44 -36.60
N GLY B 76 10.09 -13.31 -36.25
CA GLY B 76 10.51 -12.62 -35.03
C GLY B 76 10.18 -13.38 -33.75
N ALA B 77 10.36 -12.72 -32.60
CA ALA B 77 10.06 -13.36 -31.30
C ALA B 77 9.51 -12.35 -30.31
N SER B 78 8.87 -11.29 -30.82
CA SER B 78 8.35 -10.24 -29.99
C SER B 78 7.28 -9.47 -30.74
N LEU B 79 6.03 -9.66 -30.32
CA LEU B 79 4.90 -8.91 -30.87
C LEU B 79 4.97 -7.41 -30.51
N LEU B 80 5.61 -7.06 -29.39
CA LEU B 80 5.71 -5.63 -29.00
C LEU B 80 6.55 -4.87 -30.05
N LEU B 81 7.58 -5.53 -30.55
CA LEU B 81 8.41 -4.95 -31.58
C LEU B 81 7.80 -5.10 -33.00
N TYR B 82 7.35 -6.32 -33.31
CA TYR B 82 7.01 -6.70 -34.69
C TYR B 82 5.71 -7.50 -34.77
N PRO B 83 4.66 -6.95 -35.43
CA PRO B 83 3.55 -7.78 -35.84
C PRO B 83 4.02 -9.03 -36.53
N ASN B 84 3.41 -10.16 -36.23
CA ASN B 84 3.64 -11.36 -36.99
C ASN B 84 2.29 -11.99 -37.36
N GLU B 85 2.30 -12.77 -38.42
CA GLU B 85 1.04 -13.34 -39.00
C GLU B 85 0.26 -14.21 -38.01
N ALA B 86 0.99 -15.05 -37.27
CA ALA B 86 0.39 -16.01 -36.35
C ALA B 86 -0.37 -15.28 -35.21
N ALA B 87 0.27 -14.26 -34.62
CA ALA B 87 -0.36 -13.53 -33.53
C ALA B 87 -1.54 -12.70 -33.99
N VAL B 88 -1.36 -12.00 -35.11
CA VAL B 88 -2.49 -11.22 -35.63
C VAL B 88 -3.68 -12.13 -35.98
N SER B 89 -3.41 -13.26 -36.63
CA SER B 89 -4.50 -14.17 -37.06
C SER B 89 -5.21 -14.79 -35.85
N LEU B 90 -4.43 -15.16 -34.82
CA LEU B 90 -5.01 -15.69 -33.54
C LEU B 90 -5.87 -14.64 -32.86
N ALA B 91 -5.40 -13.40 -32.82
CA ALA B 91 -6.25 -12.32 -32.28
C ALA B 91 -7.59 -12.21 -33.05
N GLU B 92 -7.50 -12.32 -34.37
CA GLU B 92 -8.69 -12.37 -35.25
C GLU B 92 -9.60 -13.58 -34.92
N ASP B 93 -9.00 -14.76 -34.75
CA ASP B 93 -9.78 -15.93 -34.33
C ASP B 93 -10.49 -15.69 -33.00
N LEU B 94 -9.77 -15.14 -32.01
CA LEU B 94 -10.34 -14.97 -30.69
C LEU B 94 -11.49 -13.99 -30.71
N LEU B 95 -11.34 -12.94 -31.50
CA LEU B 95 -12.43 -11.96 -31.59
C LEU B 95 -13.63 -12.56 -32.28
N ARG B 96 -13.38 -13.41 -33.28
CA ARG B 96 -14.45 -14.04 -34.04
C ARG B 96 -15.27 -15.02 -33.20
N ILE B 97 -14.59 -15.85 -32.38
CA ILE B 97 -15.27 -16.89 -31.58
C ILE B 97 -15.82 -16.41 -30.25
N THR B 98 -15.52 -15.17 -29.89
CA THR B 98 -15.93 -14.68 -28.61
C THR B 98 -16.96 -13.56 -28.78
N PRO B 99 -18.30 -13.71 -28.28
CA PRO B 99 -19.67 -12.76 -28.19
C PRO B 99 -19.01 -11.65 -27.37
N GLY B 100 -19.13 -10.42 -27.83
CA GLY B 100 -18.58 -9.30 -27.07
C GLY B 100 -19.44 -8.08 -27.25
N ASN B 101 -19.40 -7.14 -26.31
CA ASN B 101 -20.20 -5.91 -26.48
C ASN B 101 -19.28 -4.75 -26.85
N GLY B 102 -19.30 -4.31 -28.12
CA GLY B 102 -18.50 -3.14 -28.50
C GLY B 102 -17.17 -3.51 -29.11
N GLU B 103 -16.53 -2.55 -29.79
CA GLU B 103 -15.20 -2.72 -30.42
C GLU B 103 -14.20 -3.22 -29.38
N ARG B 104 -13.34 -4.16 -29.74
CA ARG B 104 -12.43 -4.79 -28.75
C ARG B 104 -11.02 -4.96 -29.31
N ARG B 105 -10.09 -5.26 -28.42
CA ARG B 105 -8.72 -5.62 -28.80
C ARG B 105 -8.16 -6.74 -27.90
N VAL B 106 -7.04 -7.29 -28.35
CA VAL B 106 -6.44 -8.49 -27.78
C VAL B 106 -5.00 -8.19 -27.40
N TRP B 107 -4.66 -8.58 -26.17
CA TRP B 107 -3.32 -8.52 -25.62
C TRP B 107 -2.96 -9.97 -25.34
N PHE B 108 -1.70 -10.32 -25.59
CA PHE B 108 -1.17 -11.66 -25.34
C PHE B 108 -0.15 -11.67 -24.23
N GLY B 109 -0.07 -12.80 -23.56
CA GLY B 109 0.89 -12.99 -22.51
C GLY B 109 1.21 -14.45 -22.48
N HIS B 110 1.82 -14.90 -21.39
CA HIS B 110 2.30 -16.26 -21.26
C HIS B 110 1.46 -17.16 -20.35
N SER B 111 0.63 -16.59 -19.48
CA SER B 111 0.01 -17.38 -18.42
C SER B 111 -1.27 -16.74 -17.91
N GLY B 112 -2.11 -17.55 -17.25
CA GLY B 112 -3.28 -17.00 -16.62
C GLY B 112 -2.91 -15.89 -15.62
N SER B 113 -1.83 -16.10 -14.88
CA SER B 113 -1.34 -15.12 -13.91
C SER B 113 -0.95 -13.79 -14.55
N ASP B 114 -0.19 -13.81 -15.64
CA ASP B 114 0.20 -12.55 -16.23
C ASP B 114 -0.99 -11.85 -16.93
N ALA B 115 -1.94 -12.64 -17.47
CA ALA B 115 -3.15 -12.06 -18.07
C ALA B 115 -4.06 -11.40 -17.05
N ASN B 116 -4.22 -12.01 -15.88
CA ASN B 116 -5.04 -11.33 -14.86
C ASN B 116 -4.35 -10.10 -14.23
N ASP B 117 -3.01 -10.16 -14.18
CA ASP B 117 -2.15 -9.05 -13.72
C ASP B 117 -2.37 -7.86 -14.69
N CYS B 118 -2.32 -8.16 -15.98
CA CYS B 118 -2.61 -7.17 -17.01
C CYS B 118 -3.99 -6.58 -16.85
N ALA B 119 -4.97 -7.48 -16.71
CA ALA B 119 -6.34 -7.09 -16.61
C ALA B 119 -6.56 -6.08 -15.48
N VAL B 120 -6.07 -6.44 -14.30
CA VAL B 120 -6.27 -5.57 -13.18
C VAL B 120 -5.55 -4.24 -13.35
N ARG B 121 -4.36 -4.27 -13.95
CA ARG B 121 -3.61 -3.02 -14.16
C ARG B 121 -4.34 -2.10 -15.14
N VAL B 122 -4.87 -2.65 -16.24
CA VAL B 122 -5.48 -1.82 -17.28
C VAL B 122 -6.89 -1.37 -16.92
N LEU B 123 -7.65 -2.23 -16.26
CA LEU B 123 -8.99 -1.87 -15.84
C LEU B 123 -9.00 -0.71 -14.82
N THR B 124 -8.20 -0.83 -13.75
CA THR B 124 -8.09 0.28 -12.80
C THR B 124 -7.55 1.53 -13.48
N ALA B 125 -6.53 1.41 -14.33
CA ALA B 125 -5.93 2.59 -14.95
C ALA B 125 -6.91 3.27 -15.91
N ALA B 126 -7.53 2.48 -16.79
CA ALA B 126 -8.43 3.01 -17.82
C ALA B 126 -9.72 3.61 -17.24
N THR B 127 -10.31 2.92 -16.26
CA THR B 127 -11.58 3.33 -15.66
C THR B 127 -11.44 4.47 -14.65
N LYS B 128 -10.22 4.63 -14.14
CA LYS B 128 -9.89 5.50 -13.01
C LYS B 128 -10.72 5.15 -11.77
N ARG B 129 -11.03 3.87 -11.62
CA ARG B 129 -11.71 3.38 -10.43
C ARG B 129 -10.79 2.31 -9.82
N SER B 130 -10.77 2.24 -8.50
CA SER B 130 -9.67 1.56 -7.81
C SER B 130 -10.10 0.25 -7.18
N ARG B 131 -11.41 0.08 -6.97
CA ARG B 131 -11.92 -1.11 -6.29
C ARG B 131 -12.23 -2.22 -7.29
N ILE B 132 -12.19 -3.43 -6.74
CA ILE B 132 -12.39 -4.62 -7.50
C ILE B 132 -13.31 -5.60 -6.72
N ILE B 133 -14.27 -6.23 -7.38
CA ILE B 133 -15.07 -7.31 -6.78
C ILE B 133 -14.57 -8.68 -7.20
N SER B 134 -14.35 -9.53 -6.21
CA SER B 134 -13.85 -10.86 -6.53
C SER B 134 -14.45 -11.81 -5.55
N PHE B 135 -14.20 -13.12 -5.70
CA PHE B 135 -14.88 -14.12 -4.88
C PHE B 135 -13.93 -14.89 -3.97
N ILE B 136 -14.42 -15.15 -2.78
CA ILE B 136 -13.76 -16.04 -1.82
C ILE B 136 -13.53 -17.38 -2.50
N GLY B 137 -12.28 -17.81 -2.49
CA GLY B 137 -11.86 -19.09 -3.10
C GLY B 137 -11.46 -18.96 -4.57
N SER B 138 -11.60 -17.77 -5.17
CA SER B 138 -11.25 -17.57 -6.55
C SER B 138 -9.77 -17.71 -6.74
N TYR B 139 -9.34 -18.23 -7.87
CA TYR B 139 -7.94 -18.31 -8.22
C TYR B 139 -7.73 -17.63 -9.57
N HIS B 140 -7.21 -16.41 -9.54
CA HIS B 140 -6.90 -15.67 -10.76
C HIS B 140 -5.39 -15.67 -11.14
N GLY B 141 -4.54 -16.17 -10.23
CA GLY B 141 -3.12 -16.36 -10.54
C GLY B 141 -2.23 -16.28 -9.33
N ASN B 142 -0.93 -16.46 -9.55
CA ASN B 142 0.03 -16.50 -8.48
C ASN B 142 1.18 -15.55 -8.67
N LEU B 143 0.99 -14.52 -9.51
CA LEU B 143 1.92 -13.41 -9.55
C LEU B 143 1.34 -12.29 -8.68
N THR B 144 2.18 -11.33 -8.36
CA THR B 144 1.81 -10.30 -7.40
C THR B 144 0.45 -9.68 -7.71
N GLY B 145 0.26 -9.16 -8.92
CA GLY B 145 -0.96 -8.40 -9.27
C GLY B 145 -2.20 -9.29 -9.40
N SER B 146 -2.05 -10.46 -10.01
CA SER B 146 -3.15 -11.42 -10.12
C SER B 146 -3.47 -12.13 -8.80
N MET B 147 -2.47 -12.48 -8.00
CA MET B 147 -2.73 -13.01 -6.63
C MET B 147 -3.48 -12.00 -5.76
N GLY B 148 -3.13 -10.71 -5.88
CA GLY B 148 -3.82 -9.63 -5.17
C GLY B 148 -5.34 -9.56 -5.24
N ILE B 149 -5.92 -10.12 -6.32
CA ILE B 149 -7.35 -10.08 -6.49
C ILE B 149 -7.98 -11.45 -6.25
N SER B 150 -7.17 -12.45 -5.94
CA SER B 150 -7.65 -13.80 -5.69
C SER B 150 -8.13 -13.98 -4.24
N GLY B 151 -9.00 -14.95 -4.03
CA GLY B 151 -9.55 -15.21 -2.72
C GLY B 151 -9.18 -16.59 -2.21
N HIS B 152 -8.27 -17.29 -2.88
CA HIS B 152 -8.06 -18.69 -2.50
C HIS B 152 -7.21 -18.78 -1.24
N THR B 153 -7.48 -19.83 -0.48
CA THR B 153 -6.84 -20.08 0.82
C THR B 153 -5.32 -20.25 0.73
N ALA B 154 -4.83 -20.72 -0.39
CA ALA B 154 -3.39 -21.01 -0.53
C ALA B 154 -2.53 -19.72 -0.62
N MET B 155 -3.15 -18.57 -0.91
CA MET B 155 -2.44 -17.29 -1.02
C MET B 155 -2.70 -16.31 0.15
N THR B 156 -3.20 -16.84 1.27
CA THR B 156 -3.38 -16.02 2.48
C THR B 156 -2.08 -15.66 3.23
N HIS B 157 -0.91 -16.16 2.79
CA HIS B 157 0.38 -15.65 3.30
C HIS B 157 0.60 -14.18 2.92
N THR B 158 -0.22 -13.61 2.05
CA THR B 158 0.01 -12.26 1.54
C THR B 158 -1.33 -11.53 1.50
N LEU B 159 -1.36 -10.29 1.96
CA LEU B 159 -2.62 -9.52 2.03
C LEU B 159 -3.18 -9.22 0.67
N PRO B 160 -4.49 -9.07 0.57
CA PRO B 160 -5.06 -8.70 -0.72
C PRO B 160 -4.68 -7.29 -1.15
N ARG B 161 -4.77 -7.06 -2.45
CA ARG B 161 -4.73 -5.74 -3.02
C ARG B 161 -5.72 -4.89 -2.24
N PRO B 162 -5.34 -3.67 -1.83
CA PRO B 162 -6.34 -2.76 -1.20
C PRO B 162 -7.51 -2.42 -2.13
N GLY B 163 -8.73 -2.35 -1.58
CA GLY B 163 -9.91 -2.06 -2.39
C GLY B 163 -10.58 -3.28 -2.99
N VAL B 164 -10.18 -4.48 -2.59
CA VAL B 164 -10.80 -5.69 -3.10
C VAL B 164 -11.95 -6.07 -2.16
N LEU B 165 -13.16 -6.21 -2.71
CA LEU B 165 -14.29 -6.78 -1.97
C LEU B 165 -14.41 -8.26 -2.31
N LEU B 166 -14.21 -9.11 -1.31
CA LEU B 166 -14.32 -10.56 -1.49
C LEU B 166 -15.68 -11.08 -1.03
N LEU B 167 -16.45 -11.71 -1.93
CA LEU B 167 -17.78 -12.25 -1.63
C LEU B 167 -17.72 -13.77 -1.58
N PRO B 168 -18.63 -14.39 -0.81
CA PRO B 168 -18.79 -15.84 -0.93
C PRO B 168 -19.34 -16.20 -2.31
N TYR B 169 -18.86 -17.31 -2.87
CA TYR B 169 -19.38 -17.83 -4.14
C TYR B 169 -20.43 -18.87 -3.77
N PRO B 170 -21.67 -18.63 -4.20
CA PRO B 170 -22.78 -19.53 -3.85
C PRO B 170 -22.58 -20.96 -4.37
N ASP B 171 -22.64 -21.91 -3.46
CA ASP B 171 -22.31 -23.31 -3.71
C ASP B 171 -23.57 -24.15 -3.44
N PRO B 172 -24.18 -24.68 -4.51
CA PRO B 172 -25.41 -25.45 -4.36
C PRO B 172 -25.25 -26.72 -3.53
N PHE B 173 -24.07 -27.34 -3.53
CA PHE B 173 -23.83 -28.56 -2.74
C PHE B 173 -23.70 -28.25 -1.21
N ARG B 174 -23.09 -27.10 -0.89
CA ARG B 174 -22.95 -26.67 0.51
C ARG B 174 -23.54 -25.27 0.60
N PRO B 175 -24.87 -25.19 0.68
CA PRO B 175 -25.53 -23.90 0.45
C PRO B 175 -25.59 -23.05 1.71
N ARG B 176 -24.44 -22.75 2.28
CA ARG B 176 -24.36 -21.74 3.30
C ARG B 176 -24.80 -20.34 2.79
N PHE B 177 -24.55 -20.02 1.54
CA PHE B 177 -24.93 -18.70 1.02
C PHE B 177 -25.67 -18.86 -0.29
N SER B 178 -26.94 -18.55 -0.27
CA SER B 178 -27.75 -18.68 -1.47
C SER B 178 -27.31 -17.60 -2.43
N ALA B 179 -27.70 -17.73 -3.69
CA ALA B 179 -27.51 -16.64 -4.66
C ALA B 179 -28.01 -15.29 -4.14
N GLU B 180 -29.19 -15.34 -3.52
CA GLU B 180 -29.91 -14.16 -3.11
C GLU B 180 -29.21 -13.48 -1.93
N ALA B 181 -28.67 -14.30 -1.00
CA ALA B 181 -27.86 -13.84 0.12
C ALA B 181 -26.59 -13.10 -0.36
N VAL B 182 -25.98 -13.62 -1.41
CA VAL B 182 -24.77 -13.00 -1.91
C VAL B 182 -25.13 -11.71 -2.63
N LEU B 183 -26.18 -11.72 -3.45
CA LEU B 183 -26.58 -10.46 -4.11
C LEU B 183 -27.01 -9.40 -3.08
N GLU B 184 -27.60 -9.85 -1.99
CA GLU B 184 -28.02 -8.94 -0.94
C GLU B 184 -26.79 -8.32 -0.28
N LEU B 185 -25.82 -9.16 0.03
CA LEU B 185 -24.58 -8.72 0.67
C LEU B 185 -23.86 -7.72 -0.21
N LEU B 186 -23.82 -7.98 -1.51
CA LEU B 186 -23.23 -7.03 -2.48
C LEU B 186 -24.01 -5.71 -2.48
N ASP B 187 -25.34 -5.79 -2.47
CA ASP B 187 -26.16 -4.59 -2.54
C ASP B 187 -25.83 -3.75 -1.33
N TYR B 188 -25.64 -4.40 -0.19
CA TYR B 188 -25.36 -3.69 1.07
C TYR B 188 -23.99 -2.99 1.03
N HIS B 189 -22.97 -3.67 0.52
CA HIS B 189 -21.70 -3.04 0.30
C HIS B 189 -21.85 -1.85 -0.64
N PHE B 190 -22.55 -2.02 -1.75
CA PHE B 190 -22.76 -0.91 -2.67
C PHE B 190 -23.42 0.28 -2.01
N ALA B 191 -24.35 0.04 -1.08
CA ALA B 191 -25.04 1.14 -0.42
C ALA B 191 -24.19 1.86 0.64
N THR B 192 -23.09 1.24 1.08
CA THR B 192 -22.34 1.70 2.21
C THR B 192 -20.86 1.91 1.85
N SER B 193 -20.03 0.93 2.21
CA SER B 193 -18.57 1.09 2.25
C SER B 193 -17.87 0.83 0.90
N CYS B 194 -18.58 0.23 -0.06
CA CYS B 194 -18.03 0.00 -1.40
C CYS B 194 -18.90 0.67 -2.49
N PRO B 195 -18.81 2.01 -2.64
CA PRO B 195 -19.62 2.67 -3.69
C PRO B 195 -19.35 2.12 -5.11
N PRO B 196 -20.42 1.72 -5.82
CA PRO B 196 -20.15 0.98 -7.06
C PRO B 196 -19.53 1.82 -8.17
N GLU B 197 -19.68 3.13 -8.11
CA GLU B 197 -19.03 4.01 -9.10
C GLU B 197 -17.48 4.01 -8.91
N GLN B 198 -17.03 3.53 -7.76
CA GLN B 198 -15.60 3.40 -7.49
C GLN B 198 -15.06 2.00 -7.76
N VAL B 199 -15.90 1.10 -8.27
CA VAL B 199 -15.49 -0.27 -8.60
C VAL B 199 -15.18 -0.38 -10.06
N ALA B 200 -13.91 -0.65 -10.43
CA ALA B 200 -13.51 -0.86 -11.84
C ALA B 200 -14.19 -2.07 -12.48
N ALA B 201 -14.18 -3.19 -11.76
CA ALA B 201 -14.52 -4.47 -12.39
C ALA B 201 -14.94 -5.50 -11.37
N VAL B 202 -15.63 -6.51 -11.89
CA VAL B 202 -15.92 -7.69 -11.11
C VAL B 202 -15.31 -8.86 -11.85
N PHE B 203 -14.63 -9.74 -11.11
CA PHE B 203 -13.97 -10.88 -11.71
C PHE B 203 -14.75 -12.12 -11.36
N ILE B 204 -15.06 -12.92 -12.36
CA ILE B 204 -15.94 -14.07 -12.26
C ILE B 204 -15.26 -15.30 -12.85
N GLU B 205 -15.10 -16.33 -12.04
CA GLU B 205 -14.85 -17.63 -12.56
C GLU B 205 -16.25 -18.24 -12.83
N PRO B 206 -16.50 -18.71 -14.06
CA PRO B 206 -17.85 -19.20 -14.34
C PRO B 206 -18.09 -20.58 -13.70
N ILE B 207 -17.02 -21.26 -13.36
CA ILE B 207 -17.03 -22.42 -12.46
C ILE B 207 -15.84 -22.21 -11.53
N LEU B 208 -16.09 -22.21 -10.23
CA LEU B 208 -15.04 -21.88 -9.29
C LEU B 208 -14.12 -23.10 -9.30
N SER B 209 -12.98 -22.93 -9.97
CA SER B 209 -11.97 -23.99 -10.18
C SER B 209 -11.33 -24.57 -8.93
N ASP B 210 -10.25 -23.97 -8.47
CA ASP B 210 -9.56 -24.41 -7.27
C ASP B 210 -10.42 -24.32 -6.00
N GLY B 211 -11.42 -23.43 -6.03
CA GLY B 211 -12.47 -23.44 -5.01
C GLY B 211 -13.17 -24.78 -4.82
N GLY B 212 -13.16 -25.64 -5.84
CA GLY B 212 -13.76 -26.98 -5.78
C GLY B 212 -14.68 -27.40 -6.94
N LEU B 213 -14.42 -26.84 -8.11
CA LEU B 213 -15.23 -27.08 -9.26
C LEU B 213 -16.72 -26.84 -8.97
N VAL B 214 -17.01 -25.66 -8.44
CA VAL B 214 -18.34 -25.31 -8.05
C VAL B 214 -19.05 -24.58 -9.19
N VAL B 215 -20.08 -25.24 -9.73
CA VAL B 215 -20.99 -24.57 -10.65
C VAL B 215 -21.97 -23.78 -9.82
N PRO B 216 -22.06 -22.46 -10.09
CA PRO B 216 -22.97 -21.63 -9.33
C PRO B 216 -24.42 -21.97 -9.61
N PRO B 217 -25.35 -21.54 -8.74
CA PRO B 217 -26.76 -21.81 -9.01
C PRO B 217 -27.23 -21.03 -10.23
N PRO B 218 -28.17 -21.60 -10.99
CA PRO B 218 -28.62 -20.97 -12.23
C PRO B 218 -29.07 -19.55 -12.05
N ALA B 219 -28.70 -18.68 -12.98
CA ALA B 219 -29.10 -17.28 -12.99
C ALA B 219 -28.35 -16.34 -12.00
N PHE B 220 -27.58 -16.88 -11.04
CA PHE B 220 -26.76 -16.04 -10.17
C PHE B 220 -25.79 -15.12 -10.92
N LEU B 221 -24.96 -15.68 -11.80
CA LEU B 221 -23.95 -14.91 -12.47
C LEU B 221 -24.52 -13.84 -13.41
N GLU B 222 -25.67 -14.11 -14.01
CA GLU B 222 -26.35 -13.07 -14.78
C GLU B 222 -26.91 -11.98 -13.87
N ALA B 223 -27.49 -12.36 -12.74
CA ALA B 223 -28.00 -11.36 -11.80
C ALA B 223 -26.85 -10.47 -11.27
N LEU B 224 -25.71 -11.10 -10.99
CA LEU B 224 -24.46 -10.40 -10.60
C LEU B 224 -23.98 -9.40 -11.63
N GLN B 225 -23.88 -9.87 -12.87
CA GLN B 225 -23.53 -9.00 -14.00
C GLN B 225 -24.45 -7.75 -14.07
N ASP B 226 -25.76 -7.98 -13.95
CA ASP B 226 -26.73 -6.90 -14.11
C ASP B 226 -26.63 -5.90 -12.96
N ARG B 227 -26.41 -6.41 -11.75
CA ARG B 227 -26.18 -5.57 -10.57
C ARG B 227 -24.98 -4.67 -10.77
N CYS B 228 -23.92 -5.23 -11.40
CA CYS B 228 -22.66 -4.52 -11.62
C CYS B 228 -22.73 -3.57 -12.80
N ARG B 229 -23.29 -4.04 -13.89
CA ARG B 229 -23.31 -3.29 -15.14
C ARG B 229 -24.13 -2.01 -15.05
N LYS B 230 -25.23 -2.07 -14.32
CA LYS B 230 -26.00 -0.89 -13.92
C LYS B 230 -25.12 0.31 -13.51
N HIS B 231 -24.01 0.05 -12.80
CA HIS B 231 -23.18 1.17 -12.33
C HIS B 231 -21.94 1.38 -13.17
N GLY B 232 -21.88 0.78 -14.35
CA GLY B 232 -20.72 0.89 -15.22
C GLY B 232 -19.55 0.03 -14.79
N ILE B 233 -19.74 -0.84 -13.79
CA ILE B 233 -18.66 -1.76 -13.40
C ILE B 233 -18.46 -2.75 -14.56
N LEU B 234 -17.23 -2.93 -14.98
CA LEU B 234 -16.96 -3.81 -16.11
C LEU B 234 -16.95 -5.26 -15.66
N VAL B 235 -17.39 -6.17 -16.52
CA VAL B 235 -17.59 -7.56 -16.16
C VAL B 235 -16.50 -8.36 -16.82
N VAL B 236 -15.72 -9.07 -15.99
CA VAL B 236 -14.57 -9.81 -16.45
C VAL B 236 -14.81 -11.29 -16.15
N VAL B 237 -14.86 -12.13 -17.18
CA VAL B 237 -14.89 -13.58 -16.99
C VAL B 237 -13.51 -14.19 -17.23
N ASP B 238 -13.02 -14.91 -16.22
CA ASP B 238 -11.84 -15.77 -16.30
C ASP B 238 -12.16 -17.16 -16.88
N GLU B 239 -11.84 -17.35 -18.14
CA GLU B 239 -12.07 -18.60 -18.82
C GLU B 239 -10.81 -19.45 -18.87
N VAL B 240 -9.81 -19.14 -18.04
CA VAL B 240 -8.51 -19.78 -18.17
C VAL B 240 -8.61 -21.28 -17.90
N LYS B 241 -9.45 -21.67 -16.96
CA LYS B 241 -9.48 -23.10 -16.55
C LYS B 241 -10.46 -23.95 -17.31
N VAL B 242 -11.66 -23.44 -17.51
CA VAL B 242 -12.73 -24.22 -18.13
C VAL B 242 -13.10 -23.69 -19.51
N GLY B 243 -12.25 -22.85 -20.07
CA GLY B 243 -12.51 -22.28 -21.40
C GLY B 243 -12.30 -23.23 -22.57
N LEU B 244 -12.72 -22.72 -23.72
CA LEU B 244 -12.43 -23.29 -25.03
C LEU B 244 -12.89 -24.77 -25.24
N GLY B 245 -14.21 -24.96 -25.21
CA GLY B 245 -14.81 -26.22 -25.62
C GLY B 245 -15.08 -27.20 -24.49
N ARG B 246 -14.31 -27.10 -23.41
CA ARG B 246 -14.33 -28.15 -22.38
C ARG B 246 -15.70 -28.36 -21.72
N THR B 247 -16.43 -27.27 -21.50
CA THR B 247 -17.73 -27.37 -20.84
C THR B 247 -18.91 -27.72 -21.77
N GLY B 248 -18.63 -28.07 -23.05
CA GLY B 248 -19.70 -28.40 -23.99
C GLY B 248 -20.22 -27.19 -24.80
N LEU B 249 -19.78 -25.98 -24.47
CA LEU B 249 -19.97 -24.84 -25.35
C LEU B 249 -18.57 -24.22 -25.51
N MET B 250 -18.41 -23.28 -26.43
CA MET B 250 -17.06 -22.80 -26.72
C MET B 250 -16.52 -22.16 -25.43
N HIS B 251 -17.36 -21.35 -24.78
CA HIS B 251 -16.99 -20.63 -23.57
C HIS B 251 -17.94 -21.01 -22.47
N CYS B 252 -17.39 -21.21 -21.27
CA CYS B 252 -18.20 -21.58 -20.11
C CYS B 252 -19.20 -20.48 -19.78
N PHE B 253 -18.84 -19.22 -19.98
CA PHE B 253 -19.85 -18.15 -19.73
C PHE B 253 -21.09 -18.23 -20.63
N GLN B 254 -21.01 -18.93 -21.74
CA GLN B 254 -22.20 -19.10 -22.62
C GLN B 254 -23.32 -19.92 -21.96
N HIS B 255 -22.99 -20.78 -20.97
CA HIS B 255 -23.98 -21.48 -20.21
C HIS B 255 -24.71 -20.54 -19.27
N GLU B 256 -24.11 -19.39 -18.97
CA GLU B 256 -24.53 -18.67 -17.80
C GLU B 256 -25.22 -17.34 -18.12
N GLY B 257 -25.47 -17.12 -19.40
CA GLY B 257 -26.21 -15.95 -19.84
C GLY B 257 -25.42 -14.67 -19.72
N LEU B 258 -24.09 -14.77 -19.69
CA LEU B 258 -23.20 -13.61 -19.47
C LEU B 258 -22.77 -12.98 -20.79
N GLU B 259 -22.65 -11.66 -20.79
CA GLU B 259 -22.15 -10.88 -21.95
C GLU B 259 -21.01 -10.06 -21.39
N PRO B 260 -19.85 -10.70 -21.13
CA PRO B 260 -18.74 -10.04 -20.49
C PRO B 260 -18.12 -8.90 -21.29
N ASP B 261 -17.54 -7.93 -20.59
CA ASP B 261 -16.77 -6.82 -21.18
C ASP B 261 -15.34 -7.26 -21.48
N MET B 262 -14.89 -8.34 -20.82
CA MET B 262 -13.51 -8.72 -20.92
C MET B 262 -13.46 -10.19 -20.53
N VAL B 263 -12.66 -10.94 -21.26
CA VAL B 263 -12.53 -12.36 -21.06
C VAL B 263 -11.06 -12.65 -20.98
N VAL B 264 -10.66 -13.48 -20.01
CA VAL B 264 -9.26 -13.88 -19.88
C VAL B 264 -9.10 -15.36 -20.25
N PHE B 265 -8.12 -15.64 -21.10
CA PHE B 265 -7.83 -17.01 -21.60
C PHE B 265 -6.42 -17.45 -21.21
N GLY B 266 -6.25 -18.76 -21.05
CA GLY B 266 -4.94 -19.27 -20.77
C GLY B 266 -4.95 -20.79 -20.86
N LYS B 267 -4.07 -21.38 -20.08
CA LYS B 267 -3.93 -22.83 -20.03
C LYS B 267 -4.10 -23.50 -21.38
N GLY B 268 -5.26 -24.07 -21.63
CA GLY B 268 -5.47 -24.84 -22.86
C GLY B 268 -5.35 -24.07 -24.18
N LEU B 269 -5.52 -22.75 -24.13
CA LEU B 269 -5.30 -21.90 -25.31
C LEU B 269 -4.00 -22.22 -26.06
N GLY B 270 -2.95 -22.52 -25.29
CA GLY B 270 -1.65 -22.81 -25.84
C GLY B 270 -1.40 -24.24 -26.25
N GLY B 271 -2.27 -25.15 -25.87
CA GLY B 271 -2.14 -26.52 -26.29
C GLY B 271 -0.91 -27.21 -25.77
N GLY B 272 -0.35 -26.68 -24.68
CA GLY B 272 0.88 -27.24 -24.08
C GLY B 272 2.05 -26.28 -24.19
N LEU B 273 1.87 -25.19 -24.94
CA LEU B 273 2.84 -24.10 -24.98
C LEU B 273 2.29 -22.93 -24.17
N PRO B 274 3.18 -22.06 -23.65
CA PRO B 274 2.67 -21.01 -22.78
C PRO B 274 1.99 -19.91 -23.59
N LEU B 275 0.71 -19.69 -23.35
CA LEU B 275 -0.04 -18.65 -24.08
C LEU B 275 -1.25 -18.23 -23.27
N SER B 276 -1.44 -16.91 -23.14
CA SER B 276 -2.62 -16.37 -22.53
C SER B 276 -3.11 -15.15 -23.32
N ALA B 277 -4.29 -14.68 -23.01
CA ALA B 277 -4.82 -13.52 -23.72
C ALA B 277 -5.87 -12.83 -22.93
N VAL B 278 -6.00 -11.53 -23.18
CA VAL B 278 -7.04 -10.74 -22.61
C VAL B 278 -7.74 -10.11 -23.82
N VAL B 279 -9.05 -10.29 -23.87
CA VAL B 279 -9.88 -9.67 -24.90
C VAL B 279 -10.78 -8.71 -24.21
N GLY B 280 -10.65 -7.42 -24.55
CA GLY B 280 -11.41 -6.40 -23.86
C GLY B 280 -11.80 -5.21 -24.73
N PRO B 281 -12.58 -4.27 -24.16
CA PRO B 281 -13.03 -3.12 -25.00
C PRO B 281 -11.85 -2.32 -25.50
N GLN B 282 -11.93 -1.74 -26.69
CA GLN B 282 -10.78 -1.04 -27.23
C GLN B 282 -10.38 0.16 -26.37
N TRP B 283 -11.33 0.87 -25.79
CA TRP B 283 -10.99 2.07 -25.00
C TRP B 283 -10.19 1.71 -23.77
N VAL B 284 -10.30 0.47 -23.29
CA VAL B 284 -9.49 -0.02 -22.19
C VAL B 284 -8.15 -0.53 -22.70
N MET B 285 -8.18 -1.38 -23.71
CA MET B 285 -6.99 -2.09 -24.16
C MET B 285 -6.00 -1.18 -24.92
N ASP B 286 -6.48 0.00 -25.32
CA ASP B 286 -5.63 0.99 -25.98
C ASP B 286 -5.35 2.16 -25.00
N HIS B 287 -5.50 1.91 -23.71
CA HIS B 287 -5.41 2.96 -22.70
C HIS B 287 -4.14 3.77 -22.89
N ALA B 288 -3.00 3.09 -23.09
CA ALA B 288 -1.69 3.73 -23.30
C ALA B 288 -0.79 2.79 -24.03
N PRO B 289 0.11 3.31 -24.88
CA PRO B 289 1.12 2.44 -25.48
C PRO B 289 2.11 1.88 -24.47
N ALA B 290 2.65 0.71 -24.75
CA ALA B 290 3.78 0.24 -23.99
C ALA B 290 3.42 0.15 -22.50
N PHE B 291 2.16 -0.12 -22.19
CA PHE B 291 1.68 -0.11 -20.83
C PHE B 291 1.88 -1.47 -20.11
N VAL B 292 1.81 -2.58 -20.84
CA VAL B 292 2.02 -3.95 -20.29
C VAL B 292 2.84 -4.76 -21.30
N LEU B 293 4.16 -4.73 -21.13
CA LEU B 293 5.10 -5.28 -22.06
C LEU B 293 5.78 -6.48 -21.44
N GLN B 294 5.83 -7.54 -22.24
CA GLN B 294 6.65 -8.68 -21.97
C GLN B 294 7.22 -9.03 -23.32
N THR B 295 8.55 -9.11 -23.36
CA THR B 295 9.28 -9.18 -24.63
C THR B 295 8.76 -10.24 -25.60
N THR B 296 8.70 -11.51 -25.18
CA THR B 296 8.32 -12.59 -26.09
C THR B 296 6.84 -12.85 -26.19
N ALA B 297 6.00 -12.10 -25.48
CA ALA B 297 4.57 -12.26 -25.64
C ALA B 297 4.15 -12.07 -27.12
N GLY B 298 3.18 -12.86 -27.51
CA GLY B 298 2.70 -12.85 -28.88
C GLY B 298 3.72 -13.37 -29.85
N ASN B 299 4.66 -14.19 -29.37
CA ASN B 299 5.62 -14.78 -30.27
C ASN B 299 4.89 -15.74 -31.23
N PRO B 300 5.47 -15.95 -32.41
CA PRO B 300 4.76 -16.67 -33.48
C PRO B 300 4.64 -18.17 -33.24
N VAL B 301 5.52 -18.74 -32.43
CA VAL B 301 5.42 -20.17 -32.08
C VAL B 301 4.23 -20.47 -31.12
N ALA B 302 4.10 -19.74 -30.01
CA ALA B 302 2.98 -20.00 -29.08
C ALA B 302 1.64 -19.64 -29.74
N THR B 303 1.59 -18.50 -30.46
CA THR B 303 0.35 -18.10 -31.06
C THR B 303 -0.05 -19.04 -32.21
N ALA B 304 0.89 -19.55 -32.97
CA ALA B 304 0.57 -20.60 -33.93
C ALA B 304 -0.11 -21.80 -33.22
N ALA B 305 0.50 -22.31 -32.14
CA ALA B 305 -0.07 -23.45 -31.37
C ALA B 305 -1.50 -23.08 -30.98
N GLY B 306 -1.71 -21.84 -30.57
CA GLY B 306 -3.03 -21.37 -30.22
C GLY B 306 -4.05 -21.42 -31.38
N ARG B 307 -3.60 -21.02 -32.56
CA ARG B 307 -4.48 -21.11 -33.75
C ARG B 307 -4.92 -22.55 -34.02
N ALA B 308 -3.98 -23.49 -33.87
CA ALA B 308 -4.23 -24.89 -34.10
C ALA B 308 -5.23 -25.44 -33.09
N VAL B 309 -5.12 -25.01 -31.84
CA VAL B 309 -6.07 -25.41 -30.81
C VAL B 309 -7.47 -24.94 -31.19
N LEU B 310 -7.61 -23.65 -31.50
CA LEU B 310 -8.90 -23.13 -31.86
C LEU B 310 -9.48 -23.82 -33.08
N ASN B 311 -8.68 -23.89 -34.13
CA ASN B 311 -9.10 -24.50 -35.40
C ASN B 311 -9.54 -25.98 -35.23
N THR B 312 -8.79 -26.79 -34.50
CA THR B 312 -9.19 -28.14 -34.20
C THR B 312 -10.53 -28.23 -33.43
N ILE B 313 -10.65 -27.44 -32.38
CA ILE B 313 -11.93 -27.37 -31.67
C ILE B 313 -13.12 -27.06 -32.61
N GLU B 314 -12.98 -26.06 -33.48
CA GLU B 314 -14.07 -25.68 -34.39
C GLU B 314 -14.33 -26.75 -35.44
N ARG B 315 -13.28 -27.16 -36.12
CA ARG B 315 -13.41 -28.10 -37.21
C ARG B 315 -13.90 -29.46 -36.74
N GLN B 316 -13.38 -29.94 -35.61
CA GLN B 316 -13.76 -31.26 -35.14
C GLN B 316 -14.97 -31.23 -34.20
N GLY B 317 -15.54 -30.04 -33.95
CA GLY B 317 -16.71 -29.90 -33.08
C GLY B 317 -16.41 -30.46 -31.68
N LEU B 318 -15.34 -29.98 -31.05
CA LEU B 318 -14.91 -30.54 -29.73
C LEU B 318 -15.71 -29.96 -28.56
N ALA B 319 -16.46 -28.87 -28.79
CA ALA B 319 -17.41 -28.42 -27.77
C ALA B 319 -18.52 -29.44 -27.62
N GLN B 320 -19.13 -29.77 -28.74
CA GLN B 320 -20.21 -30.74 -28.76
C GLN B 320 -19.67 -32.14 -28.32
N ARG B 321 -18.48 -32.49 -28.74
CA ARG B 321 -17.88 -33.77 -28.32
C ARG B 321 -17.66 -33.86 -26.80
N SER B 322 -17.27 -32.73 -26.19
CA SER B 322 -16.99 -32.64 -24.77
C SER B 322 -18.28 -32.79 -23.95
N GLU B 323 -19.37 -32.22 -24.46
CA GLU B 323 -20.69 -32.47 -23.87
C GLU B 323 -20.97 -33.98 -23.84
N ARG B 324 -20.78 -34.65 -24.97
CA ARG B 324 -21.15 -36.03 -25.08
C ARG B 324 -20.21 -36.90 -24.24
N VAL B 325 -18.91 -36.75 -24.45
CA VAL B 325 -17.94 -37.64 -23.84
C VAL B 325 -17.80 -37.34 -22.35
N GLY B 326 -17.87 -36.08 -21.99
CA GLY B 326 -18.01 -35.65 -20.60
C GLY B 326 -19.23 -36.23 -19.90
N GLY B 327 -20.37 -36.19 -20.59
CA GLY B 327 -21.58 -36.86 -20.11
C GLY B 327 -21.36 -38.33 -19.76
N ILE B 328 -20.71 -39.07 -20.63
CA ILE B 328 -20.45 -40.48 -20.40
C ILE B 328 -19.53 -40.68 -19.23
N PHE B 329 -18.51 -39.84 -19.13
CA PHE B 329 -17.53 -39.95 -18.03
C PHE B 329 -18.16 -39.61 -16.66
N ALA B 330 -18.86 -38.50 -16.61
CA ALA B 330 -19.60 -38.09 -15.41
C ALA B 330 -20.53 -39.20 -14.92
N ASP B 331 -21.23 -39.83 -15.87
CA ASP B 331 -22.22 -40.82 -15.50
C ASP B 331 -21.56 -42.09 -14.96
N ARG B 332 -20.42 -42.49 -15.50
CA ARG B 332 -19.66 -43.61 -14.90
C ARG B 332 -19.25 -43.31 -13.46
N LEU B 333 -18.91 -42.05 -13.22
CA LEU B 333 -18.47 -41.60 -11.90
C LEU B 333 -19.65 -41.56 -10.93
N ARG B 334 -20.77 -41.02 -11.40
CA ARG B 334 -21.99 -41.13 -10.66
C ARG B 334 -22.35 -42.56 -10.29
N ARG B 335 -22.27 -43.49 -11.23
CA ARG B 335 -22.66 -44.88 -10.92
C ARG B 335 -21.72 -45.53 -9.92
N LEU B 336 -20.47 -45.08 -9.83
CA LEU B 336 -19.59 -45.56 -8.77
C LEU B 336 -20.14 -45.19 -7.40
N SER B 337 -20.92 -44.12 -7.34
CA SER B 337 -21.47 -43.70 -6.06
C SER B 337 -22.38 -44.75 -5.45
N ASP B 338 -23.02 -45.61 -6.26
CA ASP B 338 -23.82 -46.73 -5.71
C ASP B 338 -22.98 -47.73 -4.94
N LYS B 339 -21.67 -47.71 -5.17
CA LYS B 339 -20.77 -48.64 -4.53
C LYS B 339 -19.89 -48.01 -3.43
N HIS B 340 -19.59 -46.72 -3.57
CA HIS B 340 -18.64 -46.04 -2.69
C HIS B 340 -19.37 -44.85 -2.19
N SER B 341 -19.88 -44.95 -0.95
CA SER B 341 -20.60 -43.84 -0.31
C SER B 341 -19.77 -42.56 -0.14
N ILE B 342 -18.44 -42.67 -0.16
CA ILE B 342 -17.59 -41.49 -0.12
C ILE B 342 -17.85 -40.50 -1.29
N ILE B 343 -18.38 -40.99 -2.41
CA ILE B 343 -18.64 -40.09 -3.53
C ILE B 343 -19.92 -39.36 -3.23
N GLY B 344 -19.80 -38.07 -2.89
CA GLY B 344 -20.95 -37.29 -2.49
C GLY B 344 -21.61 -36.47 -3.59
N ASP B 345 -20.85 -36.14 -4.61
CA ASP B 345 -21.36 -35.29 -5.69
C ASP B 345 -20.45 -35.43 -6.87
N VAL B 346 -21.05 -35.44 -8.05
CA VAL B 346 -20.29 -35.37 -9.30
C VAL B 346 -20.81 -34.13 -10.02
N ARG B 347 -19.93 -33.17 -10.27
CA ARG B 347 -20.37 -31.91 -10.84
C ARG B 347 -19.33 -31.36 -11.79
N GLY B 348 -19.68 -30.26 -12.44
CA GLY B 348 -18.89 -29.61 -13.45
C GLY B 348 -19.73 -29.38 -14.69
N ARG B 349 -19.07 -29.21 -15.80
CA ARG B 349 -19.75 -29.21 -17.08
C ARG B 349 -18.80 -29.83 -18.09
N GLY B 350 -19.32 -30.73 -18.93
CA GLY B 350 -18.55 -31.34 -19.98
C GLY B 350 -17.36 -32.10 -19.42
N LEU B 351 -16.15 -31.80 -19.93
CA LEU B 351 -14.93 -32.42 -19.44
C LEU B 351 -14.18 -31.63 -18.32
N ALA B 352 -14.89 -30.77 -17.59
CA ALA B 352 -14.42 -30.16 -16.37
C ALA B 352 -15.26 -30.80 -15.25
N ILE B 353 -14.69 -31.80 -14.60
CA ILE B 353 -15.46 -32.65 -13.73
C ILE B 353 -14.81 -32.77 -12.35
N GLY B 354 -15.61 -32.49 -11.31
CA GLY B 354 -15.17 -32.60 -9.93
C GLY B 354 -15.98 -33.65 -9.23
N VAL B 355 -15.31 -34.47 -8.44
CA VAL B 355 -15.94 -35.51 -7.59
C VAL B 355 -15.69 -35.19 -6.09
N ASP B 356 -16.74 -34.72 -5.41
CA ASP B 356 -16.69 -34.24 -4.05
C ASP B 356 -16.76 -35.40 -3.05
N LEU B 357 -15.67 -35.62 -2.29
CA LEU B 357 -15.60 -36.77 -1.38
C LEU B 357 -16.07 -36.32 -0.02
N VAL B 358 -16.93 -37.13 0.63
CA VAL B 358 -17.53 -36.78 1.94
C VAL B 358 -17.39 -37.92 2.94
N SER B 359 -17.27 -37.59 4.22
CA SER B 359 -17.17 -38.62 5.24
C SER B 359 -18.57 -39.07 5.68
N ASP B 360 -19.59 -38.25 5.39
CA ASP B 360 -20.99 -38.58 5.64
C ASP B 360 -21.92 -37.85 4.66
N ARG B 361 -22.83 -38.60 4.07
CA ARG B 361 -23.74 -38.01 3.06
C ARG B 361 -24.81 -37.11 3.67
N GLY B 362 -25.27 -37.44 4.88
CA GLY B 362 -26.21 -36.58 5.62
C GLY B 362 -25.64 -35.21 5.86
N SER B 363 -24.48 -35.15 6.49
CA SER B 363 -23.87 -33.84 6.82
C SER B 363 -23.16 -33.12 5.68
N ARG B 364 -22.65 -33.89 4.73
CA ARG B 364 -21.87 -33.33 3.59
C ARG B 364 -20.46 -32.96 4.08
N GLU B 365 -20.04 -33.47 5.24
CA GLU B 365 -18.71 -33.17 5.75
C GLU B 365 -17.66 -33.70 4.78
N PRO B 366 -16.73 -32.83 4.38
CA PRO B 366 -15.70 -33.24 3.45
C PRO B 366 -14.91 -34.42 3.99
N ALA B 367 -14.52 -35.34 3.12
CA ALA B 367 -13.56 -36.35 3.48
C ALA B 367 -12.22 -35.73 3.83
N PRO B 368 -11.44 -36.40 4.69
CA PRO B 368 -10.15 -35.88 5.00
C PRO B 368 -9.26 -35.74 3.76
N VAL B 369 -8.40 -34.73 3.79
CA VAL B 369 -7.49 -34.47 2.69
C VAL B 369 -6.53 -35.65 2.54
N THR B 370 -6.09 -36.26 3.63
CA THR B 370 -5.23 -37.50 3.55
C THR B 370 -5.86 -38.62 2.66
N THR B 371 -7.15 -38.85 2.84
CA THR B 371 -7.86 -39.85 2.10
C THR B 371 -7.91 -39.46 0.62
N THR B 372 -8.23 -38.19 0.34
CA THR B 372 -8.36 -37.71 -1.01
C THR B 372 -7.01 -37.85 -1.71
N ALA B 373 -5.94 -37.39 -1.05
CA ALA B 373 -4.61 -37.43 -1.63
C ALA B 373 -4.18 -38.87 -1.89
N LYS B 374 -4.58 -39.81 -1.03
CA LYS B 374 -4.22 -41.23 -1.24
C LYS B 374 -4.90 -41.84 -2.45
N ILE B 375 -6.09 -41.36 -2.74
CA ILE B 375 -6.78 -41.80 -3.93
C ILE B 375 -6.00 -41.38 -5.19
N ILE B 376 -5.50 -40.15 -5.22
CA ILE B 376 -4.59 -39.68 -6.33
C ILE B 376 -3.37 -40.56 -6.44
N TYR B 377 -2.72 -40.83 -5.29
CA TYR B 377 -1.49 -41.64 -5.24
C TYR B 377 -1.73 -43.03 -5.80
N ARG B 378 -2.79 -43.67 -5.33
CA ARG B 378 -3.12 -45.04 -5.74
C ARG B 378 -3.52 -45.02 -7.22
N GLY B 379 -4.19 -43.95 -7.66
CA GLY B 379 -4.51 -43.79 -9.09
C GLY B 379 -3.29 -43.84 -9.98
N TYR B 380 -2.31 -43.04 -9.59
CA TYR B 380 -1.00 -43.03 -10.19
C TYR B 380 -0.43 -44.44 -10.20
N GLN B 381 -0.42 -45.13 -9.07
CA GLN B 381 0.13 -46.50 -9.10
C GLN B 381 -0.65 -47.39 -10.08
N LEU B 382 -1.95 -47.18 -10.23
CA LEU B 382 -2.75 -48.01 -11.13
C LEU B 382 -2.77 -47.55 -12.58
N GLY B 383 -2.11 -46.43 -12.90
CA GLY B 383 -2.01 -46.04 -14.34
C GLY B 383 -2.79 -44.80 -14.76
N ALA B 384 -3.23 -43.95 -13.83
CA ALA B 384 -3.92 -42.69 -14.23
C ALA B 384 -3.46 -41.52 -13.39
N ALA B 385 -3.44 -40.34 -14.02
CA ALA B 385 -2.91 -39.13 -13.38
C ALA B 385 -4.00 -38.13 -13.23
N PHE B 386 -4.23 -37.76 -11.96
CA PHE B 386 -5.21 -36.74 -11.63
C PHE B 386 -4.82 -35.99 -10.35
N THR B 387 -5.63 -35.01 -9.98
CA THR B 387 -5.34 -34.11 -8.87
C THR B 387 -6.60 -33.94 -7.99
N TYR B 388 -6.49 -33.08 -6.99
CA TYR B 388 -7.64 -32.64 -6.20
C TYR B 388 -7.57 -31.17 -5.94
N VAL B 389 -8.72 -30.60 -5.63
CA VAL B 389 -8.86 -29.18 -5.42
C VAL B 389 -9.95 -28.99 -4.35
N GLY B 390 -10.34 -27.75 -4.11
CA GLY B 390 -11.43 -27.47 -3.20
C GLY B 390 -10.96 -26.72 -1.98
N LEU B 391 -11.84 -25.90 -1.43
CA LEU B 391 -11.51 -25.17 -0.22
C LEU B 391 -11.26 -26.14 0.93
N ASN B 392 -11.82 -27.35 0.86
CA ASN B 392 -11.54 -28.39 1.84
C ASN B 392 -10.68 -29.55 1.31
N ALA B 393 -10.00 -29.32 0.19
CA ALA B 393 -9.06 -30.29 -0.40
C ALA B 393 -9.62 -31.71 -0.47
N ASN B 394 -10.86 -31.83 -0.93
CA ASN B 394 -11.60 -33.12 -0.91
C ASN B 394 -12.29 -33.42 -2.28
N VAL B 395 -12.04 -32.58 -3.28
CA VAL B 395 -12.65 -32.72 -4.58
C VAL B 395 -11.63 -33.28 -5.57
N LEU B 396 -11.87 -34.51 -6.03
CA LEU B 396 -11.10 -35.08 -7.16
C LEU B 396 -11.35 -34.24 -8.42
N GLU B 397 -10.26 -33.92 -9.15
CA GLU B 397 -10.34 -33.08 -10.33
C GLU B 397 -9.93 -33.90 -11.56
N PHE B 398 -10.81 -33.90 -12.56
CA PHE B 398 -10.60 -34.56 -13.81
C PHE B 398 -10.77 -33.48 -14.86
N MET B 399 -9.65 -33.19 -15.55
CA MET B 399 -9.60 -32.20 -16.61
C MET B 399 -8.83 -32.83 -17.78
N PRO B 400 -9.33 -33.96 -18.29
CA PRO B 400 -8.57 -34.67 -19.34
C PRO B 400 -8.55 -33.92 -20.64
N PRO B 401 -7.61 -34.29 -21.54
CA PRO B 401 -7.58 -33.74 -22.89
C PRO B 401 -8.96 -33.90 -23.54
N LEU B 402 -9.43 -32.90 -24.30
CA LEU B 402 -10.71 -33.01 -24.99
C LEU B 402 -10.73 -34.18 -25.98
N THR B 403 -9.56 -34.71 -26.31
CA THR B 403 -9.44 -35.83 -27.23
C THR B 403 -9.64 -37.17 -26.50
N LEU B 404 -10.00 -37.14 -25.22
CA LEU B 404 -10.30 -38.40 -24.46
C LEU B 404 -11.29 -39.31 -25.26
N THR B 405 -11.01 -40.60 -25.24
CA THR B 405 -11.81 -41.56 -26.01
C THR B 405 -12.63 -42.45 -25.06
N GLU B 406 -13.62 -43.15 -25.65
CA GLU B 406 -14.55 -43.98 -24.89
C GLU B 406 -13.83 -45.17 -24.22
N PRO B 407 -12.87 -45.78 -24.89
CA PRO B 407 -12.14 -46.84 -24.12
C PRO B 407 -11.33 -46.28 -22.93
N GLU B 408 -10.81 -45.05 -23.05
CA GLU B 408 -10.06 -44.46 -21.95
C GLU B 408 -11.00 -44.10 -20.79
N ILE B 409 -12.24 -43.71 -21.09
CA ILE B 409 -13.24 -43.48 -20.05
C ILE B 409 -13.46 -44.74 -19.23
N ASP B 410 -13.57 -45.89 -19.87
CA ASP B 410 -13.74 -47.18 -19.17
C ASP B 410 -12.57 -47.48 -18.28
N GLU B 411 -11.36 -47.26 -18.82
CA GLU B 411 -10.10 -47.47 -18.12
C GLU B 411 -10.01 -46.55 -16.90
N ALA B 412 -10.40 -45.29 -17.09
CA ALA B 412 -10.34 -44.31 -16.02
C ALA B 412 -11.31 -44.69 -14.87
N ALA B 413 -12.53 -45.08 -15.26
CA ALA B 413 -13.57 -45.37 -14.28
C ALA B 413 -13.16 -46.60 -13.45
N ASP B 414 -12.60 -47.63 -14.07
CA ASP B 414 -12.07 -48.79 -13.33
C ASP B 414 -10.94 -48.41 -12.38
N ILE B 415 -10.00 -47.57 -12.86
CA ILE B 415 -8.89 -47.13 -12.02
C ILE B 415 -9.40 -46.32 -10.83
N VAL B 416 -10.33 -45.40 -11.06
CA VAL B 416 -10.89 -44.62 -9.95
C VAL B 416 -11.60 -45.54 -8.94
N ASP B 417 -12.41 -46.46 -9.47
CA ASP B 417 -13.13 -47.44 -8.67
C ASP B 417 -12.16 -48.20 -7.78
N GLN B 418 -11.13 -48.76 -8.39
CA GLN B 418 -10.17 -49.56 -7.66
C GLN B 418 -9.39 -48.70 -6.63
N ALA B 419 -9.17 -47.43 -6.98
CA ALA B 419 -8.29 -46.62 -6.17
C ALA B 419 -9.01 -46.26 -4.91
N ILE B 420 -10.30 -45.89 -5.03
CA ILE B 420 -11.11 -45.58 -3.86
C ILE B 420 -11.21 -46.79 -2.92
N GLY B 421 -11.54 -47.96 -3.46
CA GLY B 421 -11.66 -49.20 -2.69
C GLY B 421 -10.37 -49.61 -1.99
N ASP B 422 -9.24 -49.51 -2.69
CA ASP B 422 -7.92 -49.79 -2.10
C ASP B 422 -7.57 -48.89 -0.94
N VAL B 423 -7.86 -47.60 -1.09
CA VAL B 423 -7.62 -46.61 -0.05
C VAL B 423 -8.53 -46.88 1.16
N LEU B 424 -9.80 -47.18 0.95
CA LEU B 424 -10.73 -47.38 2.09
C LEU B 424 -10.42 -48.74 2.74
N ASP B 425 -9.80 -49.65 2.01
CA ASP B 425 -9.33 -50.90 2.62
C ASP B 425 -8.09 -50.69 3.44
N GLY B 426 -7.56 -49.47 3.45
CA GLY B 426 -6.33 -49.18 4.17
C GLY B 426 -5.07 -49.72 3.53
N LYS B 427 -4.97 -49.67 2.19
CA LYS B 427 -3.80 -50.21 1.49
C LYS B 427 -2.69 -49.17 1.15
N VAL B 428 -2.95 -47.88 1.35
CA VAL B 428 -1.99 -46.82 1.02
C VAL B 428 -1.51 -46.13 2.30
N ALA B 429 -0.21 -45.85 2.37
CA ALA B 429 0.40 -45.31 3.58
C ALA B 429 0.20 -43.78 3.68
N ASP B 430 -0.09 -43.30 4.90
CA ASP B 430 -0.09 -41.85 5.22
C ASP B 430 1.20 -41.18 4.75
N SER B 431 2.33 -41.82 5.01
CA SER B 431 3.64 -41.22 4.62
C SER B 431 3.77 -41.01 3.11
N ASP B 432 3.14 -41.86 2.32
CA ASP B 432 3.26 -41.74 0.86
C ASP B 432 2.58 -40.47 0.33
N VAL B 433 1.59 -39.96 1.04
CA VAL B 433 1.01 -38.68 0.66
C VAL B 433 1.49 -37.51 1.52
N ALA B 434 2.00 -37.78 2.73
CA ALA B 434 2.53 -36.70 3.60
C ALA B 434 3.61 -35.89 2.89
N HIS B 435 4.43 -36.59 2.11
CA HIS B 435 5.52 -35.95 1.38
C HIS B 435 5.05 -34.97 0.31
N PHE B 436 3.83 -35.13 -0.22
CA PHE B 436 3.26 -34.23 -1.24
C PHE B 436 2.30 -33.22 -0.62
N MET B 437 1.86 -33.46 0.61
CA MET B 437 1.07 -32.49 1.35
C MET B 437 2.07 -31.61 2.14
N THR C 3 -22.66 43.78 15.82
CA THR C 3 -21.79 43.01 14.86
C THR C 3 -22.45 42.89 13.48
N PRO C 4 -22.31 43.93 12.63
CA PRO C 4 -22.60 43.80 11.19
C PRO C 4 -21.77 42.69 10.51
N LEU C 5 -20.51 42.52 10.92
CA LEU C 5 -19.70 41.37 10.47
C LEU C 5 -19.92 40.28 11.49
N SER C 6 -20.79 39.35 11.15
CA SER C 6 -21.16 38.31 12.09
C SER C 6 -19.97 37.35 12.29
N LEU C 7 -19.96 36.66 13.42
CA LEU C 7 -19.02 35.56 13.66
C LEU C 7 -19.16 34.50 12.58
N ARG C 8 -20.40 34.17 12.21
CA ARG C 8 -20.64 33.23 11.10
C ARG C 8 -19.92 33.64 9.80
N GLU C 9 -19.99 34.94 9.48
CA GLU C 9 -19.38 35.46 8.28
C GLU C 9 -17.87 35.50 8.40
N ARG C 10 -17.38 35.92 9.55
CA ARG C 10 -15.95 35.89 9.80
C ARG C 10 -15.40 34.44 9.66
N ASP C 11 -16.19 33.47 10.13
CA ASP C 11 -15.81 32.05 10.07
C ASP C 11 -15.68 31.63 8.61
N ALA C 12 -16.62 32.09 7.78
CA ALA C 12 -16.61 31.75 6.35
C ALA C 12 -15.38 32.26 5.63
N ARG C 13 -14.90 33.44 6.03
CA ARG C 13 -13.74 34.05 5.41
C ARG C 13 -12.41 33.39 5.74
N VAL C 14 -12.28 32.70 6.88
CA VAL C 14 -10.95 32.26 7.35
C VAL C 14 -10.82 30.78 7.72
N ILE C 15 -11.95 30.13 8.04
CA ILE C 15 -11.90 28.71 8.40
C ILE C 15 -11.99 27.76 7.20
N ALA C 16 -11.12 26.75 7.20
CA ALA C 16 -11.08 25.76 6.11
C ALA C 16 -12.36 24.90 6.07
N GLU C 17 -12.97 24.78 4.89
CA GLU C 17 -14.11 23.88 4.67
C GLU C 17 -13.80 22.41 5.06
N ILE C 18 -12.57 21.96 4.91
CA ILE C 18 -12.24 20.58 5.29
C ILE C 18 -12.52 20.29 6.77
N GLY C 19 -12.54 21.34 7.61
CA GLY C 19 -12.76 21.22 9.04
C GLY C 19 -14.18 21.49 9.52
N ARG C 20 -15.13 21.58 8.58
CA ARG C 20 -16.50 21.92 8.87
C ARG C 20 -17.45 20.74 8.74
N LEU C 21 -18.37 20.64 9.69
CA LEU C 21 -19.55 19.73 9.63
C LEU C 21 -20.70 20.46 10.30
N ARG C 22 -21.16 21.48 9.60
CA ARG C 22 -22.09 22.44 10.15
C ARG C 22 -23.55 22.06 9.87
N PHE C 23 -24.39 22.07 10.91
CA PHE C 23 -25.79 21.68 10.76
C PHE C 23 -26.74 22.86 10.85
N SER C 24 -26.26 24.03 11.27
CA SER C 24 -27.10 25.21 11.47
C SER C 24 -26.21 26.42 11.49
N PRO C 25 -26.82 27.64 11.44
CA PRO C 25 -25.99 28.86 11.55
C PRO C 25 -25.38 29.17 12.95
N LEU C 26 -25.69 28.36 13.96
CA LEU C 26 -25.30 28.68 15.33
C LEU C 26 -23.79 28.95 15.43
N SER C 27 -23.47 30.13 15.93
CA SER C 27 -22.11 30.66 16.03
C SER C 27 -22.02 31.21 17.45
N LEU C 28 -20.99 30.79 18.19
CA LEU C 28 -20.97 30.88 19.66
C LEU C 28 -20.02 31.90 20.26
N ILE C 29 -20.49 32.57 21.31
CA ILE C 29 -19.61 33.44 22.13
C ILE C 29 -19.45 32.96 23.57
N GLY C 30 -20.29 32.05 24.01
CA GLY C 30 -20.14 31.53 25.36
C GLY C 30 -20.99 30.31 25.59
N GLY C 31 -21.15 29.97 26.85
CA GLY C 31 -21.88 28.78 27.29
C GLY C 31 -22.03 28.73 28.80
N LYS C 32 -23.16 28.17 29.25
CA LYS C 32 -23.48 28.17 30.67
C LYS C 32 -24.46 27.08 31.00
N GLY C 33 -24.01 26.17 31.87
CA GLY C 33 -24.80 25.01 32.20
C GLY C 33 -24.93 24.15 30.98
N ASN C 34 -26.16 23.73 30.73
CA ASN C 34 -26.46 22.97 29.54
C ASN C 34 -26.87 23.89 28.37
N ARG C 35 -26.57 25.19 28.44
CA ARG C 35 -26.96 26.09 27.32
C ARG C 35 -25.76 26.73 26.65
N LEU C 36 -25.90 27.05 25.36
CA LEU C 36 -24.85 27.69 24.58
C LEU C 36 -25.31 29.08 24.20
N ILE C 37 -24.38 30.04 24.19
CA ILE C 37 -24.75 31.43 23.90
C ILE C 37 -24.35 31.83 22.49
N GLU C 38 -25.34 32.11 21.68
CA GLU C 38 -25.11 32.58 20.33
C GLU C 38 -24.64 34.01 20.36
N GLU C 39 -23.83 34.39 19.40
CA GLU C 39 -23.54 35.80 19.19
C GLU C 39 -24.87 36.59 19.14
N GLY C 40 -24.88 37.76 19.76
CA GLY C 40 -26.13 38.50 19.95
C GLY C 40 -26.78 38.15 21.30
N GLY C 41 -26.42 37.01 21.92
CA GLY C 41 -26.85 36.74 23.27
C GLY C 41 -27.91 35.68 23.46
N ARG C 42 -28.51 35.17 22.40
CA ARG C 42 -29.61 34.19 22.58
C ARG C 42 -29.04 32.90 23.20
N SER C 43 -29.76 32.32 24.14
CA SER C 43 -29.32 31.17 24.90
C SER C 43 -29.96 29.89 24.38
N ILE C 44 -29.14 28.98 23.83
CA ILE C 44 -29.66 27.78 23.13
C ILE C 44 -29.47 26.53 23.98
N LEU C 45 -30.50 25.70 24.09
CA LEU C 45 -30.38 24.44 24.84
C LEU C 45 -29.51 23.45 24.05
N ASP C 46 -28.45 22.93 24.67
CA ASP C 46 -27.54 22.08 23.94
C ASP C 46 -27.89 20.62 24.11
N LEU C 47 -28.53 20.07 23.08
CA LEU C 47 -28.79 18.63 23.02
C LEU C 47 -27.70 17.87 22.25
N SER C 48 -26.77 18.60 21.66
CA SER C 48 -25.63 18.02 20.98
C SER C 48 -24.44 17.62 21.85
N GLY C 49 -24.30 18.24 23.03
CA GLY C 49 -23.09 18.10 23.85
C GLY C 49 -21.79 18.35 23.07
N SER C 50 -21.85 19.25 22.08
CA SER C 50 -20.77 19.48 21.13
C SER C 50 -20.25 18.12 20.56
N ALA C 51 -21.19 17.18 20.37
CA ALA C 51 -20.94 15.83 19.87
C ALA C 51 -20.49 14.80 20.92
N GLY C 52 -20.36 15.22 22.18
CA GLY C 52 -19.97 14.31 23.25
C GLY C 52 -18.99 14.92 24.27
N PRO C 53 -18.10 15.81 23.81
CA PRO C 53 -17.13 16.37 24.73
C PRO C 53 -17.76 17.05 25.96
N ALA C 54 -18.82 17.83 25.78
CA ALA C 54 -19.41 18.56 26.90
C ALA C 54 -20.25 17.69 27.83
N ALA C 55 -19.64 16.71 28.50
CA ALA C 55 -20.35 15.74 29.33
C ALA C 55 -21.01 16.39 30.55
N LEU C 56 -20.35 17.41 31.10
CA LEU C 56 -20.87 18.16 32.26
C LEU C 56 -21.34 19.54 31.84
N GLY C 57 -21.55 19.77 30.55
CA GLY C 57 -22.04 21.07 30.11
C GLY C 57 -20.89 22.04 30.04
N TYR C 58 -21.21 23.32 30.27
CA TYR C 58 -20.32 24.43 30.01
C TYR C 58 -20.17 25.23 31.31
N GLY C 59 -18.95 25.61 31.65
CA GLY C 59 -18.65 26.33 32.87
C GLY C 59 -18.82 25.48 34.12
N HIS C 60 -18.80 24.16 33.99
CA HIS C 60 -19.07 23.33 35.15
C HIS C 60 -17.96 23.57 36.20
N PRO C 61 -18.33 23.86 37.45
CA PRO C 61 -17.33 24.23 38.47
C PRO C 61 -16.21 23.22 38.73
N ALA C 62 -16.46 21.91 38.63
CA ALA C 62 -15.38 20.94 38.86
C ALA C 62 -14.31 21.08 37.77
N ILE C 63 -14.77 21.28 36.54
CA ILE C 63 -13.85 21.36 35.41
C ILE C 63 -13.14 22.70 35.44
N VAL C 64 -13.92 23.76 35.70
CA VAL C 64 -13.33 25.10 35.87
C VAL C 64 -12.20 25.07 36.92
N GLU C 65 -12.49 24.56 38.11
CA GLU C 65 -11.46 24.44 39.15
C GLU C 65 -10.21 23.66 38.70
N ALA C 66 -10.37 22.47 38.11
CA ALA C 66 -9.20 21.67 37.71
C ALA C 66 -8.35 22.39 36.67
N VAL C 67 -9.02 23.04 35.72
CA VAL C 67 -8.35 23.79 34.67
C VAL C 67 -7.62 25.02 35.24
N GLU C 68 -8.27 25.74 36.16
CA GLU C 68 -7.63 26.92 36.76
C GLU C 68 -6.38 26.54 37.55
N LYS C 69 -6.48 25.52 38.39
CA LYS C 69 -5.32 25.11 39.19
C LYS C 69 -4.15 24.68 38.31
N SER C 70 -4.43 23.89 37.27
CA SER C 70 -3.36 23.41 36.36
C SER C 70 -2.74 24.45 35.45
N VAL C 71 -3.53 25.34 34.86
CA VAL C 71 -2.95 26.35 33.97
C VAL C 71 -2.14 27.39 34.77
N ARG C 72 -2.57 27.71 36.00
CA ARG C 72 -1.78 28.57 36.91
C ARG C 72 -0.47 27.96 37.42
N ASP C 73 -0.46 26.65 37.67
CA ASP C 73 0.69 26.01 38.24
C ASP C 73 0.91 24.72 37.45
N MET C 74 1.50 24.89 36.27
CA MET C 74 1.54 23.90 35.19
C MET C 74 2.75 22.99 35.31
N ALA C 75 2.45 21.71 35.51
CA ALA C 75 3.47 20.69 35.81
C ALA C 75 4.09 20.19 34.51
N GLY C 76 4.77 21.08 33.84
CA GLY C 76 5.24 20.81 32.49
C GLY C 76 4.08 20.77 31.50
N ALA C 77 4.40 20.43 30.25
CA ALA C 77 3.38 20.31 29.17
C ALA C 77 3.61 19.13 28.23
N SER C 78 4.20 18.04 28.74
CA SER C 78 4.55 16.93 27.92
C SER C 78 4.76 15.71 28.79
N LEU C 79 3.83 14.77 28.73
CA LEU C 79 3.99 13.49 29.48
C LEU C 79 5.16 12.64 28.90
N LEU C 80 5.40 12.74 27.61
CA LEU C 80 6.50 11.95 27.04
C LEU C 80 7.85 12.34 27.61
N LEU C 81 8.04 13.64 27.86
CA LEU C 81 9.23 14.14 28.60
C LEU C 81 9.17 13.96 30.13
N TYR C 82 8.02 14.28 30.74
CA TYR C 82 7.91 14.42 32.18
C TYR C 82 6.59 13.89 32.71
N PRO C 83 6.63 12.84 33.58
CA PRO C 83 5.49 12.52 34.40
C PRO C 83 4.95 13.75 35.05
N ASN C 84 3.62 13.86 35.15
CA ASN C 84 3.03 14.87 36.01
C ASN C 84 1.94 14.23 36.82
N GLU C 85 1.61 14.83 37.95
CA GLU C 85 0.65 14.26 38.93
C GLU C 85 -0.73 14.02 38.32
N ALA C 86 -1.27 15.01 37.59
CA ALA C 86 -2.57 14.88 36.99
C ALA C 86 -2.71 13.67 36.07
N ALA C 87 -1.78 13.52 35.15
CA ALA C 87 -1.84 12.50 34.16
C ALA C 87 -1.63 11.13 34.83
N VAL C 88 -0.68 11.02 35.78
CA VAL C 88 -0.45 9.71 36.42
C VAL C 88 -1.69 9.31 37.21
N SER C 89 -2.25 10.28 37.94
CA SER C 89 -3.49 10.06 38.72
C SER C 89 -4.70 9.72 37.86
N LEU C 90 -4.92 10.43 36.74
CA LEU C 90 -5.98 10.05 35.77
C LEU C 90 -5.80 8.61 35.26
N ALA C 91 -4.57 8.24 34.93
CA ALA C 91 -4.31 6.87 34.48
C ALA C 91 -4.74 5.86 35.57
N GLU C 92 -4.38 6.17 36.81
CA GLU C 92 -4.77 5.34 37.98
C GLU C 92 -6.29 5.29 38.07
N ASP C 93 -6.95 6.45 37.89
CA ASP C 93 -8.44 6.50 37.87
C ASP C 93 -9.05 5.60 36.80
N LEU C 94 -8.49 5.65 35.57
CA LEU C 94 -9.04 4.88 34.45
C LEU C 94 -8.81 3.39 34.68
N LEU C 95 -7.66 3.04 35.23
CA LEU C 95 -7.46 1.60 35.62
C LEU C 95 -8.45 1.13 36.67
N ARG C 96 -8.68 1.95 37.68
CA ARG C 96 -9.62 1.62 38.72
C ARG C 96 -11.06 1.50 38.19
N ILE C 97 -11.53 2.42 37.35
CA ILE C 97 -12.92 2.35 36.89
C ILE C 97 -13.19 1.40 35.73
N THR C 98 -12.15 0.83 35.12
CA THR C 98 -12.37 -0.01 33.98
C THR C 98 -12.05 -1.44 34.42
N PRO C 99 -13.03 -2.34 34.35
CA PRO C 99 -12.66 -3.71 34.73
C PRO C 99 -11.60 -4.28 33.80
N GLY C 100 -10.82 -5.20 34.33
CA GLY C 100 -9.69 -5.71 33.61
C GLY C 100 -8.89 -6.65 34.48
N ASN C 101 -8.10 -7.49 33.84
CA ASN C 101 -7.27 -8.49 34.56
C ASN C 101 -5.80 -8.33 34.18
N GLY C 102 -4.90 -8.71 35.08
CA GLY C 102 -3.43 -8.63 34.88
C GLY C 102 -2.87 -7.22 34.83
N GLU C 103 -1.61 -7.11 34.42
CA GLU C 103 -0.97 -5.82 34.23
C GLU C 103 -1.55 -5.06 33.01
N ARG C 104 -1.83 -3.78 33.21
CA ARG C 104 -2.37 -2.93 32.14
C ARG C 104 -1.69 -1.57 32.24
N ARG C 105 -1.70 -0.84 31.14
CA ARG C 105 -1.17 0.53 31.12
C ARG C 105 -2.06 1.41 30.23
N VAL C 106 -1.79 2.71 30.36
CA VAL C 106 -2.57 3.76 29.75
C VAL C 106 -1.69 4.67 28.91
N TRP C 107 -2.13 4.93 27.70
CA TRP C 107 -1.50 5.92 26.84
C TRP C 107 -2.50 7.00 26.74
N PHE C 108 -2.04 8.24 26.64
CA PHE C 108 -2.92 9.40 26.41
C PHE C 108 -2.73 10.07 25.08
N GLY C 109 -3.81 10.65 24.54
CA GLY C 109 -3.70 11.44 23.32
C GLY C 109 -4.68 12.57 23.39
N HIS C 110 -5.01 13.14 22.24
CA HIS C 110 -5.90 14.31 22.18
C HIS C 110 -7.25 14.05 21.63
N SER C 111 -7.42 12.93 20.94
CA SER C 111 -8.66 12.71 20.17
C SER C 111 -9.00 11.24 20.02
N GLY C 112 -10.25 10.94 19.69
CA GLY C 112 -10.65 9.56 19.34
C GLY C 112 -9.83 9.04 18.16
N SER C 113 -9.59 9.90 17.18
CA SER C 113 -8.83 9.56 15.98
C SER C 113 -7.42 9.18 16.26
N ASP C 114 -6.73 9.92 17.12
CA ASP C 114 -5.31 9.60 17.41
C ASP C 114 -5.20 8.34 18.34
N ALA C 115 -6.24 8.13 19.15
CA ALA C 115 -6.30 6.97 20.06
C ALA C 115 -6.52 5.69 19.28
N ASN C 116 -7.40 5.73 18.30
CA ASN C 116 -7.57 4.55 17.45
C ASN C 116 -6.39 4.34 16.48
N ASP C 117 -5.73 5.42 16.08
CA ASP C 117 -4.52 5.28 15.27
C ASP C 117 -3.44 4.57 16.09
N CYS C 118 -3.28 5.02 17.34
CA CYS C 118 -2.44 4.38 18.30
C CYS C 118 -2.78 2.92 18.41
N ALA C 119 -4.07 2.64 18.66
CA ALA C 119 -4.50 1.27 18.88
C ALA C 119 -4.10 0.42 17.69
N VAL C 120 -4.43 0.85 16.46
CA VAL C 120 -4.08 0.01 15.31
C VAL C 120 -2.58 -0.19 15.12
N ARG C 121 -1.81 0.88 15.31
CA ARG C 121 -0.35 0.80 15.16
C ARG C 121 0.25 -0.18 16.18
N VAL C 122 -0.18 -0.12 17.43
CA VAL C 122 0.47 -0.91 18.46
C VAL C 122 -0.06 -2.33 18.53
N LEU C 123 -1.33 -2.48 18.17
CA LEU C 123 -1.91 -3.85 18.12
C LEU C 123 -1.23 -4.72 17.04
N THR C 124 -1.07 -4.15 15.85
CA THR C 124 -0.45 -4.92 14.74
C THR C 124 1.01 -5.22 15.09
N ALA C 125 1.72 -4.22 15.63
CA ALA C 125 3.14 -4.37 15.95
C ALA C 125 3.32 -5.39 17.05
N ALA C 126 2.50 -5.34 18.12
CA ALA C 126 2.73 -6.21 19.29
C ALA C 126 2.29 -7.64 19.05
N THR C 127 1.20 -7.80 18.30
CA THR C 127 0.66 -9.14 17.98
C THR C 127 1.42 -9.84 16.87
N LYS C 128 2.03 -9.03 16.01
CA LYS C 128 2.67 -9.48 14.76
C LYS C 128 1.66 -10.08 13.80
N ARG C 129 0.43 -9.61 13.89
CA ARG C 129 -0.61 -9.95 12.96
C ARG C 129 -1.07 -8.66 12.26
N SER C 130 -1.44 -8.75 10.99
CA SER C 130 -1.64 -7.58 10.16
C SER C 130 -3.09 -7.28 9.86
N ARG C 131 -3.97 -8.26 10.08
CA ARG C 131 -5.36 -8.13 9.72
C ARG C 131 -6.23 -7.57 10.87
N ILE C 132 -7.27 -6.82 10.47
CA ILE C 132 -8.16 -6.14 11.41
C ILE C 132 -9.63 -6.40 11.05
N ILE C 133 -10.47 -6.67 12.06
CA ILE C 133 -11.92 -6.81 11.82
C ILE C 133 -12.58 -5.51 12.26
N SER C 134 -13.39 -4.96 11.39
CA SER C 134 -14.15 -3.77 11.68
C SER C 134 -15.61 -3.88 11.12
N PHE C 135 -16.46 -2.88 11.38
CA PHE C 135 -17.84 -2.91 10.91
C PHE C 135 -18.14 -1.88 9.85
N ILE C 136 -18.95 -2.26 8.88
CA ILE C 136 -19.49 -1.31 7.91
C ILE C 136 -20.23 -0.26 8.72
N GLY C 137 -19.87 0.99 8.46
CA GLY C 137 -20.51 2.12 9.08
C GLY C 137 -19.84 2.62 10.35
N SER C 138 -18.84 1.87 10.81
CA SER C 138 -18.09 2.23 11.99
C SER C 138 -17.27 3.50 11.70
N TYR C 139 -17.07 4.28 12.75
CA TYR C 139 -16.36 5.53 12.64
C TYR C 139 -15.39 5.49 13.79
N HIS C 140 -14.13 5.21 13.48
CA HIS C 140 -13.06 5.18 14.49
C HIS C 140 -12.11 6.41 14.42
N GLY C 141 -12.34 7.30 13.45
CA GLY C 141 -11.63 8.56 13.38
C GLY C 141 -11.45 9.10 11.96
N ASN C 142 -10.82 10.28 11.85
CA ASN C 142 -10.59 10.93 10.56
C ASN C 142 -9.12 11.32 10.32
N LEU C 143 -8.22 10.58 10.98
CA LEU C 143 -6.80 10.61 10.63
C LEU C 143 -6.49 9.31 9.90
N THR C 144 -5.42 9.36 9.14
CA THR C 144 -5.07 8.29 8.23
C THR C 144 -5.22 6.90 8.86
N GLY C 145 -4.61 6.65 10.02
CA GLY C 145 -4.62 5.26 10.56
C GLY C 145 -6.00 4.82 11.10
N SER C 146 -6.71 5.76 11.71
CA SER C 146 -8.00 5.46 12.32
C SER C 146 -9.14 5.38 11.27
N MET C 147 -9.10 6.28 10.28
CA MET C 147 -10.02 6.26 9.16
C MET C 147 -9.82 4.98 8.32
N GLY C 148 -8.57 4.53 8.25
CA GLY C 148 -8.22 3.29 7.54
C GLY C 148 -8.93 2.03 8.00
N ILE C 149 -9.33 1.99 9.26
CA ILE C 149 -10.06 0.82 9.79
C ILE C 149 -11.55 1.13 9.96
N SER C 150 -11.98 2.28 9.47
CA SER C 150 -13.36 2.68 9.60
C SER C 150 -14.21 2.20 8.42
N GLY C 151 -15.50 1.98 8.64
CA GLY C 151 -16.38 1.57 7.54
C GLY C 151 -17.41 2.58 7.09
N HIS C 152 -17.32 3.83 7.51
CA HIS C 152 -18.44 4.75 7.28
C HIS C 152 -18.38 5.32 5.85
N THR C 153 -19.55 5.56 5.30
CA THR C 153 -19.73 6.13 3.96
C THR C 153 -19.07 7.50 3.75
N ALA C 154 -18.87 8.29 4.80
CA ALA C 154 -18.24 9.60 4.62
C ALA C 154 -16.75 9.49 4.25
N MET C 155 -16.10 8.36 4.56
CA MET C 155 -14.67 8.15 4.26
C MET C 155 -14.36 7.17 3.10
N THR C 156 -15.36 6.90 2.25
CA THR C 156 -15.15 6.05 1.08
C THR C 156 -14.41 6.80 -0.05
N HIS C 157 -14.07 8.06 0.18
CA HIS C 157 -13.20 8.77 -0.75
C HIS C 157 -11.77 8.19 -0.74
N THR C 158 -11.43 7.34 0.26
CA THR C 158 -10.06 6.81 0.46
C THR C 158 -10.16 5.31 0.75
N LEU C 159 -9.26 4.54 0.15
CA LEU C 159 -9.30 3.08 0.32
C LEU C 159 -9.00 2.69 1.75
N PRO C 160 -9.61 1.61 2.24
CA PRO C 160 -9.18 1.18 3.57
C PRO C 160 -7.76 0.65 3.64
N ARG C 161 -7.23 0.66 4.85
CA ARG C 161 -6.06 -0.11 5.24
C ARG C 161 -6.13 -1.54 4.68
N PRO C 162 -5.04 -2.00 4.03
CA PRO C 162 -5.00 -3.39 3.60
C PRO C 162 -5.12 -4.35 4.76
N GLY C 163 -5.86 -5.43 4.56
CA GLY C 163 -6.04 -6.44 5.59
C GLY C 163 -7.27 -6.24 6.48
N VAL C 164 -8.11 -5.24 6.16
CA VAL C 164 -9.34 -4.97 6.91
C VAL C 164 -10.52 -5.77 6.36
N LEU C 165 -11.14 -6.53 7.26
CA LEU C 165 -12.37 -7.26 6.99
C LEU C 165 -13.49 -6.43 7.55
N LEU C 166 -14.34 -5.88 6.66
CA LEU C 166 -15.56 -5.14 7.03
C LEU C 166 -16.86 -5.98 7.00
N LEU C 167 -17.55 -6.07 8.13
CA LEU C 167 -18.77 -6.85 8.26
C LEU C 167 -19.94 -5.95 8.46
N PRO C 168 -21.17 -6.38 8.05
CA PRO C 168 -22.34 -5.63 8.42
C PRO C 168 -22.57 -5.60 9.93
N TYR C 169 -23.04 -4.47 10.42
CA TYR C 169 -23.47 -4.38 11.80
C TYR C 169 -24.98 -4.71 11.87
N PRO C 170 -25.35 -5.78 12.57
CA PRO C 170 -26.74 -6.18 12.61
C PRO C 170 -27.63 -5.12 13.22
N ASP C 171 -28.67 -4.76 12.48
CA ASP C 171 -29.46 -3.59 12.75
C ASP C 171 -30.94 -4.04 12.95
N PRO C 172 -31.43 -4.06 14.19
CA PRO C 172 -32.81 -4.48 14.41
C PRO C 172 -33.88 -3.67 13.62
N PHE C 173 -33.63 -2.41 13.30
CA PHE C 173 -34.65 -1.57 12.64
C PHE C 173 -34.68 -1.79 11.13
N ARG C 174 -33.52 -2.07 10.50
CA ARG C 174 -33.46 -2.44 9.08
C ARG C 174 -32.76 -3.77 8.97
N PRO C 175 -33.47 -4.86 9.35
CA PRO C 175 -32.77 -6.14 9.67
C PRO C 175 -32.45 -6.99 8.45
N ARG C 176 -31.65 -6.43 7.54
CA ARG C 176 -31.06 -7.15 6.42
C ARG C 176 -30.18 -8.32 6.89
N PHE C 177 -29.50 -8.15 8.02
CA PHE C 177 -28.56 -9.16 8.48
C PHE C 177 -28.77 -9.46 9.92
N SER C 178 -29.14 -10.69 10.22
CA SER C 178 -29.29 -11.10 11.59
C SER C 178 -27.92 -11.21 12.27
N ALA C 179 -27.94 -11.18 13.59
CA ALA C 179 -26.81 -11.60 14.41
C ALA C 179 -26.17 -12.90 13.90
N GLU C 180 -27.01 -13.89 13.65
CA GLU C 180 -26.55 -15.23 13.27
C GLU C 180 -25.90 -15.17 11.86
N ALA C 181 -26.45 -14.31 10.98
CA ALA C 181 -25.94 -14.17 9.65
C ALA C 181 -24.56 -13.53 9.67
N VAL C 182 -24.36 -12.53 10.53
CA VAL C 182 -23.07 -11.87 10.56
C VAL C 182 -22.00 -12.81 11.15
N LEU C 183 -22.34 -13.51 12.21
CA LEU C 183 -21.42 -14.50 12.80
C LEU C 183 -21.07 -15.56 11.81
N GLU C 184 -22.05 -16.01 11.02
CA GLU C 184 -21.85 -17.07 9.99
C GLU C 184 -20.84 -16.58 8.94
N LEU C 185 -21.05 -15.36 8.44
CA LEU C 185 -20.19 -14.71 7.49
C LEU C 185 -18.74 -14.61 8.00
N LEU C 186 -18.58 -14.27 9.27
CA LEU C 186 -17.25 -14.18 9.87
C LEU C 186 -16.63 -15.55 9.96
N ASP C 187 -17.43 -16.52 10.41
CA ASP C 187 -16.93 -17.92 10.47
C ASP C 187 -16.44 -18.36 9.10
N TYR C 188 -17.14 -17.94 8.05
CA TYR C 188 -16.79 -18.31 6.68
C TYR C 188 -15.48 -17.69 6.25
N HIS C 189 -15.35 -16.37 6.46
CA HIS C 189 -14.06 -15.71 6.24
C HIS C 189 -12.91 -16.40 7.03
N PHE C 190 -13.13 -16.71 8.30
CA PHE C 190 -12.10 -17.40 9.09
C PHE C 190 -11.71 -18.72 8.51
N ALA C 191 -12.65 -19.44 7.90
CA ALA C 191 -12.37 -20.75 7.29
C ALA C 191 -11.73 -20.67 5.89
N THR C 192 -11.65 -19.47 5.30
CA THR C 192 -11.19 -19.31 3.94
C THR C 192 -10.14 -18.18 3.83
N SER C 193 -10.57 -16.98 3.44
CA SER C 193 -9.64 -15.96 3.04
C SER C 193 -9.13 -15.03 4.15
N CYS C 194 -9.67 -15.11 5.37
CA CYS C 194 -9.18 -14.31 6.50
C CYS C 194 -8.81 -15.19 7.68
N PRO C 195 -7.65 -15.89 7.62
CA PRO C 195 -7.33 -16.81 8.70
C PRO C 195 -7.26 -16.07 10.03
N PRO C 196 -7.95 -16.60 11.03
CA PRO C 196 -8.09 -15.79 12.24
C PRO C 196 -6.80 -15.58 13.04
N GLU C 197 -5.81 -16.48 12.89
CA GLU C 197 -4.50 -16.29 13.52
C GLU C 197 -3.66 -15.19 12.84
N GLN C 198 -4.19 -14.60 11.76
CA GLN C 198 -3.54 -13.45 11.14
C GLN C 198 -4.24 -12.12 11.51
N VAL C 199 -5.23 -12.22 12.38
CA VAL C 199 -6.01 -11.07 12.78
C VAL C 199 -5.55 -10.60 14.13
N ALA C 200 -5.03 -9.36 14.15
CA ALA C 200 -4.55 -8.72 15.38
C ALA C 200 -5.69 -8.47 16.37
N ALA C 201 -6.75 -7.86 15.85
CA ALA C 201 -7.80 -7.29 16.66
C ALA C 201 -9.11 -7.15 15.93
N VAL C 202 -10.20 -7.09 16.70
CA VAL C 202 -11.53 -6.72 16.18
C VAL C 202 -11.87 -5.46 16.89
N PHE C 203 -12.37 -4.47 16.12
CA PHE C 203 -12.81 -3.21 16.67
C PHE C 203 -14.31 -3.11 16.74
N ILE C 204 -14.81 -2.81 17.94
CA ILE C 204 -16.26 -2.87 18.26
C ILE C 204 -16.74 -1.55 18.82
N GLU C 205 -17.65 -0.88 18.11
CA GLU C 205 -18.50 0.11 18.73
C GLU C 205 -19.69 -0.61 19.42
N PRO C 206 -19.89 -0.39 20.73
CA PRO C 206 -21.01 -1.03 21.44
C PRO C 206 -22.39 -0.46 21.11
N ILE C 207 -22.42 0.74 20.55
CA ILE C 207 -23.57 1.26 19.82
C ILE C 207 -22.94 1.88 18.61
N LEU C 208 -23.46 1.58 17.44
CA LEU C 208 -22.85 2.08 16.23
C LEU C 208 -23.30 3.53 16.12
N SER C 209 -22.35 4.45 16.17
CA SER C 209 -22.59 5.88 16.41
C SER C 209 -22.99 6.61 15.13
N ASP C 210 -22.00 7.06 14.36
CA ASP C 210 -22.29 7.73 13.10
C ASP C 210 -23.01 6.84 12.10
N GLY C 211 -22.95 5.53 12.33
CA GLY C 211 -23.72 4.62 11.50
C GLY C 211 -25.23 4.69 11.65
N GLY C 212 -25.69 5.29 12.75
CA GLY C 212 -27.13 5.50 13.01
C GLY C 212 -27.62 5.23 14.41
N LEU C 213 -26.74 5.33 15.40
CA LEU C 213 -27.07 5.01 16.79
C LEU C 213 -27.82 3.66 16.90
N VAL C 214 -27.20 2.66 16.31
CA VAL C 214 -27.74 1.33 16.27
C VAL C 214 -27.30 0.50 17.46
N VAL C 215 -28.25 0.07 18.28
CA VAL C 215 -27.95 -0.86 19.35
C VAL C 215 -28.04 -2.26 18.77
N PRO C 216 -26.96 -3.05 18.92
CA PRO C 216 -27.04 -4.37 18.36
C PRO C 216 -28.10 -5.24 19.02
N PRO C 217 -28.51 -6.34 18.35
CA PRO C 217 -29.35 -7.37 18.95
C PRO C 217 -28.64 -7.99 20.13
N PRO C 218 -29.36 -8.26 21.21
CA PRO C 218 -28.77 -8.81 22.42
C PRO C 218 -27.92 -10.02 22.14
N ALA C 219 -26.78 -10.11 22.82
CA ALA C 219 -25.90 -11.27 22.82
C ALA C 219 -24.98 -11.31 21.60
N PHE C 220 -25.25 -10.52 20.56
CA PHE C 220 -24.42 -10.51 19.40
C PHE C 220 -22.93 -10.17 19.66
N LEU C 221 -22.68 -9.03 20.32
CA LEU C 221 -21.33 -8.57 20.56
C LEU C 221 -20.56 -9.56 21.42
N GLU C 222 -21.21 -10.15 22.41
CA GLU C 222 -20.56 -11.17 23.25
C GLU C 222 -20.18 -12.41 22.46
N ALA C 223 -21.05 -12.80 21.52
CA ALA C 223 -20.75 -13.95 20.67
C ALA C 223 -19.59 -13.63 19.70
N LEU C 224 -19.56 -12.39 19.21
CA LEU C 224 -18.47 -11.91 18.36
C LEU C 224 -17.15 -11.91 19.09
N GLN C 225 -17.16 -11.42 20.33
CA GLN C 225 -15.99 -11.39 21.18
C GLN C 225 -15.43 -12.83 21.28
N ASP C 226 -16.32 -13.75 21.62
CA ASP C 226 -15.94 -15.15 21.88
C ASP C 226 -15.39 -15.85 20.62
N ARG C 227 -16.01 -15.62 19.46
CA ARG C 227 -15.51 -16.12 18.15
C ARG C 227 -14.08 -15.67 17.82
N CYS C 228 -13.75 -14.43 18.18
CA CYS C 228 -12.45 -13.82 17.91
C CYS C 228 -11.40 -14.25 18.97
N ARG C 229 -11.78 -14.23 20.23
CA ARG C 229 -10.93 -14.47 21.36
C ARG C 229 -10.45 -15.92 21.36
N LYS C 230 -11.29 -16.82 20.89
CA LYS C 230 -10.94 -18.21 20.66
C LYS C 230 -9.66 -18.42 19.81
N HIS C 231 -9.27 -17.42 19.01
CA HIS C 231 -8.08 -17.48 18.16
C HIS C 231 -7.03 -16.47 18.52
N GLY C 232 -7.10 -15.95 19.75
CA GLY C 232 -6.14 -14.99 20.25
C GLY C 232 -6.33 -13.59 19.66
N ILE C 233 -7.43 -13.34 18.95
CA ILE C 233 -7.68 -11.99 18.40
C ILE C 233 -8.03 -11.08 19.60
N LEU C 234 -7.33 -9.97 19.74
CA LEU C 234 -7.64 -9.03 20.80
C LEU C 234 -8.92 -8.23 20.50
N VAL C 235 -9.67 -7.95 21.56
CA VAL C 235 -10.98 -7.38 21.46
C VAL C 235 -10.92 -5.93 21.96
N VAL C 236 -11.25 -5.01 21.06
CA VAL C 236 -11.06 -3.60 21.30
C VAL C 236 -12.45 -3.01 21.31
N VAL C 237 -12.84 -2.33 22.38
CA VAL C 237 -14.06 -1.57 22.37
C VAL C 237 -13.78 -0.05 22.29
N ASP C 238 -14.40 0.60 21.32
CA ASP C 238 -14.38 2.08 21.16
C ASP C 238 -15.49 2.71 21.99
N GLU C 239 -15.15 3.28 23.15
CA GLU C 239 -16.11 3.94 24.02
C GLU C 239 -16.09 5.47 23.79
N VAL C 240 -15.48 5.90 22.71
CA VAL C 240 -15.27 7.30 22.52
C VAL C 240 -16.58 8.07 22.56
N LYS C 241 -17.60 7.52 21.92
CA LYS C 241 -18.87 8.27 21.74
C LYS C 241 -19.88 8.06 22.87
N VAL C 242 -20.03 6.84 23.38
CA VAL C 242 -21.13 6.51 24.27
C VAL C 242 -20.61 6.05 25.63
N GLY C 243 -19.31 6.33 25.86
CA GLY C 243 -18.64 5.95 27.11
C GLY C 243 -18.98 6.90 28.25
N LEU C 244 -18.52 6.48 29.43
CA LEU C 244 -18.38 7.27 30.66
C LEU C 244 -19.70 7.71 31.26
N GLY C 245 -20.54 6.72 31.54
CA GLY C 245 -21.80 6.95 32.21
C GLY C 245 -23.01 7.27 31.33
N ARG C 246 -22.80 7.71 30.09
CA ARG C 246 -23.93 8.20 29.26
C ARG C 246 -25.08 7.15 29.04
N THR C 247 -24.71 5.88 28.96
CA THR C 247 -25.71 4.83 28.67
C THR C 247 -26.38 4.19 29.88
N GLY C 248 -26.13 4.70 31.09
CA GLY C 248 -26.74 4.17 32.29
C GLY C 248 -25.80 3.26 33.05
N LEU C 249 -24.64 2.93 32.49
CA LEU C 249 -23.58 2.22 33.21
C LEU C 249 -22.33 2.97 32.84
N MET C 250 -21.25 2.74 33.58
CA MET C 250 -20.06 3.55 33.40
C MET C 250 -19.55 3.35 31.97
N HIS C 251 -19.45 2.10 31.54
CA HIS C 251 -19.04 1.78 30.16
C HIS C 251 -20.15 1.11 29.38
N CYS C 252 -20.40 1.60 28.16
CA CYS C 252 -21.46 1.02 27.38
C CYS C 252 -21.25 -0.47 27.17
N PHE C 253 -20.02 -0.94 27.11
CA PHE C 253 -19.82 -2.39 26.87
C PHE C 253 -20.31 -3.25 28.02
N GLN C 254 -20.51 -2.65 29.20
CA GLN C 254 -21.00 -3.42 30.34
C GLN C 254 -22.46 -3.85 30.17
N HIS C 255 -23.20 -3.21 29.26
CA HIS C 255 -24.53 -3.66 28.87
C HIS C 255 -24.47 -4.98 28.05
N GLU C 256 -23.33 -5.26 27.42
CA GLU C 256 -23.24 -6.25 26.33
C GLU C 256 -22.46 -7.48 26.72
N GLY C 257 -22.08 -7.63 27.98
CA GLY C 257 -21.41 -8.86 28.47
C GLY C 257 -19.97 -8.97 27.96
N LEU C 258 -19.37 -7.82 27.64
CA LEU C 258 -18.03 -7.78 27.03
C LEU C 258 -16.91 -7.64 28.08
N GLU C 259 -15.77 -8.25 27.81
CA GLU C 259 -14.58 -8.15 28.69
C GLU C 259 -13.42 -7.84 27.78
N PRO C 260 -13.29 -6.56 27.38
CA PRO C 260 -12.34 -6.28 26.33
C PRO C 260 -10.88 -6.39 26.77
N ASP C 261 -10.02 -6.66 25.81
CA ASP C 261 -8.61 -6.51 26.01
C ASP C 261 -8.20 -5.04 26.04
N MET C 262 -8.90 -4.19 25.29
CA MET C 262 -8.44 -2.84 25.11
C MET C 262 -9.66 -1.96 25.03
N VAL C 263 -9.60 -0.80 25.69
CA VAL C 263 -10.68 0.16 25.61
C VAL C 263 -10.13 1.50 25.17
N VAL C 264 -10.86 2.16 24.25
CA VAL C 264 -10.46 3.47 23.72
C VAL C 264 -11.46 4.50 24.21
N PHE C 265 -10.94 5.58 24.83
CA PHE C 265 -11.78 6.63 25.36
C PHE C 265 -11.52 7.96 24.65
N GLY C 266 -12.53 8.83 24.66
CA GLY C 266 -12.33 10.16 24.12
C GLY C 266 -13.50 11.06 24.35
N LYS C 267 -13.65 12.05 23.46
CA LYS C 267 -14.75 12.98 23.53
C LYS C 267 -15.00 13.47 24.98
N GLY C 268 -16.07 12.99 25.61
CA GLY C 268 -16.48 13.45 26.93
C GLY C 268 -15.47 13.28 28.03
N LEU C 269 -14.47 12.40 27.86
CA LEU C 269 -13.39 12.23 28.86
C LEU C 269 -12.76 13.55 29.24
N GLY C 270 -12.63 14.45 28.28
CA GLY C 270 -11.98 15.72 28.48
C GLY C 270 -12.88 16.86 28.98
N GLY C 271 -14.18 16.64 28.99
CA GLY C 271 -15.11 17.64 29.48
C GLY C 271 -15.14 18.92 28.63
N GLY C 272 -14.62 18.85 27.40
CA GLY C 272 -14.55 20.03 26.54
C GLY C 272 -13.13 20.42 26.23
N LEU C 273 -12.17 19.83 26.94
CA LEU C 273 -10.77 19.94 26.58
C LEU C 273 -10.39 18.67 25.80
N PRO C 274 -9.41 18.78 24.90
CA PRO C 274 -9.04 17.63 24.08
C PRO C 274 -8.33 16.56 24.90
N LEU C 275 -8.93 15.39 25.04
CA LEU C 275 -8.24 14.29 25.73
C LEU C 275 -8.79 12.94 25.25
N SER C 276 -7.86 12.02 24.99
CA SER C 276 -8.23 10.63 24.70
C SER C 276 -7.34 9.67 25.49
N ALA C 277 -7.70 8.40 25.50
CA ALA C 277 -6.86 7.41 26.16
C ALA C 277 -7.09 6.02 25.61
N VAL C 278 -6.05 5.19 25.75
CA VAL C 278 -6.11 3.78 25.41
C VAL C 278 -5.69 2.98 26.65
N VAL C 279 -6.54 2.06 27.06
CA VAL C 279 -6.22 1.20 28.23
C VAL C 279 -6.05 -0.16 27.63
N GLY C 280 -4.92 -0.80 27.90
CA GLY C 280 -4.61 -2.05 27.27
C GLY C 280 -3.72 -2.90 28.14
N PRO C 281 -3.47 -4.15 27.73
CA PRO C 281 -2.63 -5.01 28.57
C PRO C 281 -1.16 -4.55 28.44
N GLN C 282 -0.34 -4.81 29.46
CA GLN C 282 1.04 -4.31 29.48
C GLN C 282 1.92 -4.82 28.33
N TRP C 283 1.76 -6.08 27.99
CA TRP C 283 2.60 -6.66 26.95
C TRP C 283 2.37 -5.96 25.60
N VAL C 284 1.19 -5.43 25.36
CA VAL C 284 0.96 -4.59 24.16
C VAL C 284 1.44 -3.15 24.37
N MET C 285 1.05 -2.57 25.50
CA MET C 285 1.16 -1.14 25.72
C MET C 285 2.61 -0.70 25.96
N ASP C 286 3.42 -1.63 26.47
CA ASP C 286 4.84 -1.45 26.63
C ASP C 286 5.65 -2.05 25.48
N HIS C 287 5.06 -2.21 24.30
CA HIS C 287 5.71 -2.90 23.15
C HIS C 287 7.11 -2.33 22.85
N ALA C 288 7.23 -1.02 22.79
CA ALA C 288 8.54 -0.38 22.62
C ALA C 288 8.50 1.05 23.11
N PRO C 289 9.65 1.57 23.56
CA PRO C 289 9.64 2.97 23.92
C PRO C 289 9.42 3.87 22.73
N ALA C 290 8.88 5.03 22.98
CA ALA C 290 8.82 6.08 21.97
C ALA C 290 8.15 5.66 20.65
N PHE C 291 7.12 4.86 20.74
CA PHE C 291 6.49 4.28 19.59
C PHE C 291 5.32 5.10 19.08
N VAL C 292 4.57 5.71 19.99
CA VAL C 292 3.46 6.59 19.61
C VAL C 292 3.53 7.87 20.44
N LEU C 293 4.21 8.89 19.91
CA LEU C 293 4.53 10.10 20.63
C LEU C 293 3.78 11.30 20.10
N GLN C 294 3.21 12.07 21.01
CA GLN C 294 2.72 13.41 20.65
C GLN C 294 3.09 14.33 21.77
N THR C 295 3.78 15.42 21.44
CA THR C 295 4.42 16.26 22.44
C THR C 295 3.56 16.61 23.68
N THR C 296 2.38 17.18 23.45
CA THR C 296 1.54 17.67 24.55
C THR C 296 0.51 16.69 25.06
N ALA C 297 0.49 15.48 24.53
CA ALA C 297 -0.36 14.44 25.10
C ALA C 297 -0.05 14.22 26.58
N GLY C 298 -1.10 14.05 27.36
CA GLY C 298 -0.98 13.79 28.78
C GLY C 298 -0.55 15.02 29.53
N ASN C 299 -0.83 16.20 28.95
CA ASN C 299 -0.43 17.44 29.56
C ASN C 299 -1.32 17.59 30.78
N PRO C 300 -0.83 18.32 31.80
CA PRO C 300 -1.49 18.36 33.09
C PRO C 300 -2.84 19.09 33.11
N VAL C 301 -3.10 19.94 32.12
CA VAL C 301 -4.36 20.68 32.05
C VAL C 301 -5.52 19.79 31.58
N ALA C 302 -5.33 19.10 30.45
CA ALA C 302 -6.34 18.25 29.88
C ALA C 302 -6.57 17.10 30.82
N THR C 303 -5.50 16.52 31.40
CA THR C 303 -5.69 15.36 32.31
C THR C 303 -6.37 15.76 33.61
N ALA C 304 -6.07 16.95 34.13
CA ALA C 304 -6.80 17.44 35.29
C ALA C 304 -8.33 17.56 34.98
N ALA C 305 -8.69 18.11 33.81
CA ALA C 305 -10.09 18.19 33.42
C ALA C 305 -10.73 16.79 33.41
N GLY C 306 -10.01 15.81 32.89
CA GLY C 306 -10.52 14.44 32.86
C GLY C 306 -10.77 13.85 34.24
N ARG C 307 -9.89 14.18 35.19
CA ARG C 307 -10.07 13.69 36.55
C ARG C 307 -11.35 14.28 37.12
N ALA C 308 -11.60 15.56 36.85
CA ALA C 308 -12.81 16.23 37.31
C ALA C 308 -14.03 15.59 36.66
N VAL C 309 -13.94 15.23 35.40
CA VAL C 309 -15.08 14.57 34.75
C VAL C 309 -15.40 13.23 35.44
N LEU C 310 -14.42 12.36 35.53
CA LEU C 310 -14.62 11.06 36.16
C LEU C 310 -15.08 11.21 37.58
N ASN C 311 -14.50 12.16 38.32
CA ASN C 311 -14.85 12.28 39.75
C ASN C 311 -16.32 12.69 39.90
N THR C 312 -16.76 13.68 39.11
CA THR C 312 -18.14 14.14 39.13
C THR C 312 -19.14 13.05 38.75
N ILE C 313 -18.80 12.28 37.72
CA ILE C 313 -19.65 11.18 37.28
C ILE C 313 -19.80 10.10 38.36
N GLU C 314 -18.72 9.74 39.04
CA GLU C 314 -18.83 8.76 40.15
C GLU C 314 -19.58 9.39 41.34
N ARG C 315 -19.21 10.60 41.75
CA ARG C 315 -19.74 11.20 42.98
C ARG C 315 -21.22 11.52 42.87
N GLN C 316 -21.62 12.15 41.76
CA GLN C 316 -23.00 12.51 41.59
C GLN C 316 -23.85 11.36 41.01
N GLY C 317 -23.31 10.14 40.86
CA GLY C 317 -24.05 9.05 40.26
C GLY C 317 -24.67 9.37 38.87
N LEU C 318 -23.86 9.84 37.92
CA LEU C 318 -24.40 10.27 36.61
C LEU C 318 -24.71 9.11 35.65
N ALA C 319 -24.15 7.94 35.91
CA ALA C 319 -24.51 6.77 35.13
C ALA C 319 -25.95 6.42 35.48
N GLN C 320 -26.19 6.23 36.77
CA GLN C 320 -27.52 5.87 37.24
C GLN C 320 -28.49 6.99 36.82
N ARG C 321 -28.14 8.23 37.03
CA ARG C 321 -29.02 9.31 36.60
C ARG C 321 -29.34 9.29 35.09
N SER C 322 -28.34 9.00 34.25
CA SER C 322 -28.55 9.05 32.81
C SER C 322 -29.53 7.95 32.34
N GLU C 323 -29.48 6.77 32.96
CA GLU C 323 -30.51 5.75 32.70
C GLU C 323 -31.91 6.28 32.96
N ARG C 324 -32.09 6.94 34.11
CA ARG C 324 -33.41 7.40 34.52
C ARG C 324 -33.87 8.58 33.64
N VAL C 325 -33.03 9.58 33.48
CA VAL C 325 -33.36 10.82 32.79
C VAL C 325 -33.44 10.59 31.26
N GLY C 326 -32.49 9.80 30.74
CA GLY C 326 -32.55 9.35 29.37
C GLY C 326 -33.81 8.55 29.04
N GLY C 327 -34.26 7.72 29.99
CA GLY C 327 -35.55 7.00 29.83
C GLY C 327 -36.74 7.92 29.69
N ILE C 328 -36.86 8.90 30.60
CA ILE C 328 -37.88 9.96 30.48
C ILE C 328 -37.82 10.67 29.11
N PHE C 329 -36.61 11.08 28.68
CA PHE C 329 -36.44 11.82 27.42
C PHE C 329 -36.85 10.92 26.24
N ALA C 330 -36.36 9.69 26.25
CA ALA C 330 -36.64 8.74 25.17
C ALA C 330 -38.17 8.52 25.03
N ASP C 331 -38.85 8.37 26.16
CA ASP C 331 -40.29 8.12 26.16
C ASP C 331 -41.09 9.31 25.65
N ARG C 332 -40.70 10.53 26.02
CA ARG C 332 -41.31 11.74 25.41
C ARG C 332 -41.19 11.68 23.89
N LEU C 333 -39.99 11.40 23.41
CA LEU C 333 -39.77 11.33 21.98
C LEU C 333 -40.60 10.25 21.32
N ARG C 334 -40.63 9.05 21.88
CA ARG C 334 -41.50 8.00 21.35
C ARG C 334 -42.96 8.42 21.18
N ARG C 335 -43.53 9.00 22.23
CA ARG C 335 -44.93 9.43 22.19
C ARG C 335 -45.18 10.47 21.08
N LEU C 336 -44.15 11.20 20.67
CA LEU C 336 -44.29 12.12 19.56
C LEU C 336 -44.59 11.41 18.24
N SER C 337 -44.33 10.11 18.17
CA SER C 337 -44.62 9.37 16.93
C SER C 337 -46.14 9.24 16.70
N ASP C 338 -46.96 9.35 17.75
CA ASP C 338 -48.39 9.38 17.58
C ASP C 338 -48.79 10.60 16.74
N LYS C 339 -48.11 11.73 16.91
CA LYS C 339 -48.47 12.93 16.14
C LYS C 339 -47.74 12.99 14.82
N HIS C 340 -46.49 12.52 14.82
CA HIS C 340 -45.63 12.65 13.66
C HIS C 340 -45.20 11.26 13.12
N SER C 341 -45.77 10.83 12.02
CA SER C 341 -45.50 9.47 11.54
C SER C 341 -44.04 9.34 11.00
N ILE C 342 -43.38 10.47 10.71
CA ILE C 342 -41.96 10.46 10.29
C ILE C 342 -41.02 9.85 11.35
N ILE C 343 -41.43 9.86 12.61
CA ILE C 343 -40.61 9.28 13.67
C ILE C 343 -40.76 7.75 13.62
N GLY C 344 -39.86 7.10 12.91
CA GLY C 344 -39.95 5.63 12.77
C GLY C 344 -39.43 4.85 13.95
N ASP C 345 -38.42 5.39 14.64
CA ASP C 345 -37.79 4.66 15.77
C ASP C 345 -37.14 5.69 16.70
N VAL C 346 -37.07 5.33 17.97
CA VAL C 346 -36.33 6.05 18.97
C VAL C 346 -35.51 4.97 19.64
N ARG C 347 -34.19 5.06 19.53
CA ARG C 347 -33.32 3.95 20.03
C ARG C 347 -32.12 4.56 20.71
N GLY C 348 -31.39 3.75 21.42
CA GLY C 348 -30.22 4.26 22.13
C GLY C 348 -30.11 3.63 23.48
N ARG C 349 -29.22 4.17 24.29
CA ARG C 349 -29.22 3.83 25.70
C ARG C 349 -28.96 5.08 26.47
N GLY C 350 -29.70 5.24 27.57
CA GLY C 350 -29.50 6.35 28.48
C GLY C 350 -29.60 7.66 27.72
N LEU C 351 -28.57 8.51 27.83
CA LEU C 351 -28.58 9.79 27.12
C LEU C 351 -27.84 9.78 25.76
N ALA C 352 -27.73 8.58 25.17
CA ALA C 352 -27.28 8.44 23.78
C ALA C 352 -28.51 8.00 23.01
N ILE C 353 -29.13 8.97 22.33
CA ILE C 353 -30.44 8.73 21.78
C ILE C 353 -30.50 9.12 20.34
N GLY C 354 -31.06 8.22 19.53
CA GLY C 354 -31.28 8.46 18.11
C GLY C 354 -32.75 8.41 17.74
N VAL C 355 -33.16 9.31 16.85
CA VAL C 355 -34.50 9.28 16.29
C VAL C 355 -34.48 9.08 14.77
N ASP C 356 -34.91 7.91 14.30
CA ASP C 356 -34.80 7.54 12.90
C ASP C 356 -36.00 8.08 12.06
N LEU C 357 -35.75 9.02 11.17
CA LEU C 357 -36.79 9.63 10.39
C LEU C 357 -37.03 8.82 9.10
N VAL C 358 -38.29 8.52 8.83
CA VAL C 358 -38.65 7.68 7.68
C VAL C 358 -39.70 8.35 6.81
N SER C 359 -39.58 8.23 5.50
CA SER C 359 -40.60 8.74 4.59
C SER C 359 -41.78 7.80 4.49
N ASP C 360 -41.62 6.56 4.97
CA ASP C 360 -42.70 5.57 4.88
C ASP C 360 -42.57 4.62 6.07
N ARG C 361 -43.62 4.50 6.89
CA ARG C 361 -43.55 3.67 8.08
C ARG C 361 -43.46 2.16 7.80
N GLY C 362 -44.05 1.78 6.66
CA GLY C 362 -44.07 0.39 6.21
C GLY C 362 -42.75 -0.09 5.68
N SER C 363 -42.19 0.68 4.76
CA SER C 363 -40.87 0.33 4.14
C SER C 363 -39.65 0.80 4.95
N ARG C 364 -39.83 1.81 5.81
CA ARG C 364 -38.73 2.36 6.62
C ARG C 364 -37.68 3.03 5.75
N GLU C 365 -38.11 3.40 4.54
CA GLU C 365 -37.30 4.21 3.68
C GLU C 365 -36.88 5.49 4.46
N PRO C 366 -35.58 5.81 4.48
CA PRO C 366 -35.09 6.97 5.22
C PRO C 366 -35.71 8.26 4.74
N ALA C 367 -35.99 9.21 5.62
CA ALA C 367 -36.46 10.53 5.15
C ALA C 367 -35.36 11.16 4.36
N PRO C 368 -35.74 12.03 3.41
CA PRO C 368 -34.71 12.66 2.63
C PRO C 368 -33.92 13.61 3.53
N VAL C 369 -32.63 13.76 3.23
CA VAL C 369 -31.70 14.55 4.06
C VAL C 369 -32.12 16.02 4.14
N THR C 370 -32.74 16.54 3.10
CA THR C 370 -33.25 17.91 3.15
C THR C 370 -34.31 18.13 4.26
N THR C 371 -35.20 17.16 4.44
CA THR C 371 -36.16 17.18 5.53
C THR C 371 -35.45 17.14 6.89
N THR C 372 -34.51 16.22 7.06
CA THR C 372 -33.76 16.12 8.30
C THR C 372 -32.99 17.41 8.62
N ALA C 373 -32.32 17.99 7.63
CA ALA C 373 -31.63 19.29 7.82
C ALA C 373 -32.59 20.43 8.21
N LYS C 374 -33.81 20.42 7.68
CA LYS C 374 -34.79 21.43 8.01
C LYS C 374 -35.24 21.28 9.43
N ILE C 375 -35.37 20.05 9.90
CA ILE C 375 -35.74 19.84 11.30
C ILE C 375 -34.66 20.41 12.26
N ILE C 376 -33.38 20.18 11.96
CA ILE C 376 -32.28 20.76 12.77
C ILE C 376 -32.31 22.31 12.72
N TYR C 377 -32.49 22.85 11.52
CA TYR C 377 -32.52 24.31 11.36
C TYR C 377 -33.68 24.94 12.12
N ARG C 378 -34.84 24.34 12.01
CA ARG C 378 -35.97 24.85 12.76
C ARG C 378 -35.78 24.65 14.27
N GLY C 379 -35.17 23.53 14.67
CA GLY C 379 -34.77 23.35 16.08
C GLY C 379 -33.93 24.50 16.62
N TYR C 380 -32.91 24.82 15.87
CA TYR C 380 -32.04 25.92 16.15
C TYR C 380 -32.83 27.25 16.31
N GLN C 381 -33.77 27.53 15.41
CA GLN C 381 -34.54 28.79 15.55
C GLN C 381 -35.44 28.75 16.78
N LEU C 382 -35.92 27.57 17.14
CA LEU C 382 -36.74 27.41 18.32
C LEU C 382 -35.94 27.30 19.62
N GLY C 383 -34.60 27.31 19.54
CA GLY C 383 -33.75 27.35 20.75
C GLY C 383 -33.14 26.02 21.21
N ALA C 384 -32.95 25.08 20.28
CA ALA C 384 -32.23 23.83 20.59
C ALA C 384 -31.22 23.48 19.50
N ALA C 385 -30.04 23.03 19.96
CA ALA C 385 -28.96 22.62 19.07
C ALA C 385 -28.84 21.10 19.01
N PHE C 386 -29.04 20.53 17.81
CA PHE C 386 -28.80 19.07 17.66
C PHE C 386 -28.32 18.77 16.27
N THR C 387 -28.11 17.49 15.97
CA THR C 387 -27.47 17.09 14.71
C THR C 387 -28.17 15.88 14.14
N TYR C 388 -27.71 15.39 12.98
CA TYR C 388 -28.09 14.07 12.55
C TYR C 388 -26.91 13.18 12.16
N VAL C 389 -27.16 11.88 12.22
CA VAL C 389 -26.18 10.88 11.88
C VAL C 389 -26.83 9.85 10.99
N GLY C 390 -26.07 8.80 10.67
CA GLY C 390 -26.64 7.60 10.04
C GLY C 390 -26.12 7.39 8.64
N LEU C 391 -26.07 6.15 8.21
CA LEU C 391 -25.64 5.85 6.85
C LEU C 391 -26.59 6.47 5.80
N ASN C 392 -27.83 6.82 6.19
CA ASN C 392 -28.77 7.49 5.30
C ASN C 392 -29.07 8.95 5.67
N ALA C 393 -28.27 9.55 6.56
CA ALA C 393 -28.43 10.98 6.87
C ALA C 393 -29.83 11.35 7.40
N ASN C 394 -30.42 10.47 8.20
CA ASN C 394 -31.81 10.58 8.60
C ASN C 394 -32.08 10.29 10.10
N VAL C 395 -31.02 10.13 10.92
CA VAL C 395 -31.19 9.85 12.35
C VAL C 395 -30.80 11.12 13.13
N LEU C 396 -31.79 11.76 13.76
CA LEU C 396 -31.53 12.86 14.66
C LEU C 396 -30.74 12.29 15.82
N GLU C 397 -29.67 12.98 16.17
CA GLU C 397 -28.78 12.60 17.29
C GLU C 397 -28.98 13.54 18.50
N PHE C 398 -29.17 12.94 19.67
CA PHE C 398 -29.28 13.66 20.95
C PHE C 398 -28.23 13.09 21.90
N MET C 399 -27.23 13.91 22.16
CA MET C 399 -26.10 13.56 23.03
C MET C 399 -25.93 14.69 24.03
N PRO C 400 -26.99 15.00 24.79
CA PRO C 400 -26.86 16.19 25.63
C PRO C 400 -25.88 15.98 26.80
N PRO C 401 -25.44 17.09 27.43
CA PRO C 401 -24.69 16.96 28.69
C PRO C 401 -25.42 16.06 29.69
N LEU C 402 -24.67 15.27 30.42
CA LEU C 402 -25.22 14.36 31.40
C LEU C 402 -25.93 15.12 32.52
N THR C 403 -25.68 16.43 32.58
CA THR C 403 -26.29 17.30 33.56
C THR C 403 -27.63 17.85 33.10
N LEU C 404 -28.16 17.34 31.99
CA LEU C 404 -29.45 17.75 31.49
C LEU C 404 -30.53 17.64 32.59
N THR C 405 -31.30 18.72 32.78
CA THR C 405 -32.35 18.72 33.85
C THR C 405 -33.70 18.20 33.32
N GLU C 406 -34.59 17.85 34.25
CA GLU C 406 -35.93 17.42 33.83
C GLU C 406 -36.75 18.52 33.15
N PRO C 407 -36.68 19.78 33.62
CA PRO C 407 -37.33 20.83 32.84
C PRO C 407 -36.78 21.00 31.45
N GLU C 408 -35.48 20.78 31.29
CA GLU C 408 -34.86 20.87 29.98
C GLU C 408 -35.31 19.71 29.08
N ILE C 409 -35.55 18.55 29.65
CA ILE C 409 -36.12 17.45 28.86
C ILE C 409 -37.48 17.84 28.27
N ASP C 410 -38.37 18.48 29.04
CA ASP C 410 -39.67 18.97 28.49
C ASP C 410 -39.47 20.03 27.42
N GLU C 411 -38.53 20.94 27.64
CA GLU C 411 -38.26 22.01 26.67
C GLU C 411 -37.73 21.41 25.36
N ALA C 412 -36.89 20.39 25.50
CA ALA C 412 -36.36 19.67 24.35
C ALA C 412 -37.42 18.97 23.50
N ALA C 413 -38.22 18.15 24.17
CA ALA C 413 -39.28 17.40 23.52
C ALA C 413 -40.25 18.33 22.81
N ASP C 414 -40.54 19.45 23.44
CA ASP C 414 -41.47 20.42 22.84
C ASP C 414 -40.89 21.06 21.61
N ILE C 415 -39.59 21.36 21.66
CA ILE C 415 -38.93 21.99 20.52
C ILE C 415 -38.84 21.01 19.34
N VAL C 416 -38.44 19.79 19.64
CA VAL C 416 -38.39 18.75 18.57
C VAL C 416 -39.76 18.52 17.90
N ASP C 417 -40.80 18.42 18.74
CA ASP C 417 -42.18 18.27 18.33
C ASP C 417 -42.56 19.42 17.39
N GLN C 418 -42.28 20.63 17.81
CA GLN C 418 -42.64 21.79 17.01
C GLN C 418 -41.83 21.87 15.73
N ALA C 419 -40.54 21.50 15.80
CA ALA C 419 -39.68 21.57 14.63
C ALA C 419 -40.12 20.56 13.52
N ILE C 420 -40.40 19.32 13.92
CA ILE C 420 -40.88 18.27 12.98
C ILE C 420 -42.20 18.70 12.33
N GLY C 421 -43.12 19.22 13.13
CA GLY C 421 -44.42 19.66 12.67
C GLY C 421 -44.28 20.79 11.70
N ASP C 422 -43.43 21.76 12.02
CA ASP C 422 -43.28 22.96 11.15
C ASP C 422 -42.68 22.54 9.83
N VAL C 423 -41.76 21.59 9.85
CA VAL C 423 -41.14 21.16 8.59
C VAL C 423 -42.11 20.34 7.72
N LEU C 424 -42.85 19.44 8.33
CA LEU C 424 -43.82 18.64 7.59
C LEU C 424 -44.95 19.50 6.98
N ASP C 425 -45.36 20.55 7.69
CA ASP C 425 -46.42 21.47 7.21
C ASP C 425 -45.84 22.42 6.22
N GLY C 426 -44.63 22.17 5.73
CA GLY C 426 -44.02 22.98 4.69
C GLY C 426 -43.77 24.44 5.08
N LYS C 427 -43.27 24.66 6.29
CA LYS C 427 -43.09 26.01 6.77
C LYS C 427 -41.64 26.47 6.81
N VAL C 428 -40.73 25.63 6.29
CA VAL C 428 -39.30 25.93 6.29
C VAL C 428 -38.72 25.93 4.87
N ALA C 429 -38.06 27.01 4.45
CA ALA C 429 -37.51 27.14 3.08
C ALA C 429 -36.30 26.23 2.76
N ASP C 430 -36.11 25.97 1.46
CA ASP C 430 -35.00 25.15 0.94
C ASP C 430 -33.65 25.88 1.00
N SER C 431 -33.67 27.20 0.77
CA SER C 431 -32.43 28.02 0.75
C SER C 431 -31.76 28.16 2.13
N ASP C 432 -32.57 28.06 3.19
CA ASP C 432 -32.09 28.12 4.57
C ASP C 432 -31.23 26.91 4.98
N VAL C 433 -31.47 25.74 4.39
CA VAL C 433 -30.64 24.56 4.62
C VAL C 433 -29.63 24.26 3.50
N ALA C 434 -29.77 24.92 2.36
CA ALA C 434 -28.85 24.71 1.22
C ALA C 434 -27.39 24.75 1.65
N HIS C 435 -27.04 25.74 2.46
CA HIS C 435 -25.65 25.97 2.85
C HIS C 435 -25.07 24.89 3.80
N PHE C 436 -25.93 24.08 4.44
CA PHE C 436 -25.48 23.05 5.40
C PHE C 436 -25.52 21.62 4.82
N MET C 437 -25.50 21.54 3.49
CA MET C 437 -25.45 20.27 2.76
C MET C 437 -24.65 20.45 1.48
N GLN D 2 -11.86 -10.18 -50.49
CA GLN D 2 -11.48 -9.65 -51.84
C GLN D 2 -10.49 -8.48 -51.71
N THR D 3 -10.87 -7.45 -50.96
CA THR D 3 -9.98 -6.31 -50.69
C THR D 3 -8.72 -6.74 -49.87
N PRO D 4 -7.52 -6.55 -50.44
CA PRO D 4 -6.30 -7.02 -49.73
C PRO D 4 -5.88 -6.12 -48.52
N LEU D 5 -5.63 -6.74 -47.36
CA LEU D 5 -5.31 -6.02 -46.12
C LEU D 5 -3.90 -6.33 -45.69
N SER D 6 -3.13 -5.29 -45.33
CA SER D 6 -1.77 -5.51 -44.88
C SER D 6 -1.81 -6.16 -43.46
N LEU D 7 -0.76 -6.91 -43.12
CA LEU D 7 -0.54 -7.44 -41.76
C LEU D 7 -0.53 -6.29 -40.77
N ARG D 8 0.12 -5.20 -41.15
CA ARG D 8 0.15 -4.01 -40.33
C ARG D 8 -1.26 -3.45 -40.05
N GLU D 9 -2.11 -3.43 -41.08
CA GLU D 9 -3.46 -2.89 -40.89
C GLU D 9 -4.28 -3.84 -40.02
N ARG D 10 -4.04 -5.13 -40.24
CA ARG D 10 -4.75 -6.18 -39.51
C ARG D 10 -4.39 -6.11 -38.02
N ASP D 11 -3.10 -5.90 -37.74
CA ASP D 11 -2.58 -5.69 -36.38
C ASP D 11 -3.27 -4.55 -35.70
N ALA D 12 -3.39 -3.42 -36.42
CA ALA D 12 -3.99 -2.19 -35.89
C ALA D 12 -5.46 -2.36 -35.49
N ARG D 13 -6.19 -3.20 -36.23
CA ARG D 13 -7.60 -3.47 -35.99
C ARG D 13 -7.85 -4.39 -34.76
N VAL D 14 -6.90 -5.25 -34.42
CA VAL D 14 -7.12 -6.30 -33.38
C VAL D 14 -6.19 -6.32 -32.13
N ILE D 15 -4.95 -5.89 -32.29
CA ILE D 15 -3.99 -5.91 -31.20
C ILE D 15 -4.10 -4.67 -30.34
N ALA D 16 -4.01 -4.90 -29.03
CA ALA D 16 -4.10 -3.85 -28.02
C ALA D 16 -2.85 -2.93 -27.99
N GLU D 17 -3.08 -1.63 -27.86
CA GLU D 17 -1.96 -0.67 -27.77
C GLU D 17 -1.12 -0.90 -26.50
N ILE D 18 -1.73 -1.35 -25.43
CA ILE D 18 -0.98 -1.63 -24.21
C ILE D 18 0.19 -2.60 -24.45
N GLY D 19 0.11 -3.44 -25.47
CA GLY D 19 1.18 -4.42 -25.76
C GLY D 19 2.16 -4.07 -26.88
N ARG D 20 2.05 -2.83 -27.36
CA ARG D 20 2.87 -2.30 -28.46
C ARG D 20 4.06 -1.41 -28.00
N LEU D 21 5.23 -1.64 -28.60
CA LEU D 21 6.42 -0.72 -28.57
C LEU D 21 7.10 -0.80 -29.95
N ARG D 22 6.47 -0.15 -30.91
CA ARG D 22 6.79 -0.30 -32.32
C ARG D 22 7.66 0.87 -32.78
N PHE D 23 8.79 0.53 -33.39
CA PHE D 23 9.80 1.51 -33.83
C PHE D 23 9.83 1.72 -35.36
N SER D 24 9.14 0.86 -36.12
CA SER D 24 9.06 0.97 -37.59
C SER D 24 7.81 0.20 -38.04
N PRO D 25 7.42 0.33 -39.34
CA PRO D 25 6.35 -0.51 -39.94
C PRO D 25 6.64 -2.01 -40.11
N LEU D 26 7.86 -2.44 -39.88
CA LEU D 26 8.23 -3.84 -40.08
C LEU D 26 7.15 -4.77 -39.51
N SER D 27 6.52 -5.56 -40.39
CA SER D 27 5.52 -6.56 -40.06
C SER D 27 5.98 -7.87 -40.66
N LEU D 28 5.95 -8.95 -39.89
CA LEU D 28 6.75 -10.15 -40.24
C LEU D 28 5.97 -11.40 -40.64
N ILE D 29 6.56 -12.18 -41.55
CA ILE D 29 5.97 -13.45 -41.99
C ILE D 29 6.95 -14.63 -41.83
N GLY D 30 8.21 -14.35 -41.58
CA GLY D 30 9.14 -15.41 -41.32
C GLY D 30 10.47 -14.82 -40.93
N GLY D 31 11.45 -15.69 -40.81
CA GLY D 31 12.80 -15.28 -40.53
C GLY D 31 13.71 -16.47 -40.66
N LYS D 32 14.92 -16.23 -41.16
CA LYS D 32 15.91 -17.27 -41.39
C LYS D 32 17.32 -16.71 -41.17
N GLY D 33 18.15 -17.45 -40.43
CA GLY D 33 19.47 -16.99 -40.02
C GLY D 33 19.36 -15.73 -39.16
N ASN D 34 20.04 -14.66 -39.56
CA ASN D 34 20.03 -13.41 -38.82
C ASN D 34 19.19 -12.37 -39.50
N ARG D 35 18.29 -12.81 -40.41
CA ARG D 35 17.39 -11.92 -41.12
C ARG D 35 15.93 -12.28 -40.85
N LEU D 36 15.08 -11.27 -40.96
CA LEU D 36 13.66 -11.36 -40.71
C LEU D 36 12.97 -11.02 -42.02
N ILE D 37 11.85 -11.70 -42.28
CA ILE D 37 11.13 -11.57 -43.53
C ILE D 37 9.86 -10.78 -43.34
N GLU D 38 9.83 -9.59 -43.93
CA GLU D 38 8.66 -8.73 -43.99
C GLU D 38 7.61 -9.29 -44.93
N GLU D 39 6.33 -9.04 -44.62
CA GLU D 39 5.22 -9.37 -45.51
C GLU D 39 5.53 -8.77 -46.90
N GLY D 40 5.50 -9.61 -47.92
CA GLY D 40 5.96 -9.24 -49.26
C GLY D 40 7.28 -9.84 -49.66
N GLY D 41 8.04 -10.39 -48.71
CA GLY D 41 9.24 -11.19 -48.99
C GLY D 41 10.59 -10.53 -48.68
N ARG D 42 10.61 -9.21 -48.56
CA ARG D 42 11.86 -8.49 -48.25
C ARG D 42 12.62 -9.01 -47.00
N SER D 43 13.91 -9.34 -47.18
CA SER D 43 14.81 -9.83 -46.12
C SER D 43 15.59 -8.69 -45.38
N ILE D 44 15.38 -8.57 -44.07
CA ILE D 44 15.89 -7.46 -43.26
C ILE D 44 16.87 -8.02 -42.27
N LEU D 45 18.03 -7.39 -42.18
CA LEU D 45 19.04 -7.81 -41.24
C LEU D 45 18.57 -7.43 -39.82
N ASP D 46 18.64 -8.38 -38.90
CA ASP D 46 18.11 -8.12 -37.54
C ASP D 46 19.22 -7.78 -36.56
N LEU D 47 19.29 -6.49 -36.26
CA LEU D 47 20.24 -5.99 -35.29
C LEU D 47 19.57 -5.86 -33.92
N SER D 48 18.26 -6.14 -33.86
CA SER D 48 17.47 -6.07 -32.62
C SER D 48 17.50 -7.37 -31.84
N GLY D 49 17.55 -8.51 -32.53
CA GLY D 49 17.53 -9.82 -31.84
C GLY D 49 16.18 -10.03 -31.18
N SER D 50 15.17 -9.31 -31.68
CA SER D 50 13.85 -9.17 -31.06
C SER D 50 13.90 -8.67 -29.60
N ALA D 51 14.91 -7.82 -29.34
CA ALA D 51 15.29 -7.28 -28.04
C ALA D 51 16.18 -8.21 -27.20
N GLY D 52 16.56 -9.36 -27.72
CA GLY D 52 17.41 -10.28 -26.96
C GLY D 52 17.05 -11.75 -27.02
N PRO D 53 15.74 -12.09 -27.07
CA PRO D 53 15.31 -13.48 -27.14
C PRO D 53 15.97 -14.29 -28.27
N ALA D 54 16.12 -13.69 -29.45
CA ALA D 54 16.72 -14.39 -30.64
C ALA D 54 18.25 -14.51 -30.61
N ALA D 55 18.75 -15.13 -29.54
CA ALA D 55 20.18 -15.33 -29.33
C ALA D 55 20.90 -16.01 -30.47
N LEU D 56 20.25 -17.01 -31.08
CA LEU D 56 20.87 -17.78 -32.15
C LEU D 56 20.23 -17.49 -33.49
N GLY D 57 19.59 -16.34 -33.63
CA GLY D 57 18.85 -16.06 -34.84
C GLY D 57 17.52 -16.79 -34.98
N TYR D 58 17.08 -16.91 -36.23
CA TYR D 58 15.80 -17.46 -36.58
C TYR D 58 15.99 -18.77 -37.34
N GLY D 59 15.20 -19.78 -37.00
CA GLY D 59 15.32 -21.09 -37.62
C GLY D 59 16.63 -21.78 -37.38
N HIS D 60 17.28 -21.47 -36.26
CA HIS D 60 18.55 -22.11 -35.95
C HIS D 60 18.35 -23.63 -35.74
N PRO D 61 19.16 -24.46 -36.40
CA PRO D 61 18.98 -25.89 -36.36
C PRO D 61 18.94 -26.51 -34.98
N ALA D 62 19.80 -26.07 -34.07
CA ALA D 62 19.81 -26.67 -32.73
C ALA D 62 18.46 -26.45 -32.01
N ILE D 63 17.86 -25.27 -32.18
CA ILE D 63 16.57 -24.89 -31.55
C ILE D 63 15.36 -25.57 -32.24
N VAL D 64 15.38 -25.58 -33.59
CA VAL D 64 14.41 -26.34 -34.38
C VAL D 64 14.41 -27.80 -33.89
N GLU D 65 15.58 -28.44 -33.87
CA GLU D 65 15.62 -29.84 -33.47
C GLU D 65 14.97 -30.02 -32.13
N ALA D 66 15.41 -29.26 -31.13
CA ALA D 66 14.93 -29.43 -29.75
C ALA D 66 13.42 -29.16 -29.57
N VAL D 67 12.88 -28.14 -30.22
CA VAL D 67 11.47 -27.84 -30.15
C VAL D 67 10.65 -28.89 -30.89
N GLU D 68 11.15 -29.36 -32.03
CA GLU D 68 10.43 -30.41 -32.80
C GLU D 68 10.31 -31.69 -31.96
N LYS D 69 11.42 -32.17 -31.42
CA LYS D 69 11.43 -33.40 -30.63
C LYS D 69 10.47 -33.31 -29.45
N SER D 70 10.51 -32.16 -28.78
CA SER D 70 9.74 -31.98 -27.59
C SER D 70 8.24 -31.80 -27.88
N VAL D 71 7.86 -31.04 -28.90
CA VAL D 71 6.47 -30.90 -29.23
C VAL D 71 5.87 -32.20 -29.83
N ARG D 72 6.69 -33.02 -30.50
CA ARG D 72 6.17 -34.32 -31.04
C ARG D 72 6.05 -35.39 -30.01
N ASP D 73 6.91 -35.34 -29.01
CA ASP D 73 6.90 -36.30 -27.87
C ASP D 73 7.00 -35.47 -26.55
N MET D 74 5.84 -35.00 -26.07
CA MET D 74 5.77 -33.97 -25.04
C MET D 74 5.60 -34.58 -23.68
N ALA D 75 6.60 -34.39 -22.83
CA ALA D 75 6.63 -34.93 -21.47
C ALA D 75 5.78 -34.03 -20.53
N GLY D 76 4.48 -34.01 -20.75
CA GLY D 76 3.58 -33.16 -19.98
C GLY D 76 3.76 -31.70 -20.37
N ALA D 77 3.05 -30.80 -19.67
CA ALA D 77 3.07 -29.34 -19.93
C ALA D 77 3.01 -28.47 -18.67
N SER D 78 3.53 -29.01 -17.57
CA SER D 78 3.54 -28.37 -16.28
C SER D 78 4.62 -28.99 -15.34
N LEU D 79 5.69 -28.25 -15.08
CA LEU D 79 6.69 -28.72 -14.10
C LEU D 79 6.14 -28.69 -12.65
N LEU D 80 5.20 -27.80 -12.35
CA LEU D 80 4.63 -27.81 -10.99
C LEU D 80 3.96 -29.16 -10.70
N LEU D 81 3.30 -29.75 -11.70
CA LEU D 81 2.67 -31.08 -11.52
C LEU D 81 3.61 -32.23 -11.74
N TYR D 82 4.49 -32.11 -12.73
CA TYR D 82 5.29 -33.25 -13.15
C TYR D 82 6.70 -32.80 -13.56
N PRO D 83 7.72 -33.31 -12.87
CA PRO D 83 9.09 -33.29 -13.40
C PRO D 83 9.12 -33.79 -14.84
N ASN D 84 9.91 -33.11 -15.67
CA ASN D 84 10.19 -33.63 -16.99
C ASN D 84 11.69 -33.50 -17.26
N GLU D 85 12.20 -34.35 -18.13
CA GLU D 85 13.65 -34.47 -18.39
C GLU D 85 14.29 -33.17 -18.93
N ALA D 86 13.59 -32.48 -19.83
CA ALA D 86 14.07 -31.23 -20.40
C ALA D 86 14.30 -30.21 -19.27
N ALA D 87 13.28 -29.95 -18.45
CA ALA D 87 13.37 -28.93 -17.39
C ALA D 87 14.41 -29.28 -16.33
N VAL D 88 14.40 -30.54 -15.86
CA VAL D 88 15.39 -30.94 -14.89
C VAL D 88 16.83 -30.86 -15.44
N SER D 89 17.02 -31.23 -16.71
CA SER D 89 18.36 -31.16 -17.34
C SER D 89 18.80 -29.71 -17.53
N LEU D 90 17.85 -28.82 -17.86
CA LEU D 90 18.21 -27.42 -18.00
C LEU D 90 18.65 -26.85 -16.69
N ALA D 91 17.94 -27.21 -15.61
CA ALA D 91 18.26 -26.69 -14.31
C ALA D 91 19.65 -27.18 -13.93
N GLU D 92 19.94 -28.46 -14.16
CA GLU D 92 21.30 -28.99 -14.03
C GLU D 92 22.35 -28.18 -14.83
N ASP D 93 22.03 -27.87 -16.09
CA ASP D 93 22.91 -27.09 -16.95
C ASP D 93 23.18 -25.71 -16.34
N LEU D 94 22.11 -25.07 -15.86
CA LEU D 94 22.20 -23.70 -15.32
C LEU D 94 23.03 -23.68 -14.04
N LEU D 95 22.85 -24.66 -13.16
CA LEU D 95 23.72 -24.81 -12.01
C LEU D 95 25.17 -25.05 -12.40
N ARG D 96 25.42 -25.82 -13.44
CA ARG D 96 26.78 -26.11 -13.85
C ARG D 96 27.51 -24.86 -14.37
N ILE D 97 26.85 -24.03 -15.16
CA ILE D 97 27.50 -22.86 -15.77
C ILE D 97 27.43 -21.56 -14.96
N THR D 98 26.75 -21.61 -13.82
CA THR D 98 26.66 -20.46 -12.97
C THR D 98 27.48 -20.75 -11.71
N PRO D 99 28.54 -19.97 -11.50
CA PRO D 99 29.35 -20.22 -10.32
C PRO D 99 28.58 -19.84 -9.08
N GLY D 100 28.87 -20.50 -7.98
CA GLY D 100 28.23 -20.22 -6.72
C GLY D 100 28.53 -21.39 -5.81
N ASN D 101 28.33 -21.20 -4.52
CA ASN D 101 28.66 -22.29 -3.56
C ASN D 101 27.44 -22.66 -2.72
N GLY D 102 27.46 -23.88 -2.20
CA GLY D 102 26.40 -24.38 -1.35
C GLY D 102 25.27 -24.99 -2.16
N GLU D 103 24.18 -25.33 -1.49
CA GLU D 103 23.00 -25.89 -2.12
C GLU D 103 22.25 -24.76 -2.82
N ARG D 104 21.89 -24.97 -4.06
CA ARG D 104 21.14 -23.98 -4.84
C ARG D 104 20.04 -24.72 -5.59
N ARG D 105 19.01 -23.99 -6.01
CA ARG D 105 17.92 -24.57 -6.75
C ARG D 105 17.48 -23.56 -7.80
N VAL D 106 16.69 -24.07 -8.75
CA VAL D 106 16.25 -23.31 -9.90
C VAL D 106 14.75 -23.31 -9.96
N TRP D 107 14.18 -22.15 -10.27
CA TRP D 107 12.78 -22.02 -10.54
C TRP D 107 12.73 -21.51 -11.94
N PHE D 108 11.70 -21.94 -12.69
CA PHE D 108 11.48 -21.47 -14.04
C PHE D 108 10.23 -20.64 -14.18
N GLY D 109 10.26 -19.71 -15.13
CA GLY D 109 9.10 -19.02 -15.55
C GLY D 109 9.07 -18.75 -17.03
N HIS D 110 8.30 -17.75 -17.45
CA HIS D 110 8.13 -17.45 -18.85
C HIS D 110 8.82 -16.14 -19.27
N SER D 111 9.11 -15.24 -18.33
CA SER D 111 9.65 -13.94 -18.71
C SER D 111 10.55 -13.34 -17.62
N GLY D 112 11.31 -12.33 -18.03
CA GLY D 112 12.09 -11.58 -17.08
C GLY D 112 11.17 -11.00 -16.04
N SER D 113 10.04 -10.44 -16.48
CA SER D 113 9.03 -9.84 -15.56
C SER D 113 8.54 -10.80 -14.47
N ASP D 114 8.22 -12.04 -14.83
CA ASP D 114 7.73 -12.98 -13.81
C ASP D 114 8.85 -13.55 -12.92
N ALA D 115 10.08 -13.62 -13.44
CA ALA D 115 11.24 -14.13 -12.69
C ALA D 115 11.68 -13.13 -11.60
N ASN D 116 11.57 -11.84 -11.91
CA ASN D 116 11.87 -10.81 -10.93
C ASN D 116 10.72 -10.68 -9.93
N ASP D 117 9.50 -10.93 -10.35
CA ASP D 117 8.34 -10.94 -9.45
C ASP D 117 8.60 -12.09 -8.45
N CYS D 118 8.98 -13.25 -8.98
CA CYS D 118 9.31 -14.38 -8.15
C CYS D 118 10.44 -14.01 -7.17
N ALA D 119 11.51 -13.39 -7.71
CA ALA D 119 12.64 -12.97 -6.88
C ALA D 119 12.22 -12.07 -5.71
N VAL D 120 11.50 -10.98 -6.01
CA VAL D 120 11.14 -10.08 -4.92
C VAL D 120 10.21 -10.74 -3.90
N ARG D 121 9.32 -11.62 -4.35
CA ARG D 121 8.38 -12.28 -3.42
C ARG D 121 9.15 -13.25 -2.50
N VAL D 122 10.05 -14.04 -3.05
CA VAL D 122 10.69 -15.11 -2.29
C VAL D 122 11.83 -14.58 -1.42
N LEU D 123 12.52 -13.56 -1.92
CA LEU D 123 13.56 -12.86 -1.13
C LEU D 123 13.00 -12.18 0.14
N THR D 124 11.97 -11.33 -0.02
CA THR D 124 11.32 -10.72 1.13
C THR D 124 10.72 -11.74 2.10
N ALA D 125 10.01 -12.75 1.59
CA ALA D 125 9.46 -13.77 2.48
C ALA D 125 10.55 -14.60 3.20
N ALA D 126 11.57 -15.03 2.49
CA ALA D 126 12.59 -15.91 3.09
C ALA D 126 13.54 -15.16 4.03
N THR D 127 13.87 -13.91 3.71
CA THR D 127 14.78 -13.13 4.56
C THR D 127 14.09 -12.52 5.76
N LYS D 128 12.77 -12.51 5.75
CA LYS D 128 11.97 -11.69 6.65
C LYS D 128 12.37 -10.22 6.68
N ARG D 129 12.88 -9.70 5.58
CA ARG D 129 13.14 -8.27 5.52
C ARG D 129 12.32 -7.70 4.42
N SER D 130 11.92 -6.45 4.53
CA SER D 130 10.96 -5.91 3.60
C SER D 130 11.48 -4.90 2.57
N ARG D 131 12.65 -4.31 2.80
CA ARG D 131 13.15 -3.29 1.92
C ARG D 131 14.00 -3.88 0.78
N ILE D 132 14.04 -3.12 -0.32
CA ILE D 132 14.80 -3.50 -1.51
C ILE D 132 15.59 -2.32 -2.01
N ILE D 133 16.82 -2.57 -2.45
CA ILE D 133 17.64 -1.54 -3.10
C ILE D 133 17.69 -1.81 -4.62
N SER D 134 17.41 -0.79 -5.42
CA SER D 134 17.64 -0.90 -6.86
C SER D 134 18.07 0.47 -7.44
N PHE D 135 18.12 0.57 -8.79
CA PHE D 135 18.71 1.72 -9.43
C PHE D 135 17.71 2.55 -10.22
N ILE D 136 17.86 3.87 -10.17
CA ILE D 136 17.09 4.71 -11.05
C ILE D 136 17.41 4.25 -12.48
N GLY D 137 16.36 4.08 -13.27
CA GLY D 137 16.47 3.62 -14.64
C GLY D 137 16.53 2.11 -14.84
N SER D 138 16.54 1.35 -13.75
CA SER D 138 16.60 -0.09 -13.88
C SER D 138 15.25 -0.54 -14.49
N TYR D 139 15.30 -1.59 -15.30
CA TYR D 139 14.10 -2.17 -15.86
C TYR D 139 14.10 -3.65 -15.45
N HIS D 140 13.25 -4.02 -14.50
CA HIS D 140 13.25 -5.44 -14.03
C HIS D 140 12.04 -6.24 -14.51
N GLY D 141 11.09 -5.54 -15.15
CA GLY D 141 9.88 -6.16 -15.68
C GLY D 141 8.70 -5.19 -15.75
N ASN D 142 7.60 -5.63 -16.39
CA ASN D 142 6.40 -4.79 -16.53
C ASN D 142 5.13 -5.48 -15.96
N LEU D 143 5.32 -6.46 -15.08
CA LEU D 143 4.25 -7.03 -14.29
C LEU D 143 4.30 -6.35 -12.91
N THR D 144 3.21 -6.50 -12.16
CA THR D 144 3.03 -5.72 -10.93
C THR D 144 4.22 -5.81 -9.97
N GLY D 145 4.68 -7.02 -9.66
CA GLY D 145 5.77 -7.15 -8.69
C GLY D 145 7.14 -6.73 -9.21
N SER D 146 7.43 -7.01 -10.47
CA SER D 146 8.75 -6.67 -11.02
C SER D 146 8.84 -5.17 -11.36
N MET D 147 7.75 -4.60 -11.86
CA MET D 147 7.69 -3.16 -12.15
C MET D 147 7.88 -2.37 -10.85
N GLY D 148 7.44 -2.99 -9.74
CA GLY D 148 7.47 -2.35 -8.44
C GLY D 148 8.85 -1.94 -7.98
N ILE D 149 9.84 -2.79 -8.26
CA ILE D 149 11.22 -2.59 -7.87
C ILE D 149 12.05 -1.93 -8.99
N SER D 150 11.40 -1.41 -10.04
CA SER D 150 12.11 -0.87 -11.19
C SER D 150 12.13 0.63 -11.12
N GLY D 151 13.14 1.25 -11.72
CA GLY D 151 13.24 2.70 -11.67
C GLY D 151 13.14 3.40 -12.99
N HIS D 152 12.74 2.69 -14.03
CA HIS D 152 12.75 3.28 -15.36
C HIS D 152 11.62 4.29 -15.51
N THR D 153 11.90 5.36 -16.26
CA THR D 153 10.93 6.42 -16.49
C THR D 153 9.62 5.92 -17.06
N ALA D 154 9.68 4.85 -17.84
CA ALA D 154 8.49 4.31 -18.54
C ALA D 154 7.43 3.71 -17.60
N MET D 155 7.79 3.39 -16.36
CA MET D 155 6.83 2.80 -15.41
C MET D 155 6.44 3.73 -14.25
N THR D 156 6.66 5.04 -14.46
CA THR D 156 6.37 6.06 -13.45
C THR D 156 4.88 6.48 -13.41
N HIS D 157 4.06 5.82 -14.25
CA HIS D 157 2.59 5.91 -14.12
C HIS D 157 2.10 5.16 -12.88
N THR D 158 2.98 4.36 -12.25
CA THR D 158 2.59 3.53 -11.13
C THR D 158 3.62 3.66 -10.01
N LEU D 159 3.16 3.83 -8.77
CA LEU D 159 4.07 4.06 -7.64
C LEU D 159 4.90 2.80 -7.37
N PRO D 160 6.14 2.97 -6.92
CA PRO D 160 6.92 1.81 -6.60
C PRO D 160 6.40 1.06 -5.39
N ARG D 161 6.87 -0.16 -5.26
CA ARG D 161 6.64 -0.96 -4.07
C ARG D 161 7.14 -0.17 -2.85
N PRO D 162 6.37 -0.14 -1.73
CA PRO D 162 6.88 0.47 -0.49
C PRO D 162 8.18 -0.20 -0.03
N GLY D 163 9.12 0.60 0.47
CA GLY D 163 10.38 0.08 0.99
C GLY D 163 11.49 -0.06 -0.03
N VAL D 164 11.30 0.50 -1.23
CA VAL D 164 12.34 0.43 -2.28
C VAL D 164 13.19 1.69 -2.21
N LEU D 165 14.50 1.50 -2.04
CA LEU D 165 15.48 2.60 -2.16
C LEU D 165 16.04 2.65 -3.58
N LEU D 166 15.80 3.75 -4.31
CA LEU D 166 16.38 3.96 -5.65
C LEU D 166 17.62 4.87 -5.64
N LEU D 167 18.70 4.35 -6.17
CA LEU D 167 19.99 5.05 -6.23
C LEU D 167 20.31 5.34 -7.67
N PRO D 168 21.07 6.42 -7.91
CA PRO D 168 21.56 6.70 -9.25
C PRO D 168 22.53 5.62 -9.68
N TYR D 169 22.46 5.25 -10.97
CA TYR D 169 23.43 4.33 -11.55
C TYR D 169 24.58 5.14 -12.12
N PRO D 170 25.77 5.03 -11.52
CA PRO D 170 26.90 5.84 -12.02
C PRO D 170 27.17 5.68 -13.54
N ASP D 171 27.11 6.81 -14.24
CA ASP D 171 27.17 6.87 -15.67
C ASP D 171 28.45 7.57 -16.19
N PRO D 172 29.45 6.80 -16.68
CA PRO D 172 30.67 7.45 -17.21
C PRO D 172 30.43 8.56 -18.27
N PHE D 173 29.47 8.38 -19.17
CA PHE D 173 29.23 9.39 -20.20
C PHE D 173 28.51 10.65 -19.72
N ARG D 174 27.57 10.51 -18.78
CA ARG D 174 26.92 11.67 -18.13
C ARG D 174 27.13 11.55 -16.63
N PRO D 175 28.35 11.79 -16.16
CA PRO D 175 28.69 11.47 -14.77
C PRO D 175 28.23 12.51 -13.74
N ARG D 176 26.91 12.58 -13.56
CA ARG D 176 26.33 13.43 -12.52
C ARG D 176 26.67 12.91 -11.14
N PHE D 177 26.85 11.59 -11.01
CA PHE D 177 27.11 10.95 -9.73
C PHE D 177 28.21 9.95 -9.89
N SER D 178 29.32 10.22 -9.23
CA SER D 178 30.45 9.32 -9.31
C SER D 178 30.11 8.05 -8.53
N ALA D 179 30.88 7.01 -8.79
CA ALA D 179 30.77 5.80 -8.04
C ALA D 179 30.88 6.09 -6.54
N GLU D 180 31.78 6.99 -6.17
CA GLU D 180 32.04 7.28 -4.77
C GLU D 180 30.85 8.00 -4.15
N ALA D 181 30.26 8.95 -4.90
CA ALA D 181 29.10 9.71 -4.43
C ALA D 181 27.87 8.80 -4.23
N VAL D 182 27.67 7.84 -5.12
CA VAL D 182 26.62 6.86 -4.95
C VAL D 182 26.87 5.91 -3.77
N LEU D 183 28.09 5.48 -3.53
CA LEU D 183 28.35 4.64 -2.36
C LEU D 183 28.23 5.43 -1.07
N GLU D 184 28.63 6.69 -1.07
CA GLU D 184 28.39 7.57 0.08
C GLU D 184 26.88 7.73 0.39
N LEU D 185 26.10 7.92 -0.68
CA LEU D 185 24.68 8.11 -0.58
C LEU D 185 24.09 6.83 0.02
N LEU D 186 24.47 5.69 -0.49
CA LEU D 186 24.01 4.43 0.13
C LEU D 186 24.37 4.32 1.65
N ASP D 187 25.61 4.60 1.99
CA ASP D 187 26.09 4.57 3.39
C ASP D 187 25.23 5.46 4.31
N TYR D 188 24.83 6.62 3.79
CA TYR D 188 24.08 7.58 4.55
C TYR D 188 22.66 7.06 4.77
N HIS D 189 22.01 6.56 3.72
CA HIS D 189 20.70 5.90 3.88
C HIS D 189 20.85 4.71 4.90
N PHE D 190 21.85 3.87 4.75
CA PHE D 190 22.08 2.80 5.79
C PHE D 190 22.23 3.33 7.25
N ALA D 191 22.88 4.48 7.41
CA ALA D 191 23.01 5.06 8.74
C ALA D 191 21.76 5.82 9.20
N THR D 192 20.78 6.05 8.32
CA THR D 192 19.62 6.84 8.66
C THR D 192 18.28 6.12 8.36
N SER D 193 17.69 6.41 7.21
CA SER D 193 16.32 6.01 6.95
C SER D 193 16.14 4.59 6.37
N CYS D 194 17.23 3.93 5.99
CA CYS D 194 17.17 2.58 5.45
C CYS D 194 18.09 1.57 6.17
N PRO D 195 17.74 1.21 7.41
CA PRO D 195 18.65 0.29 8.11
C PRO D 195 18.94 -0.96 7.28
N PRO D 196 20.23 -1.30 7.11
CA PRO D 196 20.60 -2.39 6.22
C PRO D 196 20.13 -3.77 6.68
N GLU D 197 20.00 -3.96 7.98
CA GLU D 197 19.42 -5.21 8.48
C GLU D 197 17.91 -5.37 8.10
N GLN D 198 17.28 -4.30 7.59
CA GLN D 198 15.93 -4.38 7.06
C GLN D 198 15.84 -4.54 5.53
N VAL D 199 16.97 -4.72 4.85
CA VAL D 199 17.01 -4.82 3.40
C VAL D 199 17.20 -6.25 2.98
N ALA D 200 16.23 -6.81 2.28
CA ALA D 200 16.32 -8.21 1.80
C ALA D 200 17.39 -8.39 0.75
N ALA D 201 17.43 -7.46 -0.20
CA ALA D 201 18.24 -7.66 -1.37
C ALA D 201 18.52 -6.38 -2.12
N VAL D 202 19.64 -6.41 -2.85
CA VAL D 202 19.96 -5.38 -3.82
C VAL D 202 19.87 -6.03 -5.20
N PHE D 203 19.13 -5.37 -6.09
CA PHE D 203 19.05 -5.80 -7.48
C PHE D 203 19.98 -4.98 -8.37
N ILE D 204 20.83 -5.69 -9.09
CA ILE D 204 21.84 -5.12 -10.00
C ILE D 204 21.70 -5.61 -11.44
N GLU D 205 21.47 -4.69 -12.38
CA GLU D 205 21.79 -4.94 -13.80
C GLU D 205 23.28 -4.61 -14.02
N PRO D 206 24.11 -5.57 -14.49
CA PRO D 206 25.55 -5.34 -14.68
C PRO D 206 25.87 -4.41 -15.83
N ILE D 207 24.91 -4.19 -16.72
CA ILE D 207 24.88 -3.06 -17.64
C ILE D 207 23.45 -2.55 -17.56
N LEU D 208 23.28 -1.26 -17.44
CA LEU D 208 21.97 -0.71 -17.28
C LEU D 208 21.37 -0.70 -18.70
N SER D 209 20.36 -1.54 -18.90
CA SER D 209 19.79 -1.85 -20.20
C SER D 209 18.94 -0.72 -20.79
N ASP D 210 17.67 -0.68 -20.42
CA ASP D 210 16.80 0.33 -20.97
C ASP D 210 17.15 1.72 -20.47
N GLY D 211 17.97 1.79 -19.41
CA GLY D 211 18.54 3.06 -18.93
C GLY D 211 19.48 3.74 -19.91
N GLY D 212 19.96 3.00 -20.90
CA GLY D 212 20.84 3.57 -21.92
C GLY D 212 22.12 2.80 -22.24
N LEU D 213 22.10 1.49 -21.99
CA LEU D 213 23.28 0.66 -22.16
C LEU D 213 24.50 1.28 -21.47
N VAL D 214 24.34 1.53 -20.17
CA VAL D 214 25.39 2.09 -19.36
C VAL D 214 26.24 1.02 -18.66
N VAL D 215 27.52 0.95 -19.02
CA VAL D 215 28.47 0.08 -18.33
C VAL D 215 28.97 0.91 -17.13
N PRO D 216 28.87 0.34 -15.93
CA PRO D 216 29.25 1.11 -14.75
C PRO D 216 30.76 1.38 -14.71
N PRO D 217 31.22 2.38 -13.92
CA PRO D 217 32.68 2.58 -13.76
C PRO D 217 33.32 1.37 -13.09
N PRO D 218 34.58 1.07 -13.39
CA PRO D 218 35.18 -0.15 -12.81
C PRO D 218 35.14 -0.18 -11.29
N ALA D 219 34.90 -1.36 -10.74
CA ALA D 219 34.90 -1.64 -9.30
C ALA D 219 33.68 -1.08 -8.51
N PHE D 220 32.80 -0.32 -9.15
CA PHE D 220 31.65 0.20 -8.42
C PHE D 220 30.73 -0.92 -7.91
N LEU D 221 30.33 -1.82 -8.83
CA LEU D 221 29.36 -2.87 -8.46
C LEU D 221 29.97 -3.80 -7.41
N GLU D 222 31.28 -4.05 -7.43
CA GLU D 222 31.87 -4.97 -6.44
C GLU D 222 31.90 -4.28 -5.06
N ALA D 223 32.18 -2.98 -5.05
CA ALA D 223 32.15 -2.23 -3.80
C ALA D 223 30.69 -2.18 -3.26
N LEU D 224 29.71 -2.05 -4.16
CA LEU D 224 28.30 -2.10 -3.79
C LEU D 224 27.91 -3.44 -3.16
N GLN D 225 28.31 -4.51 -3.81
CA GLN D 225 28.10 -5.87 -3.29
C GLN D 225 28.66 -6.01 -1.87
N ASP D 226 29.91 -5.63 -1.70
CA ASP D 226 30.55 -5.79 -0.39
C ASP D 226 29.88 -4.92 0.70
N ARG D 227 29.44 -3.70 0.38
CA ARG D 227 28.72 -2.89 1.37
C ARG D 227 27.43 -3.59 1.81
N CYS D 228 26.73 -4.20 0.87
CA CYS D 228 25.45 -4.87 1.20
C CYS D 228 25.70 -6.20 1.90
N ARG D 229 26.66 -6.97 1.40
CA ARG D 229 26.88 -8.32 1.94
C ARG D 229 27.32 -8.29 3.41
N LYS D 230 28.06 -7.25 3.79
CA LYS D 230 28.47 -7.03 5.19
C LYS D 230 27.29 -7.09 6.18
N HIS D 231 26.09 -6.70 5.71
CA HIS D 231 24.90 -6.68 6.55
C HIS D 231 23.94 -7.83 6.21
N GLY D 232 24.43 -8.88 5.55
CA GLY D 232 23.59 -9.99 5.08
C GLY D 232 22.53 -9.65 4.05
N ILE D 233 22.66 -8.51 3.34
CA ILE D 233 21.77 -8.22 2.22
C ILE D 233 22.13 -9.13 1.03
N LEU D 234 21.12 -9.75 0.41
CA LEU D 234 21.44 -10.70 -0.70
C LEU D 234 21.61 -9.93 -2.00
N VAL D 235 22.56 -10.39 -2.80
CA VAL D 235 22.97 -9.71 -4.01
C VAL D 235 22.34 -10.47 -5.21
N VAL D 236 21.47 -9.76 -5.91
CA VAL D 236 20.78 -10.29 -7.07
C VAL D 236 21.28 -9.60 -8.32
N VAL D 237 21.76 -10.40 -9.29
CA VAL D 237 22.11 -9.86 -10.59
C VAL D 237 21.06 -10.23 -11.62
N ASP D 238 20.56 -9.22 -12.33
CA ASP D 238 19.61 -9.44 -13.41
C ASP D 238 20.43 -9.62 -14.72
N GLU D 239 20.52 -10.87 -15.21
CA GLU D 239 21.24 -11.20 -16.46
C GLU D 239 20.28 -11.34 -17.65
N VAL D 240 19.08 -10.80 -17.51
CA VAL D 240 18.03 -11.01 -18.52
C VAL D 240 18.42 -10.43 -19.88
N LYS D 241 18.94 -9.23 -19.88
CA LYS D 241 19.22 -8.53 -21.15
C LYS D 241 20.58 -8.88 -21.70
N VAL D 242 21.62 -8.87 -20.87
CA VAL D 242 22.99 -9.00 -21.34
C VAL D 242 23.66 -10.32 -20.95
N GLY D 243 22.85 -11.31 -20.60
CA GLY D 243 23.41 -12.57 -20.16
C GLY D 243 23.72 -13.52 -21.29
N LEU D 244 24.33 -14.65 -20.91
CA LEU D 244 24.50 -15.82 -21.73
C LEU D 244 25.40 -15.61 -22.97
N GLY D 245 26.61 -15.12 -22.71
CA GLY D 245 27.66 -15.00 -23.72
C GLY D 245 27.74 -13.66 -24.44
N ARG D 246 26.68 -12.86 -24.44
CA ARG D 246 26.62 -11.68 -25.34
C ARG D 246 27.79 -10.70 -25.14
N THR D 247 28.27 -10.57 -23.92
CA THR D 247 29.23 -9.55 -23.53
C THR D 247 30.64 -10.07 -23.58
N GLY D 248 30.85 -11.30 -24.05
CA GLY D 248 32.19 -11.84 -24.13
C GLY D 248 32.55 -12.81 -23.04
N LEU D 249 31.69 -12.90 -22.03
CA LEU D 249 31.88 -13.90 -20.99
C LEU D 249 30.48 -14.47 -20.80
N MET D 250 30.38 -15.67 -20.24
CA MET D 250 29.07 -16.30 -20.11
C MET D 250 28.09 -15.37 -19.44
N HIS D 251 28.50 -14.78 -18.31
CA HIS D 251 27.65 -13.91 -17.51
C HIS D 251 28.26 -12.53 -17.44
N CYS D 252 27.49 -11.48 -17.73
CA CYS D 252 28.02 -10.15 -17.67
C CYS D 252 28.58 -9.79 -16.30
N PHE D 253 28.04 -10.36 -15.23
CA PHE D 253 28.58 -10.07 -13.89
C PHE D 253 30.06 -10.50 -13.70
N GLN D 254 30.54 -11.37 -14.58
CA GLN D 254 31.91 -11.84 -14.46
C GLN D 254 32.93 -10.78 -14.90
N HIS D 255 32.47 -9.77 -15.64
CA HIS D 255 33.27 -8.59 -15.93
C HIS D 255 33.46 -7.71 -14.69
N GLU D 256 32.64 -7.87 -13.66
CA GLU D 256 32.57 -6.89 -12.57
C GLU D 256 32.91 -7.47 -11.19
N GLY D 257 33.49 -8.67 -11.18
CA GLY D 257 33.99 -9.29 -9.97
C GLY D 257 32.92 -9.57 -8.94
N LEU D 258 31.71 -9.89 -9.41
CA LEU D 258 30.57 -10.16 -8.52
C LEU D 258 30.47 -11.65 -8.27
N GLU D 259 29.95 -11.99 -7.11
CA GLU D 259 29.70 -13.37 -6.67
C GLU D 259 28.27 -13.31 -6.10
N PRO D 260 27.25 -13.33 -6.98
CA PRO D 260 25.89 -13.01 -6.52
C PRO D 260 25.25 -14.12 -5.72
N ASP D 261 24.24 -13.78 -4.93
CA ASP D 261 23.48 -14.81 -4.22
C ASP D 261 22.44 -15.43 -5.14
N MET D 262 21.99 -14.65 -6.12
CA MET D 262 20.85 -15.00 -6.95
C MET D 262 21.08 -14.43 -8.33
N VAL D 263 20.78 -15.22 -9.36
CA VAL D 263 20.87 -14.75 -10.74
C VAL D 263 19.55 -14.93 -11.46
N VAL D 264 19.09 -13.89 -12.15
CA VAL D 264 17.85 -13.91 -12.92
C VAL D 264 18.18 -13.93 -14.41
N PHE D 265 17.61 -14.92 -15.11
CA PHE D 265 17.82 -15.16 -16.54
C PHE D 265 16.49 -15.05 -17.30
N GLY D 266 16.60 -14.72 -18.57
CA GLY D 266 15.44 -14.54 -19.43
C GLY D 266 15.81 -14.27 -20.86
N LYS D 267 14.93 -13.57 -21.57
CA LYS D 267 15.07 -13.27 -23.00
C LYS D 267 15.78 -14.38 -23.80
N GLY D 268 17.06 -14.19 -24.06
CA GLY D 268 17.79 -15.08 -24.95
C GLY D 268 17.87 -16.54 -24.50
N LEU D 269 17.64 -16.78 -23.21
CA LEU D 269 17.68 -18.17 -22.65
C LEU D 269 16.81 -19.11 -23.45
N GLY D 270 15.69 -18.57 -23.93
CA GLY D 270 14.69 -19.35 -24.64
C GLY D 270 14.82 -19.41 -26.17
N GLY D 271 15.77 -18.66 -26.72
CA GLY D 271 16.12 -18.73 -28.13
C GLY D 271 15.01 -18.27 -29.04
N GLY D 272 14.02 -17.55 -28.48
CA GLY D 272 12.81 -17.19 -29.20
C GLY D 272 11.54 -17.77 -28.58
N LEU D 273 11.68 -18.77 -27.72
CA LEU D 273 10.53 -19.24 -26.93
C LEU D 273 10.50 -18.59 -25.54
N PRO D 274 9.32 -18.53 -24.87
CA PRO D 274 9.31 -17.87 -23.57
C PRO D 274 9.97 -18.72 -22.52
N LEU D 275 11.04 -18.21 -21.91
CA LEU D 275 11.73 -18.95 -20.85
C LEU D 275 12.48 -17.98 -19.94
N SER D 276 12.22 -18.06 -18.63
CA SER D 276 13.01 -17.36 -17.62
C SER D 276 13.49 -18.35 -16.54
N ALA D 277 14.45 -17.94 -15.74
CA ALA D 277 14.90 -18.76 -14.60
C ALA D 277 15.46 -17.86 -13.48
N VAL D 278 15.32 -18.35 -12.25
CA VAL D 278 15.96 -17.80 -11.09
C VAL D 278 16.78 -18.89 -10.42
N VAL D 279 18.05 -18.57 -10.23
CA VAL D 279 18.96 -19.48 -9.54
C VAL D 279 19.33 -18.84 -8.23
N GLY D 280 19.12 -19.57 -7.15
CA GLY D 280 19.39 -19.02 -5.82
C GLY D 280 19.75 -20.09 -4.82
N PRO D 281 20.03 -19.66 -3.59
CA PRO D 281 20.42 -20.56 -2.55
C PRO D 281 19.21 -21.33 -2.10
N GLN D 282 19.45 -22.58 -1.69
CA GLN D 282 18.33 -23.42 -1.41
C GLN D 282 17.42 -22.96 -0.25
N TRP D 283 17.96 -22.30 0.76
CA TRP D 283 17.13 -21.86 1.89
C TRP D 283 16.15 -20.75 1.44
N VAL D 284 16.47 -20.01 0.38
CA VAL D 284 15.51 -19.09 -0.20
C VAL D 284 14.57 -19.81 -1.18
N MET D 285 15.15 -20.56 -2.12
CA MET D 285 14.37 -21.15 -3.20
C MET D 285 13.44 -22.27 -2.73
N ASP D 286 13.73 -22.85 -1.56
CA ASP D 286 12.85 -23.84 -0.96
C ASP D 286 12.03 -23.24 0.20
N HIS D 287 11.78 -21.93 0.17
CA HIS D 287 11.06 -21.25 1.22
C HIS D 287 9.76 -21.93 1.64
N ALA D 288 8.98 -22.37 0.67
CA ALA D 288 7.70 -23.02 0.93
C ALA D 288 7.19 -23.63 -0.37
N PRO D 289 6.48 -24.76 -0.28
CA PRO D 289 5.95 -25.33 -1.50
C PRO D 289 4.84 -24.44 -2.04
N ALA D 290 4.62 -24.51 -3.35
CA ALA D 290 3.50 -23.88 -4.02
C ALA D 290 3.51 -22.38 -3.83
N PHE D 291 4.67 -21.77 -3.75
CA PHE D 291 4.73 -20.34 -3.39
C PHE D 291 4.65 -19.43 -4.60
N VAL D 292 5.24 -19.90 -5.70
CA VAL D 292 5.20 -19.13 -6.96
C VAL D 292 4.94 -20.08 -8.11
N LEU D 293 3.65 -20.21 -8.44
CA LEU D 293 3.15 -21.19 -9.41
C LEU D 293 2.61 -20.51 -10.70
N GLN D 294 3.11 -21.00 -11.83
CA GLN D 294 2.51 -20.78 -13.12
C GLN D 294 2.45 -22.11 -13.82
N THR D 295 1.27 -22.45 -14.31
CA THR D 295 0.92 -23.83 -14.72
C THR D 295 1.87 -24.42 -15.75
N THR D 296 2.14 -23.66 -16.82
CA THR D 296 3.05 -24.18 -17.89
C THR D 296 4.51 -23.84 -17.73
N ALA D 297 4.91 -23.23 -16.62
CA ALA D 297 6.30 -22.97 -16.37
C ALA D 297 7.10 -24.25 -16.33
N GLY D 298 8.32 -24.21 -16.90
CA GLY D 298 9.15 -25.42 -16.97
C GLY D 298 8.61 -26.48 -17.93
N ASN D 299 7.74 -26.08 -18.86
CA ASN D 299 7.26 -27.02 -19.87
C ASN D 299 8.44 -27.55 -20.70
N PRO D 300 8.34 -28.80 -21.21
CA PRO D 300 9.48 -29.45 -21.90
C PRO D 300 9.85 -28.82 -23.26
N VAL D 301 8.94 -28.07 -23.88
CA VAL D 301 9.21 -27.39 -25.16
C VAL D 301 10.09 -26.17 -24.96
N ALA D 302 9.65 -25.22 -24.10
CA ALA D 302 10.47 -24.05 -23.77
C ALA D 302 11.82 -24.45 -23.14
N THR D 303 11.84 -25.44 -22.24
CA THR D 303 13.13 -25.79 -21.61
C THR D 303 14.11 -26.53 -22.55
N ALA D 304 13.58 -27.29 -23.51
CA ALA D 304 14.45 -27.95 -24.51
C ALA D 304 15.14 -26.90 -25.36
N ALA D 305 14.38 -25.91 -25.82
CA ALA D 305 14.95 -24.74 -26.48
C ALA D 305 16.09 -24.11 -25.70
N GLY D 306 15.89 -23.93 -24.40
CA GLY D 306 16.93 -23.38 -23.57
C GLY D 306 18.16 -24.24 -23.46
N ARG D 307 17.99 -25.56 -23.42
CA ARG D 307 19.16 -26.44 -23.37
C ARG D 307 19.96 -26.28 -24.66
N ALA D 308 19.23 -26.14 -25.76
CA ALA D 308 19.87 -26.04 -27.06
C ALA D 308 20.63 -24.71 -27.14
N VAL D 309 20.09 -23.63 -26.56
CA VAL D 309 20.80 -22.32 -26.54
C VAL D 309 22.12 -22.43 -25.78
N LEU D 310 22.05 -22.96 -24.57
CA LEU D 310 23.26 -23.14 -23.75
C LEU D 310 24.26 -24.04 -24.44
N ASN D 311 23.81 -25.15 -25.04
CA ASN D 311 24.72 -26.11 -25.65
C ASN D 311 25.44 -25.50 -26.85
N THR D 312 24.70 -24.76 -27.67
CA THR D 312 25.28 -24.06 -28.79
C THR D 312 26.30 -22.98 -28.37
N ILE D 313 25.97 -22.20 -27.34
CA ILE D 313 26.90 -21.20 -26.81
C ILE D 313 28.16 -21.82 -26.21
N GLU D 314 28.00 -22.93 -25.51
CA GLU D 314 29.16 -23.63 -25.01
C GLU D 314 29.99 -24.30 -26.14
N ARG D 315 29.37 -25.06 -27.03
CA ARG D 315 30.18 -25.79 -28.05
C ARG D 315 30.81 -24.85 -29.07
N GLN D 316 30.04 -23.92 -29.60
CA GLN D 316 30.56 -23.00 -30.56
C GLN D 316 31.33 -21.79 -29.98
N GLY D 317 31.65 -21.81 -28.68
CA GLY D 317 32.36 -20.69 -28.05
C GLY D 317 31.83 -19.29 -28.38
N LEU D 318 30.51 -19.10 -28.31
CA LEU D 318 29.91 -17.79 -28.68
C LEU D 318 30.19 -16.66 -27.69
N ALA D 319 30.67 -16.96 -26.47
CA ALA D 319 31.10 -15.89 -25.56
C ALA D 319 32.39 -15.25 -26.12
N GLN D 320 33.43 -16.06 -26.23
CA GLN D 320 34.67 -15.65 -26.92
C GLN D 320 34.35 -14.96 -28.26
N ARG D 321 33.53 -15.59 -29.10
CA ARG D 321 33.18 -15.03 -30.41
C ARG D 321 32.51 -13.65 -30.32
N SER D 322 31.61 -13.47 -29.35
CA SER D 322 30.91 -12.19 -29.20
C SER D 322 31.86 -11.03 -28.83
N GLU D 323 32.88 -11.33 -28.04
CA GLU D 323 33.94 -10.36 -27.78
C GLU D 323 34.64 -9.90 -29.07
N ARG D 324 35.14 -10.88 -29.85
CA ARG D 324 35.83 -10.61 -31.13
C ARG D 324 34.93 -9.82 -32.09
N VAL D 325 33.78 -10.42 -32.38
CA VAL D 325 32.83 -9.86 -33.33
C VAL D 325 32.27 -8.53 -32.84
N GLY D 326 31.97 -8.46 -31.55
CA GLY D 326 31.47 -7.22 -30.96
C GLY D 326 32.47 -6.10 -31.09
N GLY D 327 33.74 -6.41 -30.83
CA GLY D 327 34.81 -5.42 -30.95
C GLY D 327 34.81 -4.84 -32.36
N ILE D 328 34.76 -5.73 -33.34
CA ILE D 328 34.84 -5.27 -34.72
C ILE D 328 33.67 -4.37 -35.02
N PHE D 329 32.48 -4.76 -34.53
CA PHE D 329 31.25 -4.01 -34.78
C PHE D 329 31.30 -2.65 -34.08
N ALA D 330 31.79 -2.67 -32.84
CA ALA D 330 31.86 -1.43 -32.06
C ALA D 330 32.85 -0.43 -32.73
N ASP D 331 33.99 -0.96 -33.17
CA ASP D 331 34.98 -0.14 -33.90
C ASP D 331 34.39 0.52 -35.13
N ARG D 332 33.67 -0.27 -35.91
CA ARG D 332 33.09 0.25 -37.14
C ARG D 332 32.19 1.39 -36.80
N LEU D 333 31.32 1.19 -35.81
CA LEU D 333 30.45 2.25 -35.32
C LEU D 333 31.21 3.49 -34.78
N ARG D 334 32.27 3.27 -34.01
CA ARG D 334 33.11 4.38 -33.56
C ARG D 334 33.56 5.26 -34.71
N ARG D 335 34.18 4.61 -35.70
CA ARG D 335 34.71 5.29 -36.87
C ARG D 335 33.65 6.16 -37.54
N LEU D 336 32.38 5.73 -37.50
CA LEU D 336 31.33 6.59 -38.06
C LEU D 336 31.26 7.94 -37.37
N SER D 337 31.71 8.05 -36.13
CA SER D 337 31.65 9.37 -35.49
C SER D 337 32.52 10.37 -36.25
N ASP D 338 33.63 9.91 -36.86
CA ASP D 338 34.50 10.81 -37.63
C ASP D 338 33.70 11.53 -38.67
N LYS D 339 32.67 10.85 -39.17
CA LYS D 339 31.82 11.43 -40.18
C LYS D 339 30.60 12.09 -39.61
N HIS D 340 30.11 11.56 -38.49
CA HIS D 340 28.81 12.00 -37.95
C HIS D 340 28.94 12.44 -36.48
N SER D 341 28.94 13.74 -36.26
CA SER D 341 29.23 14.26 -34.93
C SER D 341 28.07 14.08 -33.93
N ILE D 342 26.87 13.73 -34.42
CA ILE D 342 25.78 13.28 -33.56
C ILE D 342 26.14 11.98 -32.78
N ILE D 343 27.12 11.21 -33.21
CA ILE D 343 27.54 10.03 -32.45
C ILE D 343 28.42 10.43 -31.28
N GLY D 344 27.78 10.51 -30.12
CA GLY D 344 28.44 11.01 -28.93
C GLY D 344 29.27 9.95 -28.26
N ASP D 345 28.84 8.70 -28.34
CA ASP D 345 29.51 7.63 -27.59
C ASP D 345 29.10 6.26 -28.17
N VAL D 346 29.99 5.30 -28.05
CA VAL D 346 29.73 3.96 -28.45
C VAL D 346 30.19 3.16 -27.25
N ARG D 347 29.30 2.38 -26.64
CA ARG D 347 29.61 1.73 -25.39
C ARG D 347 28.83 0.41 -25.31
N GLY D 348 29.28 -0.46 -24.43
CA GLY D 348 28.59 -1.70 -24.20
C GLY D 348 29.65 -2.70 -23.93
N ARG D 349 29.27 -3.98 -24.07
CA ARG D 349 30.25 -5.07 -24.06
C ARG D 349 29.85 -6.14 -25.06
N GLY D 350 30.85 -6.70 -25.76
CA GLY D 350 30.62 -7.70 -26.80
C GLY D 350 29.53 -7.24 -27.77
N LEU D 351 28.46 -8.04 -27.82
CA LEU D 351 27.34 -7.74 -28.75
C LEU D 351 26.12 -7.04 -28.09
N ALA D 352 26.39 -6.37 -26.97
CA ALA D 352 25.45 -5.47 -26.35
C ALA D 352 26.07 -4.11 -26.56
N ILE D 353 25.52 -3.31 -27.47
CA ILE D 353 26.19 -2.13 -27.90
C ILE D 353 25.18 -1.05 -28.01
N GLY D 354 25.51 0.14 -27.51
CA GLY D 354 24.65 1.31 -27.58
C GLY D 354 25.41 2.44 -28.24
N VAL D 355 24.70 3.25 -29.02
CA VAL D 355 25.29 4.39 -29.68
C VAL D 355 24.51 5.62 -29.25
N ASP D 356 25.13 6.40 -28.36
CA ASP D 356 24.49 7.59 -27.75
C ASP D 356 24.47 8.75 -28.74
N LEU D 357 23.28 9.21 -29.10
CA LEU D 357 23.16 10.35 -30.02
C LEU D 357 22.96 11.66 -29.29
N VAL D 358 23.72 12.69 -29.67
CA VAL D 358 23.76 13.96 -28.95
C VAL D 358 23.61 15.12 -29.91
N SER D 359 22.97 16.18 -29.45
CA SER D 359 22.83 17.41 -30.26
C SER D 359 23.94 18.43 -29.99
N ASP D 360 24.79 18.13 -29.01
CA ASP D 360 25.85 19.02 -28.57
C ASP D 360 26.92 18.18 -27.85
N ARG D 361 28.13 18.23 -28.39
CA ARG D 361 29.20 17.32 -27.97
C ARG D 361 29.80 17.77 -26.64
N GLY D 362 29.63 19.06 -26.34
CA GLY D 362 30.07 19.62 -25.08
C GLY D 362 29.13 19.36 -23.92
N SER D 363 27.84 19.64 -24.09
CA SER D 363 26.87 19.37 -23.01
C SER D 363 26.41 17.92 -22.95
N ARG D 364 26.56 17.19 -24.08
CA ARG D 364 26.04 15.84 -24.27
C ARG D 364 24.52 15.78 -24.14
N GLU D 365 23.90 16.90 -24.45
CA GLU D 365 22.47 16.91 -24.53
C GLU D 365 22.02 15.91 -25.58
N PRO D 366 21.01 15.12 -25.23
CA PRO D 366 20.47 14.07 -26.10
C PRO D 366 19.97 14.65 -27.42
N ALA D 367 20.19 13.94 -28.51
CA ALA D 367 19.55 14.27 -29.78
C ALA D 367 18.02 14.21 -29.61
N PRO D 368 17.28 15.00 -30.43
CA PRO D 368 15.82 14.95 -30.33
C PRO D 368 15.29 13.56 -30.73
N VAL D 369 14.22 13.11 -30.06
CA VAL D 369 13.66 11.76 -30.30
C VAL D 369 13.24 11.59 -31.77
N THR D 370 12.78 12.68 -32.38
CA THR D 370 12.38 12.66 -33.77
C THR D 370 13.50 12.17 -34.67
N THR D 371 14.65 12.81 -34.55
CA THR D 371 15.84 12.43 -35.27
C THR D 371 16.22 10.96 -35.03
N THR D 372 16.24 10.54 -33.78
CA THR D 372 16.55 9.15 -33.45
C THR D 372 15.52 8.18 -34.11
N ALA D 373 14.25 8.52 -34.01
CA ALA D 373 13.17 7.67 -34.57
C ALA D 373 13.29 7.63 -36.10
N LYS D 374 13.66 8.77 -36.71
CA LYS D 374 13.93 8.84 -38.15
C LYS D 374 15.10 8.00 -38.59
N ILE D 375 16.13 7.94 -37.77
CA ILE D 375 17.26 7.06 -38.08
C ILE D 375 16.81 5.59 -38.12
N ILE D 376 15.93 5.19 -37.20
CA ILE D 376 15.45 3.78 -37.14
C ILE D 376 14.60 3.46 -38.37
N TYR D 377 13.73 4.39 -38.72
CA TYR D 377 12.91 4.29 -39.93
C TYR D 377 13.72 4.14 -41.20
N ARG D 378 14.73 4.98 -41.37
CA ARG D 378 15.63 4.90 -42.52
C ARG D 378 16.42 3.61 -42.59
N GLY D 379 17.00 3.17 -41.47
CA GLY D 379 17.65 1.83 -41.41
C GLY D 379 16.71 0.69 -41.84
N TYR D 380 15.46 0.76 -41.40
CA TYR D 380 14.42 -0.18 -41.85
C TYR D 380 14.26 -0.12 -43.41
N GLN D 381 14.14 1.08 -43.98
CA GLN D 381 14.07 1.24 -45.44
C GLN D 381 15.32 0.67 -46.14
N LEU D 382 16.49 0.74 -45.50
CA LEU D 382 17.71 0.22 -46.09
C LEU D 382 17.98 -1.22 -45.69
N GLY D 383 17.06 -1.85 -44.96
CA GLY D 383 17.23 -3.29 -44.64
C GLY D 383 17.92 -3.67 -43.35
N ALA D 384 17.82 -2.83 -42.33
CA ALA D 384 18.24 -3.23 -40.98
C ALA D 384 17.19 -2.86 -39.91
N ALA D 385 16.92 -3.81 -39.01
CA ALA D 385 15.97 -3.58 -37.90
C ALA D 385 16.75 -3.35 -36.61
N PHE D 386 16.54 -2.18 -36.03
CA PHE D 386 17.08 -1.82 -34.70
C PHE D 386 16.15 -0.88 -33.97
N THR D 387 16.48 -0.54 -32.73
CA THR D 387 15.61 0.25 -31.88
C THR D 387 16.45 1.30 -31.17
N TYR D 388 15.81 2.05 -30.27
CA TYR D 388 16.52 2.88 -29.32
C TYR D 388 16.00 2.72 -27.89
N VAL D 389 16.86 3.08 -26.95
CA VAL D 389 16.58 2.99 -25.53
C VAL D 389 17.10 4.27 -24.84
N GLY D 390 17.08 4.26 -23.51
CA GLY D 390 17.76 5.25 -22.74
C GLY D 390 16.80 6.15 -22.04
N LEU D 391 17.26 6.74 -20.96
CA LEU D 391 16.43 7.65 -20.19
C LEU D 391 16.10 8.91 -20.98
N ASN D 392 16.92 9.27 -21.96
CA ASN D 392 16.56 10.40 -22.83
C ASN D 392 16.15 9.98 -24.23
N ALA D 393 16.02 8.66 -24.47
CA ALA D 393 15.39 8.17 -25.70
C ALA D 393 16.26 8.47 -26.96
N ASN D 394 17.56 8.20 -26.84
CA ASN D 394 18.56 8.66 -27.81
C ASN D 394 19.72 7.71 -27.97
N VAL D 395 19.67 6.54 -27.35
CA VAL D 395 20.72 5.57 -27.51
C VAL D 395 20.21 4.53 -28.51
N LEU D 396 20.88 4.37 -29.65
CA LEU D 396 20.53 3.35 -30.61
C LEU D 396 21.04 2.05 -30.01
N GLU D 397 20.20 1.01 -30.06
CA GLU D 397 20.53 -0.28 -29.48
C GLU D 397 20.76 -1.34 -30.54
N PHE D 398 21.81 -2.12 -30.32
CA PHE D 398 22.22 -3.21 -31.16
C PHE D 398 22.43 -4.39 -30.26
N MET D 399 21.51 -5.34 -30.42
CA MET D 399 21.49 -6.59 -29.67
C MET D 399 21.27 -7.67 -30.70
N PRO D 400 22.18 -7.78 -31.66
CA PRO D 400 21.94 -8.75 -32.74
C PRO D 400 22.13 -10.20 -32.26
N PRO D 401 21.61 -11.16 -33.02
CA PRO D 401 21.92 -12.56 -32.69
C PRO D 401 23.40 -12.79 -32.51
N LEU D 402 23.78 -13.66 -31.59
CA LEU D 402 25.18 -13.98 -31.38
C LEU D 402 25.83 -14.64 -32.61
N THR D 403 24.99 -15.09 -33.53
CA THR D 403 25.40 -15.71 -34.80
C THR D 403 25.62 -14.66 -35.90
N LEU D 404 25.66 -13.38 -35.53
CA LEU D 404 25.99 -12.33 -36.51
C LEU D 404 27.35 -12.59 -37.21
N THR D 405 27.38 -12.37 -38.52
CA THR D 405 28.53 -12.73 -39.38
C THR D 405 29.22 -11.45 -39.80
N GLU D 406 30.50 -11.59 -40.08
CA GLU D 406 31.32 -10.43 -40.37
C GLU D 406 30.79 -9.63 -41.57
N PRO D 407 30.27 -10.30 -42.59
CA PRO D 407 29.67 -9.54 -43.68
C PRO D 407 28.43 -8.75 -43.23
N GLU D 408 27.66 -9.32 -42.31
CA GLU D 408 26.52 -8.58 -41.75
C GLU D 408 26.96 -7.36 -40.94
N ILE D 409 28.08 -7.48 -40.24
CA ILE D 409 28.67 -6.31 -39.57
C ILE D 409 28.94 -5.18 -40.57
N ASP D 410 29.63 -5.49 -41.68
CA ASP D 410 29.88 -4.48 -42.74
C ASP D 410 28.58 -3.89 -43.28
N GLU D 411 27.57 -4.73 -43.48
CA GLU D 411 26.28 -4.28 -43.99
C GLU D 411 25.56 -3.39 -42.94
N ALA D 412 25.71 -3.76 -41.67
CA ALA D 412 25.04 -3.04 -40.57
C ALA D 412 25.61 -1.62 -40.45
N ALA D 413 26.94 -1.57 -40.42
CA ALA D 413 27.67 -0.31 -40.29
C ALA D 413 27.37 0.61 -41.44
N ASP D 414 27.30 0.09 -42.66
CA ASP D 414 26.99 0.92 -43.82
C ASP D 414 25.59 1.45 -43.80
N ILE D 415 24.66 0.65 -43.28
CA ILE D 415 23.28 1.05 -43.26
C ILE D 415 23.08 2.16 -42.22
N VAL D 416 23.66 1.95 -41.04
CA VAL D 416 23.55 2.96 -39.98
C VAL D 416 24.18 4.27 -40.45
N ASP D 417 25.37 4.13 -41.04
CA ASP D 417 26.10 5.26 -41.64
C ASP D 417 25.18 6.07 -42.58
N GLN D 418 24.50 5.37 -43.48
CA GLN D 418 23.68 6.06 -44.48
C GLN D 418 22.41 6.58 -43.84
N ALA D 419 21.88 5.82 -42.88
CA ALA D 419 20.66 6.23 -42.23
C ALA D 419 20.84 7.60 -41.57
N ILE D 420 21.96 7.74 -40.88
CA ILE D 420 22.26 8.98 -40.18
C ILE D 420 22.40 10.16 -41.17
N GLY D 421 23.17 9.95 -42.23
CA GLY D 421 23.46 10.99 -43.22
C GLY D 421 22.20 11.44 -43.94
N ASP D 422 21.41 10.46 -44.41
CA ASP D 422 20.16 10.77 -45.10
C ASP D 422 19.20 11.50 -44.17
N VAL D 423 19.17 11.09 -42.90
CA VAL D 423 18.24 11.74 -41.97
C VAL D 423 18.72 13.17 -41.70
N LEU D 424 20.04 13.37 -41.60
CA LEU D 424 20.60 14.71 -41.35
C LEU D 424 20.45 15.65 -42.56
N ASP D 425 20.28 15.09 -43.75
CA ASP D 425 19.90 15.85 -44.95
C ASP D 425 18.41 16.13 -45.08
N GLY D 426 17.59 15.59 -44.19
CA GLY D 426 16.14 15.77 -44.28
C GLY D 426 15.42 14.82 -45.23
N LYS D 427 16.04 13.68 -45.58
CA LYS D 427 15.40 12.72 -46.49
C LYS D 427 14.22 11.91 -45.91
N VAL D 428 13.87 12.11 -44.63
CA VAL D 428 12.78 11.37 -43.97
C VAL D 428 11.74 12.35 -43.40
N ALA D 429 10.47 12.17 -43.75
CA ALA D 429 9.39 13.06 -43.29
C ALA D 429 8.92 12.72 -41.87
N ASP D 430 8.43 13.75 -41.17
CA ASP D 430 7.89 13.58 -39.82
C ASP D 430 6.73 12.62 -39.82
N SER D 431 5.92 12.72 -40.85
CA SER D 431 4.76 11.89 -41.06
C SER D 431 5.12 10.40 -41.08
N ASP D 432 6.32 10.07 -41.52
CA ASP D 432 6.76 8.68 -41.53
C ASP D 432 6.99 8.10 -40.12
N VAL D 433 7.23 8.97 -39.14
CA VAL D 433 7.53 8.51 -37.76
C VAL D 433 6.51 8.92 -36.70
N ALA D 434 5.59 9.82 -37.03
CA ALA D 434 4.56 10.30 -36.10
C ALA D 434 3.81 9.17 -35.42
N HIS D 435 3.56 8.11 -36.18
CA HIS D 435 2.78 6.97 -35.73
C HIS D 435 3.51 6.18 -34.66
N PHE D 436 4.84 6.19 -34.68
CA PHE D 436 5.64 5.38 -33.74
C PHE D 436 6.11 6.16 -32.52
N MET D 437 5.52 7.34 -32.30
CA MET D 437 5.85 8.20 -31.14
C MET D 437 4.67 8.28 -30.16
N1 PLP E . 6.87 18.59 13.05
C2 PLP E . 7.99 19.11 13.65
C2A PLP E . 9.01 19.92 12.88
C3 PLP E . 8.21 18.87 15.11
O3 PLP E . 9.29 19.34 15.78
C4 PLP E . 7.20 18.09 15.85
C4A PLP E . 7.34 17.82 17.30
C5 PLP E . 6.03 17.56 15.09
C6 PLP E . 5.94 17.85 13.72
C5A PLP E . 4.99 16.73 15.87
O4P PLP E . 4.26 17.46 16.88
P PLP E . 3.44 16.66 18.01
O1P PLP E . 4.57 15.97 18.78
O2P PLP E . 2.59 15.61 17.31
O3P PLP E . 2.68 17.71 18.74
N1 PLP F . -7.14 -18.26 -13.67
C2 PLP F . -7.80 -19.44 -13.56
C2A PLP F . -9.29 -19.50 -13.50
C3 PLP F . -7.04 -20.70 -13.47
O3 PLP F . -7.71 -21.86 -13.37
C4 PLP F . -5.55 -20.66 -13.53
C4A PLP F . -4.73 -21.92 -13.48
C5 PLP F . -4.95 -19.30 -13.65
C6 PLP F . -5.79 -18.18 -13.72
C5A PLP F . -3.44 -19.11 -13.70
O4P PLP F . -2.78 -19.55 -14.90
P PLP F . -1.24 -19.84 -14.75
O1P PLP F . -0.61 -18.56 -14.18
O2P PLP F . -1.10 -21.03 -13.77
O3P PLP F . -0.78 -20.21 -16.16
N1 PLP G . -14.50 6.63 17.64
C2 PLP G . -15.82 6.87 17.84
C2A PLP G . -16.80 5.78 18.17
C3 PLP G . -16.37 8.24 17.69
O3 PLP G . -17.68 8.46 17.89
C4 PLP G . -15.47 9.37 17.40
C4A PLP G . -16.00 10.76 17.28
C5 PLP G . -14.01 8.99 17.22
C6 PLP G . -13.63 7.64 17.35
C5A PLP G . -13.00 10.06 16.85
O4P PLP G . -12.95 11.18 17.74
P PLP G . -12.35 12.58 17.27
O1P PLP G . -12.02 13.23 18.57
O2P PLP G . -13.44 13.30 16.49
O3P PLP G . -11.10 12.24 16.46
C1 EDO H . -16.60 22.46 30.97
O1 EDO H . -17.85 22.64 31.66
C2 EDO H . -15.63 23.57 31.30
O2 EDO H . -16.20 24.83 30.85
N1 PLP I . 15.07 -7.40 -16.72
C2 PLP I . 15.90 -6.91 -17.68
C2A PLP I . 17.28 -6.43 -17.32
C3 PLP I . 15.43 -6.82 -19.10
O3 PLP I . 16.20 -6.31 -20.06
C4 PLP I . 14.04 -7.30 -19.43
C4A PLP I . 13.50 -7.25 -20.81
C5 PLP I . 13.23 -7.82 -18.29
C6 PLP I . 13.81 -7.83 -17.00
C5A PLP I . 11.83 -8.33 -18.53
O4P PLP I . 11.75 -9.41 -19.45
P PLP I . 10.38 -9.62 -20.21
O1P PLP I . 9.28 -9.65 -19.15
O2P PLP I . 10.21 -8.39 -21.11
O3P PLP I . 10.61 -10.89 -20.93
#